data_5LJL
# 
_entry.id   5LJL 
# 
_audit_conform.dict_name       mmcif_pdbx.dic 
_audit_conform.dict_version    5.383 
_audit_conform.dict_location   http://mmcif.pdb.org/dictionaries/ascii/mmcif_pdbx.dic 
# 
loop_
_database_2.database_id 
_database_2.database_code 
_database_2.pdbx_database_accession 
_database_2.pdbx_DOI 
PDB   5LJL         pdb_00005ljl 10.2210/pdb5ljl/pdb 
WWPDB D_1200000839 ?            ?                   
# 
loop_
_pdbx_audit_revision_history.ordinal 
_pdbx_audit_revision_history.data_content_type 
_pdbx_audit_revision_history.major_revision 
_pdbx_audit_revision_history.minor_revision 
_pdbx_audit_revision_history.revision_date 
1 'Structure model' 1 0 2016-08-31 
2 'Structure model' 1 1 2016-09-28 
3 'Structure model' 1 2 2024-01-10 
# 
_pdbx_audit_revision_details.ordinal             1 
_pdbx_audit_revision_details.revision_ordinal    1 
_pdbx_audit_revision_details.data_content_type   'Structure model' 
_pdbx_audit_revision_details.provider            repository 
_pdbx_audit_revision_details.type                'Initial release' 
_pdbx_audit_revision_details.description         ? 
_pdbx_audit_revision_details.details             ? 
# 
loop_
_pdbx_audit_revision_group.ordinal 
_pdbx_audit_revision_group.revision_ordinal 
_pdbx_audit_revision_group.data_content_type 
_pdbx_audit_revision_group.group 
1 2 'Structure model' 'Database references'    
2 3 'Structure model' 'Data collection'        
3 3 'Structure model' 'Database references'    
4 3 'Structure model' 'Refinement description' 
# 
loop_
_pdbx_audit_revision_category.ordinal 
_pdbx_audit_revision_category.revision_ordinal 
_pdbx_audit_revision_category.data_content_type 
_pdbx_audit_revision_category.category 
1 3 'Structure model' chem_comp_atom                
2 3 'Structure model' chem_comp_bond                
3 3 'Structure model' database_2                    
4 3 'Structure model' pdbx_initial_refinement_model 
# 
loop_
_pdbx_audit_revision_item.ordinal 
_pdbx_audit_revision_item.revision_ordinal 
_pdbx_audit_revision_item.data_content_type 
_pdbx_audit_revision_item.item 
1 3 'Structure model' '_database_2.pdbx_DOI'                
2 3 'Structure model' '_database_2.pdbx_database_accession' 
# 
_pdbx_database_status.status_code                     REL 
_pdbx_database_status.status_code_sf                  REL 
_pdbx_database_status.status_code_mr                  ? 
_pdbx_database_status.entry_id                        5LJL 
_pdbx_database_status.recvd_initial_deposition_date   2016-07-18 
_pdbx_database_status.SG_entry                        N 
_pdbx_database_status.deposit_site                    PDBE 
_pdbx_database_status.process_site                    PDBE 
_pdbx_database_status.status_code_cs                  ? 
_pdbx_database_status.methods_development_category    ? 
_pdbx_database_status.pdb_format_compatible           Y 
_pdbx_database_status.status_code_nmr_data            ? 
# 
_pdbx_database_related.db_name        PDB 
_pdbx_database_related.details        'The same protein with FMN' 
_pdbx_database_related.db_id          5Lji 
_pdbx_database_related.content_type   unspecified 
# 
loop_
_audit_author.name 
_audit_author.pdbx_ordinal 
'Rodriguez-Cardenas, A.' 1 
'Rojas, A.L.'            2 
'Velazquez-Campoy, A.'   3 
'Hurtado-Guerrero, R.'   4 
'Sancho, J.'             5 
# 
_citation.abstract                  ? 
_citation.abstract_id_CAS           ? 
_citation.book_id_ISBN              ? 
_citation.book_publisher            ? 
_citation.book_publisher_city       ? 
_citation.book_title                ? 
_citation.coordinate_linkage        ? 
_citation.country                   US 
_citation.database_id_Medline       ? 
_citation.details                   ? 
_citation.id                        primary 
_citation.journal_abbrev            'Plos One' 
_citation.journal_id_ASTM           ? 
_citation.journal_id_CSD            ? 
_citation.journal_id_ISSN           1932-6203 
_citation.journal_full              ? 
_citation.journal_issue             ? 
_citation.journal_volume            11 
_citation.language                  ? 
_citation.page_first                e0161020 
_citation.page_last                 e0161020 
_citation.title                     
'Streptococcus pneumoniae TIGR4 Flavodoxin: Structural and Biophysical Characterization of a Novel Drug Target.' 
_citation.year                      2016 
_citation.database_id_CSD           ? 
_citation.pdbx_database_id_DOI      10.1371/journal.pone.0161020 
_citation.pdbx_database_id_PubMed   27649488 
_citation.unpublished_flag          ? 
# 
loop_
_citation_author.citation_id 
_citation_author.name 
_citation_author.ordinal 
_citation_author.identifier_ORCID 
primary 'Rodriguez-Cardenas, A.' 1 ? 
primary 'Rojas, A.L.'            2 ? 
primary 'Conde-Gimenez, M.'      3 ? 
primary 'Velazquez-Campoy, A.'   4 ? 
primary 'Hurtado-Guerrero, R.'   5 ? 
primary 'Sancho, J.'             6 ? 
# 
loop_
_entity.id 
_entity.type 
_entity.src_method 
_entity.pdbx_description 
_entity.formula_weight 
_entity.pdbx_number_of_molecules 
_entity.pdbx_ec 
_entity.pdbx_mutation 
_entity.pdbx_fragment 
_entity.details 
1 polymer     man Flavodoxin      16162.738 1  ? ? ? ? 
2 non-polymer syn 'PHOSPHATE ION' 94.971    1  ? ? ? ? 
3 water       nat water           18.015    89 ? ? ? ? 
# 
_entity_poly.entity_id                      1 
_entity_poly.type                           'polypeptide(L)' 
_entity_poly.nstd_linkage                   no 
_entity_poly.nstd_monomer                   no 
_entity_poly.pdbx_seq_one_letter_code       
;GMALAKIVFASMTGNTEEIADIVADKLRDLGLDVDVDECTTVDASDFLEADIAIVATYTYGDGELPDEMMDFYEDLADLN
LNGKIYGVVGSGDTFYDEFCKAVDDFDRVFVSTGAEKGSECVKVDLSAEEEDIERLEQFAEELAAKVGA
;
_entity_poly.pdbx_seq_one_letter_code_can   
;GMALAKIVFASMTGNTEEIADIVADKLRDLGLDVDVDECTTVDASDFLEADIAIVATYTYGDGELPDEMMDFYEDLADLN
LNGKIYGVVGSGDTFYDEFCKAVDDFDRVFVSTGAEKGSECVKVDLSAEEEDIERLEQFAEELAAKVGA
;
_entity_poly.pdbx_strand_id                 A 
_entity_poly.pdbx_target_identifier         ? 
# 
loop_
_pdbx_entity_nonpoly.entity_id 
_pdbx_entity_nonpoly.name 
_pdbx_entity_nonpoly.comp_id 
2 'PHOSPHATE ION' PO4 
3 water           HOH 
# 
loop_
_entity_poly_seq.entity_id 
_entity_poly_seq.num 
_entity_poly_seq.mon_id 
_entity_poly_seq.hetero 
1 1   GLY n 
1 2   MET n 
1 3   ALA n 
1 4   LEU n 
1 5   ALA n 
1 6   LYS n 
1 7   ILE n 
1 8   VAL n 
1 9   PHE n 
1 10  ALA n 
1 11  SER n 
1 12  MET n 
1 13  THR n 
1 14  GLY n 
1 15  ASN n 
1 16  THR n 
1 17  GLU n 
1 18  GLU n 
1 19  ILE n 
1 20  ALA n 
1 21  ASP n 
1 22  ILE n 
1 23  VAL n 
1 24  ALA n 
1 25  ASP n 
1 26  LYS n 
1 27  LEU n 
1 28  ARG n 
1 29  ASP n 
1 30  LEU n 
1 31  GLY n 
1 32  LEU n 
1 33  ASP n 
1 34  VAL n 
1 35  ASP n 
1 36  VAL n 
1 37  ASP n 
1 38  GLU n 
1 39  CYS n 
1 40  THR n 
1 41  THR n 
1 42  VAL n 
1 43  ASP n 
1 44  ALA n 
1 45  SER n 
1 46  ASP n 
1 47  PHE n 
1 48  LEU n 
1 49  GLU n 
1 50  ALA n 
1 51  ASP n 
1 52  ILE n 
1 53  ALA n 
1 54  ILE n 
1 55  VAL n 
1 56  ALA n 
1 57  THR n 
1 58  TYR n 
1 59  THR n 
1 60  TYR n 
1 61  GLY n 
1 62  ASP n 
1 63  GLY n 
1 64  GLU n 
1 65  LEU n 
1 66  PRO n 
1 67  ASP n 
1 68  GLU n 
1 69  MET n 
1 70  MET n 
1 71  ASP n 
1 72  PHE n 
1 73  TYR n 
1 74  GLU n 
1 75  ASP n 
1 76  LEU n 
1 77  ALA n 
1 78  ASP n 
1 79  LEU n 
1 80  ASN n 
1 81  LEU n 
1 82  ASN n 
1 83  GLY n 
1 84  LYS n 
1 85  ILE n 
1 86  TYR n 
1 87  GLY n 
1 88  VAL n 
1 89  VAL n 
1 90  GLY n 
1 91  SER n 
1 92  GLY n 
1 93  ASP n 
1 94  THR n 
1 95  PHE n 
1 96  TYR n 
1 97  ASP n 
1 98  GLU n 
1 99  PHE n 
1 100 CYS n 
1 101 LYS n 
1 102 ALA n 
1 103 VAL n 
1 104 ASP n 
1 105 ASP n 
1 106 PHE n 
1 107 ASP n 
1 108 ARG n 
1 109 VAL n 
1 110 PHE n 
1 111 VAL n 
1 112 SER n 
1 113 THR n 
1 114 GLY n 
1 115 ALA n 
1 116 GLU n 
1 117 LYS n 
1 118 GLY n 
1 119 SER n 
1 120 GLU n 
1 121 CYS n 
1 122 VAL n 
1 123 LYS n 
1 124 VAL n 
1 125 ASP n 
1 126 LEU n 
1 127 SER n 
1 128 ALA n 
1 129 GLU n 
1 130 GLU n 
1 131 GLU n 
1 132 ASP n 
1 133 ILE n 
1 134 GLU n 
1 135 ARG n 
1 136 LEU n 
1 137 GLU n 
1 138 GLN n 
1 139 PHE n 
1 140 ALA n 
1 141 GLU n 
1 142 GLU n 
1 143 LEU n 
1 144 ALA n 
1 145 ALA n 
1 146 LYS n 
1 147 VAL n 
1 148 GLY n 
1 149 ALA n 
# 
_entity_src_gen.entity_id                          1 
_entity_src_gen.pdbx_src_id                        1 
_entity_src_gen.pdbx_alt_source_flag               sample 
_entity_src_gen.pdbx_seq_type                      'Biological sequence' 
_entity_src_gen.pdbx_beg_seq_num                   1 
_entity_src_gen.pdbx_end_seq_num                   149 
_entity_src_gen.gene_src_common_name               ? 
_entity_src_gen.gene_src_genus                     ? 
_entity_src_gen.pdbx_gene_src_gene                 'fld, SP_1297' 
_entity_src_gen.gene_src_species                   ? 
_entity_src_gen.gene_src_strain                    ? 
_entity_src_gen.gene_src_tissue                    ? 
_entity_src_gen.gene_src_tissue_fraction           ? 
_entity_src_gen.gene_src_details                   ? 
_entity_src_gen.pdbx_gene_src_fragment             ? 
_entity_src_gen.pdbx_gene_src_scientific_name      'Streptococcus pneumoniae serotype 4 (strain ATCC BAA-334 / TIGR4)' 
_entity_src_gen.pdbx_gene_src_ncbi_taxonomy_id     170187 
_entity_src_gen.pdbx_gene_src_variant              ? 
_entity_src_gen.pdbx_gene_src_cell_line            ? 
_entity_src_gen.pdbx_gene_src_atcc                 ? 
_entity_src_gen.pdbx_gene_src_organ                ? 
_entity_src_gen.pdbx_gene_src_organelle            ? 
_entity_src_gen.pdbx_gene_src_cell                 ? 
_entity_src_gen.pdbx_gene_src_cellular_location    ? 
_entity_src_gen.host_org_common_name               ? 
_entity_src_gen.pdbx_host_org_scientific_name      'Escherichia coli BL21(DE3)' 
_entity_src_gen.pdbx_host_org_ncbi_taxonomy_id     469008 
_entity_src_gen.host_org_genus                     ? 
_entity_src_gen.pdbx_host_org_gene                 ? 
_entity_src_gen.pdbx_host_org_organ                ? 
_entity_src_gen.host_org_species                   ? 
_entity_src_gen.pdbx_host_org_tissue               ? 
_entity_src_gen.pdbx_host_org_tissue_fraction      ? 
_entity_src_gen.pdbx_host_org_strain               ? 
_entity_src_gen.pdbx_host_org_variant              ? 
_entity_src_gen.pdbx_host_org_cell_line            ? 
_entity_src_gen.pdbx_host_org_atcc                 ? 
_entity_src_gen.pdbx_host_org_culture_collection   ? 
_entity_src_gen.pdbx_host_org_cell                 ? 
_entity_src_gen.pdbx_host_org_organelle            ? 
_entity_src_gen.pdbx_host_org_cellular_location    ? 
_entity_src_gen.pdbx_host_org_vector_type          ? 
_entity_src_gen.pdbx_host_org_vector               ? 
_entity_src_gen.host_org_details                   ? 
_entity_src_gen.expression_system_id               ? 
_entity_src_gen.plasmid_name                       ? 
_entity_src_gen.plasmid_details                    ? 
_entity_src_gen.pdbx_description                   ? 
# 
loop_
_chem_comp.id 
_chem_comp.type 
_chem_comp.mon_nstd_flag 
_chem_comp.name 
_chem_comp.pdbx_synonyms 
_chem_comp.formula 
_chem_comp.formula_weight 
ALA 'L-peptide linking' y ALANINE         ? 'C3 H7 N O2'     89.093  
ARG 'L-peptide linking' y ARGININE        ? 'C6 H15 N4 O2 1' 175.209 
ASN 'L-peptide linking' y ASPARAGINE      ? 'C4 H8 N2 O3'    132.118 
ASP 'L-peptide linking' y 'ASPARTIC ACID' ? 'C4 H7 N O4'     133.103 
CYS 'L-peptide linking' y CYSTEINE        ? 'C3 H7 N O2 S'   121.158 
GLN 'L-peptide linking' y GLUTAMINE       ? 'C5 H10 N2 O3'   146.144 
GLU 'L-peptide linking' y 'GLUTAMIC ACID' ? 'C5 H9 N O4'     147.129 
GLY 'peptide linking'   y GLYCINE         ? 'C2 H5 N O2'     75.067  
HOH non-polymer         . WATER           ? 'H2 O'           18.015  
ILE 'L-peptide linking' y ISOLEUCINE      ? 'C6 H13 N O2'    131.173 
LEU 'L-peptide linking' y LEUCINE         ? 'C6 H13 N O2'    131.173 
LYS 'L-peptide linking' y LYSINE          ? 'C6 H15 N2 O2 1' 147.195 
MET 'L-peptide linking' y METHIONINE      ? 'C5 H11 N O2 S'  149.211 
PHE 'L-peptide linking' y PHENYLALANINE   ? 'C9 H11 N O2'    165.189 
PO4 non-polymer         . 'PHOSPHATE ION' ? 'O4 P -3'        94.971  
PRO 'L-peptide linking' y PROLINE         ? 'C5 H9 N O2'     115.130 
SER 'L-peptide linking' y SERINE          ? 'C3 H7 N O3'     105.093 
THR 'L-peptide linking' y THREONINE       ? 'C4 H9 N O3'     119.119 
TYR 'L-peptide linking' y TYROSINE        ? 'C9 H11 N O3'    181.189 
VAL 'L-peptide linking' y VALINE          ? 'C5 H11 N O2'    117.146 
# 
loop_
_pdbx_poly_seq_scheme.asym_id 
_pdbx_poly_seq_scheme.entity_id 
_pdbx_poly_seq_scheme.seq_id 
_pdbx_poly_seq_scheme.mon_id 
_pdbx_poly_seq_scheme.ndb_seq_num 
_pdbx_poly_seq_scheme.pdb_seq_num 
_pdbx_poly_seq_scheme.auth_seq_num 
_pdbx_poly_seq_scheme.pdb_mon_id 
_pdbx_poly_seq_scheme.auth_mon_id 
_pdbx_poly_seq_scheme.pdb_strand_id 
_pdbx_poly_seq_scheme.pdb_ins_code 
_pdbx_poly_seq_scheme.hetero 
A 1 1   GLY 1   0   0   GLY GLY A . n 
A 1 2   MET 2   1   1   MET MET A . n 
A 1 3   ALA 3   2   2   ALA ALA A . n 
A 1 4   LEU 4   3   3   LEU LEU A . n 
A 1 5   ALA 5   4   4   ALA ALA A . n 
A 1 6   LYS 6   5   5   LYS LYS A . n 
A 1 7   ILE 7   6   6   ILE ILE A . n 
A 1 8   VAL 8   7   7   VAL VAL A . n 
A 1 9   PHE 9   8   8   PHE PHE A . n 
A 1 10  ALA 10  9   9   ALA ALA A . n 
A 1 11  SER 11  10  10  SER SER A . n 
A 1 12  MET 12  11  11  MET MET A . n 
A 1 13  THR 13  12  12  THR THR A . n 
A 1 14  GLY 14  13  13  GLY GLY A . n 
A 1 15  ASN 15  14  14  ASN ASN A . n 
A 1 16  THR 16  15  15  THR THR A . n 
A 1 17  GLU 17  16  16  GLU GLU A . n 
A 1 18  GLU 18  17  17  GLU GLU A . n 
A 1 19  ILE 19  18  18  ILE ILE A . n 
A 1 20  ALA 20  19  19  ALA ALA A . n 
A 1 21  ASP 21  20  20  ASP ASP A . n 
A 1 22  ILE 22  21  21  ILE ILE A . n 
A 1 23  VAL 23  22  22  VAL VAL A . n 
A 1 24  ALA 24  23  23  ALA ALA A . n 
A 1 25  ASP 25  24  24  ASP ASP A . n 
A 1 26  LYS 26  25  25  LYS LYS A . n 
A 1 27  LEU 27  26  26  LEU LEU A . n 
A 1 28  ARG 28  27  27  ARG ARG A . n 
A 1 29  ASP 29  28  28  ASP ASP A . n 
A 1 30  LEU 30  29  29  LEU LEU A . n 
A 1 31  GLY 31  30  30  GLY GLY A . n 
A 1 32  LEU 32  31  31  LEU LEU A . n 
A 1 33  ASP 33  32  32  ASP ASP A . n 
A 1 34  VAL 34  33  33  VAL VAL A . n 
A 1 35  ASP 35  34  34  ASP ASP A . n 
A 1 36  VAL 36  35  35  VAL VAL A . n 
A 1 37  ASP 37  36  36  ASP ASP A . n 
A 1 38  GLU 38  37  37  GLU GLU A . n 
A 1 39  CYS 39  38  38  CYS CYS A . n 
A 1 40  THR 40  39  39  THR THR A . n 
A 1 41  THR 41  40  40  THR THR A . n 
A 1 42  VAL 42  41  41  VAL VAL A . n 
A 1 43  ASP 43  42  42  ASP ASP A . n 
A 1 44  ALA 44  43  43  ALA ALA A . n 
A 1 45  SER 45  44  44  SER SER A . n 
A 1 46  ASP 46  45  45  ASP ASP A . n 
A 1 47  PHE 47  46  46  PHE PHE A . n 
A 1 48  LEU 48  47  47  LEU LEU A . n 
A 1 49  GLU 49  48  48  GLU GLU A . n 
A 1 50  ALA 50  49  49  ALA ALA A . n 
A 1 51  ASP 51  50  50  ASP ASP A . n 
A 1 52  ILE 52  51  51  ILE ILE A . n 
A 1 53  ALA 53  52  52  ALA ALA A . n 
A 1 54  ILE 54  53  53  ILE ILE A . n 
A 1 55  VAL 55  54  54  VAL VAL A . n 
A 1 56  ALA 56  55  55  ALA ALA A . n 
A 1 57  THR 57  56  56  THR THR A . n 
A 1 58  TYR 58  57  57  TYR TYR A . n 
A 1 59  THR 59  58  58  THR THR A . n 
A 1 60  TYR 60  59  59  TYR TYR A . n 
A 1 61  GLY 61  60  60  GLY GLY A . n 
A 1 62  ASP 62  61  61  ASP ASP A . n 
A 1 63  GLY 63  62  62  GLY GLY A . n 
A 1 64  GLU 64  63  63  GLU GLU A . n 
A 1 65  LEU 65  64  64  LEU LEU A . n 
A 1 66  PRO 66  65  65  PRO PRO A . n 
A 1 67  ASP 67  66  66  ASP ASP A . n 
A 1 68  GLU 68  67  67  GLU GLU A . n 
A 1 69  MET 69  68  68  MET MET A . n 
A 1 70  MET 70  69  69  MET MET A . n 
A 1 71  ASP 71  70  70  ASP ASP A . n 
A 1 72  PHE 72  71  71  PHE PHE A . n 
A 1 73  TYR 73  72  72  TYR TYR A . n 
A 1 74  GLU 74  73  73  GLU GLU A . n 
A 1 75  ASP 75  74  74  ASP ASP A . n 
A 1 76  LEU 76  75  75  LEU LEU A . n 
A 1 77  ALA 77  76  76  ALA ALA A . n 
A 1 78  ASP 78  77  77  ASP ASP A . n 
A 1 79  LEU 79  78  78  LEU LEU A . n 
A 1 80  ASN 80  79  79  ASN ASN A . n 
A 1 81  LEU 81  80  80  LEU LEU A . n 
A 1 82  ASN 82  81  81  ASN ASN A . n 
A 1 83  GLY 83  82  82  GLY GLY A . n 
A 1 84  LYS 84  83  83  LYS LYS A . n 
A 1 85  ILE 85  84  84  ILE ILE A . n 
A 1 86  TYR 86  85  85  TYR TYR A . n 
A 1 87  GLY 87  86  86  GLY GLY A . n 
A 1 88  VAL 88  87  87  VAL VAL A . n 
A 1 89  VAL 89  88  88  VAL VAL A . n 
A 1 90  GLY 90  89  89  GLY GLY A . n 
A 1 91  SER 91  90  90  SER SER A . n 
A 1 92  GLY 92  91  91  GLY GLY A . n 
A 1 93  ASP 93  92  92  ASP ASP A . n 
A 1 94  THR 94  93  93  THR THR A . n 
A 1 95  PHE 95  94  94  PHE PHE A . n 
A 1 96  TYR 96  95  95  TYR TYR A . n 
A 1 97  ASP 97  96  96  ASP ASP A . n 
A 1 98  GLU 98  97  97  GLU GLU A . n 
A 1 99  PHE 99  98  98  PHE PHE A . n 
A 1 100 CYS 100 99  99  CYS CYS A . n 
A 1 101 LYS 101 100 100 LYS LYS A . n 
A 1 102 ALA 102 101 101 ALA ALA A . n 
A 1 103 VAL 103 102 102 VAL VAL A . n 
A 1 104 ASP 104 103 103 ASP ASP A . n 
A 1 105 ASP 105 104 104 ASP ASP A . n 
A 1 106 PHE 106 105 105 PHE PHE A . n 
A 1 107 ASP 107 106 106 ASP ASP A . n 
A 1 108 ARG 108 107 107 ARG ARG A . n 
A 1 109 VAL 109 108 108 VAL VAL A . n 
A 1 110 PHE 110 109 109 PHE PHE A . n 
A 1 111 VAL 111 110 110 VAL VAL A . n 
A 1 112 SER 112 111 111 SER SER A . n 
A 1 113 THR 113 112 112 THR THR A . n 
A 1 114 GLY 114 113 113 GLY GLY A . n 
A 1 115 ALA 115 114 114 ALA ALA A . n 
A 1 116 GLU 116 115 115 GLU GLU A . n 
A 1 117 LYS 117 116 116 LYS LYS A . n 
A 1 118 GLY 118 117 117 GLY GLY A . n 
A 1 119 SER 119 118 118 SER SER A . n 
A 1 120 GLU 120 119 119 GLU GLU A . n 
A 1 121 CYS 121 120 120 CYS CYS A . n 
A 1 122 VAL 122 121 121 VAL VAL A . n 
A 1 123 LYS 123 122 122 LYS LYS A . n 
A 1 124 VAL 124 123 123 VAL VAL A . n 
A 1 125 ASP 125 124 124 ASP ASP A . n 
A 1 126 LEU 126 125 125 LEU LEU A . n 
A 1 127 SER 127 126 126 SER SER A . n 
A 1 128 ALA 128 127 127 ALA ALA A . n 
A 1 129 GLU 129 128 128 GLU GLU A . n 
A 1 130 GLU 130 129 129 GLU GLU A . n 
A 1 131 GLU 131 130 130 GLU GLU A . n 
A 1 132 ASP 132 131 131 ASP ASP A . n 
A 1 133 ILE 133 132 132 ILE ILE A . n 
A 1 134 GLU 134 133 133 GLU GLU A . n 
A 1 135 ARG 135 134 134 ARG ARG A . n 
A 1 136 LEU 136 135 135 LEU LEU A . n 
A 1 137 GLU 137 136 136 GLU GLU A . n 
A 1 138 GLN 138 137 137 GLN GLN A . n 
A 1 139 PHE 139 138 138 PHE PHE A . n 
A 1 140 ALA 140 139 139 ALA ALA A . n 
A 1 141 GLU 141 140 140 GLU GLU A . n 
A 1 142 GLU 142 141 141 GLU GLU A . n 
A 1 143 LEU 143 142 142 LEU LEU A . n 
A 1 144 ALA 144 143 143 ALA ALA A . n 
A 1 145 ALA 145 144 144 ALA ALA A . n 
A 1 146 LYS 146 145 145 LYS LYS A . n 
A 1 147 VAL 147 146 146 VAL VAL A . n 
A 1 148 GLY 148 147 ?   ?   ?   A . n 
A 1 149 ALA 149 148 ?   ?   ?   A . n 
# 
loop_
_pdbx_nonpoly_scheme.asym_id 
_pdbx_nonpoly_scheme.entity_id 
_pdbx_nonpoly_scheme.mon_id 
_pdbx_nonpoly_scheme.ndb_seq_num 
_pdbx_nonpoly_scheme.pdb_seq_num 
_pdbx_nonpoly_scheme.auth_seq_num 
_pdbx_nonpoly_scheme.pdb_mon_id 
_pdbx_nonpoly_scheme.auth_mon_id 
_pdbx_nonpoly_scheme.pdb_strand_id 
_pdbx_nonpoly_scheme.pdb_ins_code 
B 2 PO4 1  201 1  PO4 PO4 A . 
C 3 HOH 1  301 80 HOH HOH A . 
C 3 HOH 2  302 71 HOH HOH A . 
C 3 HOH 3  303 82 HOH HOH A . 
C 3 HOH 4  304 44 HOH HOH A . 
C 3 HOH 5  305 1  HOH HOH A . 
C 3 HOH 6  306 25 HOH HOH A . 
C 3 HOH 7  307 74 HOH HOH A . 
C 3 HOH 8  308 7  HOH HOH A . 
C 3 HOH 9  309 5  HOH HOH A . 
C 3 HOH 10 310 26 HOH HOH A . 
C 3 HOH 11 311 68 HOH HOH A . 
C 3 HOH 12 312 31 HOH HOH A . 
C 3 HOH 13 313 37 HOH HOH A . 
C 3 HOH 14 314 38 HOH HOH A . 
C 3 HOH 15 315 55 HOH HOH A . 
C 3 HOH 16 316 43 HOH HOH A . 
C 3 HOH 17 317 13 HOH HOH A . 
C 3 HOH 18 318 87 HOH HOH A . 
C 3 HOH 19 319 63 HOH HOH A . 
C 3 HOH 20 320 34 HOH HOH A . 
C 3 HOH 21 321 58 HOH HOH A . 
C 3 HOH 22 322 66 HOH HOH A . 
C 3 HOH 23 323 16 HOH HOH A . 
C 3 HOH 24 324 18 HOH HOH A . 
C 3 HOH 25 325 10 HOH HOH A . 
C 3 HOH 26 326 20 HOH HOH A . 
C 3 HOH 27 327 29 HOH HOH A . 
C 3 HOH 28 328 27 HOH HOH A . 
C 3 HOH 29 329 2  HOH HOH A . 
C 3 HOH 30 330 14 HOH HOH A . 
C 3 HOH 31 331 28 HOH HOH A . 
C 3 HOH 32 332 15 HOH HOH A . 
C 3 HOH 33 333 67 HOH HOH A . 
C 3 HOH 34 334 3  HOH HOH A . 
C 3 HOH 35 335 45 HOH HOH A . 
C 3 HOH 36 336 6  HOH HOH A . 
C 3 HOH 37 337 60 HOH HOH A . 
C 3 HOH 38 338 72 HOH HOH A . 
C 3 HOH 39 339 32 HOH HOH A . 
C 3 HOH 40 340 35 HOH HOH A . 
C 3 HOH 41 341 65 HOH HOH A . 
C 3 HOH 42 342 75 HOH HOH A . 
C 3 HOH 43 343 53 HOH HOH A . 
C 3 HOH 44 344 19 HOH HOH A . 
C 3 HOH 45 345 70 HOH HOH A . 
C 3 HOH 46 346 24 HOH HOH A . 
C 3 HOH 47 347 8  HOH HOH A . 
C 3 HOH 48 348 39 HOH HOH A . 
C 3 HOH 49 349 11 HOH HOH A . 
C 3 HOH 50 350 51 HOH HOH A . 
C 3 HOH 51 351 17 HOH HOH A . 
C 3 HOH 52 352 4  HOH HOH A . 
C 3 HOH 53 353 23 HOH HOH A . 
C 3 HOH 54 354 50 HOH HOH A . 
C 3 HOH 55 355 36 HOH HOH A . 
C 3 HOH 56 356 85 HOH HOH A . 
C 3 HOH 57 357 84 HOH HOH A . 
C 3 HOH 58 358 22 HOH HOH A . 
C 3 HOH 59 359 79 HOH HOH A . 
C 3 HOH 60 360 47 HOH HOH A . 
C 3 HOH 61 361 40 HOH HOH A . 
C 3 HOH 62 362 49 HOH HOH A . 
C 3 HOH 63 363 59 HOH HOH A . 
C 3 HOH 64 364 46 HOH HOH A . 
C 3 HOH 65 365 77 HOH HOH A . 
C 3 HOH 66 366 73 HOH HOH A . 
C 3 HOH 67 367 62 HOH HOH A . 
C 3 HOH 68 368 61 HOH HOH A . 
C 3 HOH 69 369 9  HOH HOH A . 
C 3 HOH 70 370 12 HOH HOH A . 
C 3 HOH 71 371 69 HOH HOH A . 
C 3 HOH 72 372 30 HOH HOH A . 
C 3 HOH 73 373 33 HOH HOH A . 
C 3 HOH 74 374 54 HOH HOH A . 
C 3 HOH 75 375 64 HOH HOH A . 
C 3 HOH 76 376 56 HOH HOH A . 
C 3 HOH 77 377 83 HOH HOH A . 
C 3 HOH 78 378 41 HOH HOH A . 
C 3 HOH 79 379 57 HOH HOH A . 
C 3 HOH 80 380 89 HOH HOH A . 
C 3 HOH 81 381 86 HOH HOH A . 
C 3 HOH 82 382 48 HOH HOH A . 
C 3 HOH 83 383 78 HOH HOH A . 
C 3 HOH 84 384 76 HOH HOH A . 
C 3 HOH 85 385 88 HOH HOH A . 
C 3 HOH 86 386 81 HOH HOH A . 
C 3 HOH 87 387 42 HOH HOH A . 
C 3 HOH 88 388 52 HOH HOH A . 
C 3 HOH 89 389 21 HOH HOH A . 
# 
loop_
_software.citation_id 
_software.classification 
_software.compiler_name 
_software.compiler_version 
_software.contact_author 
_software.contact_author_email 
_software.date 
_software.description 
_software.dependencies 
_software.hardware 
_software.language 
_software.location 
_software.mods 
_software.name 
_software.os 
_software.os_version 
_software.type 
_software.version 
_software.pdbx_ordinal 
? refinement       ? ? ? ? ? ? ? ? ? ? ? REFMAC ? ? ? 5.8.0135 1 
? 'data reduction' ? ? ? ? ? ? ? ? ? ? ? MOSFLM ? ? ? .        2 
? 'data scaling'   ? ? ? ? ? ? ? ? ? ? ? SCALA  ? ? ? .        3 
? phasing          ? ? ? ? ? ? ? ? ? ? ? MOLREP ? ? ? .        4 
# 
_cell.angle_alpha                  90.00 
_cell.angle_alpha_esd              ? 
_cell.angle_beta                   90.00 
_cell.angle_beta_esd               ? 
_cell.angle_gamma                  90.00 
_cell.angle_gamma_esd              ? 
_cell.entry_id                     5LJL 
_cell.details                      ? 
_cell.formula_units_Z              ? 
_cell.length_a                     29.871 
_cell.length_a_esd                 ? 
_cell.length_b                     60.707 
_cell.length_b_esd                 ? 
_cell.length_c                     61.803 
_cell.length_c_esd                 ? 
_cell.volume                       ? 
_cell.volume_esd                   ? 
_cell.Z_PDB                        4 
_cell.reciprocal_angle_alpha       ? 
_cell.reciprocal_angle_beta        ? 
_cell.reciprocal_angle_gamma       ? 
_cell.reciprocal_angle_alpha_esd   ? 
_cell.reciprocal_angle_beta_esd    ? 
_cell.reciprocal_angle_gamma_esd   ? 
_cell.reciprocal_length_a          ? 
_cell.reciprocal_length_b          ? 
_cell.reciprocal_length_c          ? 
_cell.reciprocal_length_a_esd      ? 
_cell.reciprocal_length_b_esd      ? 
_cell.reciprocal_length_c_esd      ? 
_cell.pdbx_unique_axis             ? 
# 
_symmetry.entry_id                         5LJL 
_symmetry.cell_setting                     ? 
_symmetry.Int_Tables_number                19 
_symmetry.space_group_name_Hall            ? 
_symmetry.space_group_name_H-M             'P 21 21 21' 
_symmetry.pdbx_full_space_group_name_H-M   ? 
# 
_exptl.absorpt_coefficient_mu     ? 
_exptl.absorpt_correction_T_max   ? 
_exptl.absorpt_correction_T_min   ? 
_exptl.absorpt_correction_type    ? 
_exptl.absorpt_process_details    ? 
_exptl.entry_id                   5LJL 
_exptl.crystals_number            1 
_exptl.details                    ? 
_exptl.method                     'X-RAY DIFFRACTION' 
_exptl.method_details             ? 
# 
_exptl_crystal.colour                      ? 
_exptl_crystal.density_diffrn              ? 
_exptl_crystal.density_Matthews            1.73 
_exptl_crystal.density_method              ? 
_exptl_crystal.density_percent_sol         29.05 
_exptl_crystal.description                 ? 
_exptl_crystal.F_000                       ? 
_exptl_crystal.id                          1 
_exptl_crystal.preparation                 ? 
_exptl_crystal.size_max                    ? 
_exptl_crystal.size_mid                    ? 
_exptl_crystal.size_min                    ? 
_exptl_crystal.size_rad                    ? 
_exptl_crystal.colour_lustre               ? 
_exptl_crystal.colour_modifier             ? 
_exptl_crystal.colour_primary              ? 
_exptl_crystal.density_meas                ? 
_exptl_crystal.density_meas_esd            ? 
_exptl_crystal.density_meas_gt             ? 
_exptl_crystal.density_meas_lt             ? 
_exptl_crystal.density_meas_temp           ? 
_exptl_crystal.density_meas_temp_esd       ? 
_exptl_crystal.density_meas_temp_gt        ? 
_exptl_crystal.density_meas_temp_lt        ? 
_exptl_crystal.pdbx_crystal_image_url      ? 
_exptl_crystal.pdbx_crystal_image_format   ? 
_exptl_crystal.pdbx_mosaicity              ? 
_exptl_crystal.pdbx_mosaicity_esd          ? 
# 
_exptl_crystal_grow.apparatus       ? 
_exptl_crystal_grow.atmosphere      ? 
_exptl_crystal_grow.crystal_id      1 
_exptl_crystal_grow.details         ? 
_exptl_crystal_grow.method          'VAPOR DIFFUSION, HANGING DROP' 
_exptl_crystal_grow.method_ref      ? 
_exptl_crystal_grow.pH              5.5 
_exptl_crystal_grow.pressure        ? 
_exptl_crystal_grow.pressure_esd    ? 
_exptl_crystal_grow.seeding         ? 
_exptl_crystal_grow.seeding_ref     ? 
_exptl_crystal_grow.temp            292 
_exptl_crystal_grow.temp_details    ? 
_exptl_crystal_grow.temp_esd        ? 
_exptl_crystal_grow.time            ? 
_exptl_crystal_grow.pdbx_details    '100mM Bis-Tris pH 5.5 and 200 mM calcium chloride, and 10% glycerol' 
_exptl_crystal_grow.pdbx_pH_range   ? 
# 
_diffrn.ambient_environment    ? 
_diffrn.ambient_temp           100 
_diffrn.ambient_temp_details   ? 
_diffrn.ambient_temp_esd       ? 
_diffrn.crystal_id             1 
_diffrn.crystal_support        ? 
_diffrn.crystal_treatment      ? 
_diffrn.details                ? 
_diffrn.id                     1 
_diffrn.ambient_pressure       ? 
_diffrn.ambient_pressure_esd   ? 
_diffrn.ambient_pressure_gt    ? 
_diffrn.ambient_pressure_lt    ? 
_diffrn.ambient_temp_gt        ? 
_diffrn.ambient_temp_lt        ? 
# 
_diffrn_detector.details                      ? 
_diffrn_detector.detector                     PIXEL 
_diffrn_detector.diffrn_id                    1 
_diffrn_detector.type                         'DECTRIS PILATUS3 S 6M' 
_diffrn_detector.area_resol_mean              ? 
_diffrn_detector.dtime                        ? 
_diffrn_detector.pdbx_frames_total            ? 
_diffrn_detector.pdbx_collection_time_total   ? 
_diffrn_detector.pdbx_collection_date         2013-05-05 
# 
_diffrn_radiation.collimation                      ? 
_diffrn_radiation.diffrn_id                        1 
_diffrn_radiation.filter_edge                      ? 
_diffrn_radiation.inhomogeneity                    ? 
_diffrn_radiation.monochromator                    ? 
_diffrn_radiation.polarisn_norm                    ? 
_diffrn_radiation.polarisn_ratio                   ? 
_diffrn_radiation.probe                            ? 
_diffrn_radiation.type                             ? 
_diffrn_radiation.xray_symbol                      ? 
_diffrn_radiation.wavelength_id                    1 
_diffrn_radiation.pdbx_monochromatic_or_laue_m_l   M 
_diffrn_radiation.pdbx_wavelength_list             ? 
_diffrn_radiation.pdbx_wavelength                  ? 
_diffrn_radiation.pdbx_diffrn_protocol             'SINGLE WAVELENGTH' 
_diffrn_radiation.pdbx_analyzer                    ? 
_diffrn_radiation.pdbx_scattering_type             x-ray 
# 
_diffrn_radiation_wavelength.id           1 
_diffrn_radiation_wavelength.wavelength   0.92 
_diffrn_radiation_wavelength.wt           1.0 
# 
_diffrn_source.current                     ? 
_diffrn_source.details                     ? 
_diffrn_source.diffrn_id                   1 
_diffrn_source.power                       ? 
_diffrn_source.size                        ? 
_diffrn_source.source                      SYNCHROTRON 
_diffrn_source.target                      ? 
_diffrn_source.type                        'DIAMOND BEAMLINE I04-1' 
_diffrn_source.voltage                     ? 
_diffrn_source.take-off_angle              ? 
_diffrn_source.pdbx_wavelength_list        0.92 
_diffrn_source.pdbx_wavelength             ? 
_diffrn_source.pdbx_synchrotron_beamline   I04-1 
_diffrn_source.pdbx_synchrotron_site       Diamond 
# 
_reflns.B_iso_Wilson_estimate            ? 
_reflns.entry_id                         5LJL 
_reflns.data_reduction_details           ? 
_reflns.data_reduction_method            ? 
_reflns.d_resolution_high                1.6 
_reflns.d_resolution_low                 20 
_reflns.details                          ? 
_reflns.limit_h_max                      ? 
_reflns.limit_h_min                      ? 
_reflns.limit_k_max                      ? 
_reflns.limit_k_min                      ? 
_reflns.limit_l_max                      ? 
_reflns.limit_l_min                      ? 
_reflns.number_all                       ? 
_reflns.number_obs                       15310 
_reflns.observed_criterion               ? 
_reflns.observed_criterion_F_max         ? 
_reflns.observed_criterion_F_min         ? 
_reflns.observed_criterion_I_max         ? 
_reflns.observed_criterion_I_min         ? 
_reflns.observed_criterion_sigma_F       ? 
_reflns.observed_criterion_sigma_I       ? 
_reflns.percent_possible_obs             99.2 
_reflns.R_free_details                   ? 
_reflns.Rmerge_F_all                     ? 
_reflns.Rmerge_F_obs                     ? 
_reflns.Friedel_coverage                 ? 
_reflns.number_gt                        ? 
_reflns.threshold_expression             ? 
_reflns.pdbx_redundancy                  9.9 
_reflns.pdbx_Rmerge_I_obs                0.102 
_reflns.pdbx_Rmerge_I_all                ? 
_reflns.pdbx_Rsym_value                  ? 
_reflns.pdbx_netI_over_av_sigmaI         ? 
_reflns.pdbx_netI_over_sigmaI            13.9 
_reflns.pdbx_res_netI_over_av_sigmaI_2   ? 
_reflns.pdbx_res_netI_over_sigmaI_2      ? 
_reflns.pdbx_chi_squared                 ? 
_reflns.pdbx_scaling_rejects             ? 
_reflns.pdbx_d_res_high_opt              ? 
_reflns.pdbx_d_res_low_opt               ? 
_reflns.pdbx_d_res_opt_method            ? 
_reflns.phase_calculation_details        ? 
_reflns.pdbx_Rrim_I_all                  ? 
_reflns.pdbx_Rpim_I_all                  ? 
_reflns.pdbx_d_opt                       ? 
_reflns.pdbx_number_measured_all         ? 
_reflns.pdbx_diffrn_id                   1 
_reflns.pdbx_ordinal                     1 
_reflns.pdbx_CC_half                     0.998 
_reflns.pdbx_R_split                     ? 
# 
_reflns_shell.d_res_high                  . 
_reflns_shell.d_res_low                   ? 
_reflns_shell.meanI_over_sigI_all         ? 
_reflns_shell.meanI_over_sigI_obs         2.7 
_reflns_shell.number_measured_all         ? 
_reflns_shell.number_measured_obs         ? 
_reflns_shell.number_possible             ? 
_reflns_shell.number_unique_all           ? 
_reflns_shell.number_unique_obs           ? 
_reflns_shell.percent_possible_all        99.5 
_reflns_shell.percent_possible_obs        ? 
_reflns_shell.Rmerge_F_all                ? 
_reflns_shell.Rmerge_F_obs                ? 
_reflns_shell.Rmerge_I_all                ? 
_reflns_shell.Rmerge_I_obs                0.703 
_reflns_shell.meanI_over_sigI_gt          ? 
_reflns_shell.meanI_over_uI_all           ? 
_reflns_shell.meanI_over_uI_gt            ? 
_reflns_shell.number_measured_gt          ? 
_reflns_shell.number_unique_gt            ? 
_reflns_shell.percent_possible_gt         ? 
_reflns_shell.Rmerge_F_gt                 ? 
_reflns_shell.Rmerge_I_gt                 ? 
_reflns_shell.pdbx_redundancy             9.6 
_reflns_shell.pdbx_Rsym_value             ? 
_reflns_shell.pdbx_chi_squared            ? 
_reflns_shell.pdbx_netI_over_sigmaI_all   ? 
_reflns_shell.pdbx_netI_over_sigmaI_obs   ? 
_reflns_shell.pdbx_Rrim_I_all             ? 
_reflns_shell.pdbx_Rpim_I_all             ? 
_reflns_shell.pdbx_rejects                ? 
_reflns_shell.pdbx_ordinal                1 
_reflns_shell.pdbx_diffrn_id              1 
_reflns_shell.pdbx_CC_half                0.810 
_reflns_shell.pdbx_R_split                ? 
# 
_refine.aniso_B[1][1]                            2.00 
_refine.aniso_B[1][2]                            0.00 
_refine.aniso_B[1][3]                            0.00 
_refine.aniso_B[2][2]                            -0.49 
_refine.aniso_B[2][3]                            0.00 
_refine.aniso_B[3][3]                            -1.51 
_refine.B_iso_max                                ? 
_refine.B_iso_mean                               16.596 
_refine.B_iso_min                                ? 
_refine.correlation_coeff_Fo_to_Fc               0.963 
_refine.correlation_coeff_Fo_to_Fc_free          0.947 
_refine.details                                  'HYDROGENS HAVE BEEN ADDED IN THE RIDING POSITIONS' 
_refine.diff_density_max                         ? 
_refine.diff_density_max_esd                     ? 
_refine.diff_density_min                         ? 
_refine.diff_density_min_esd                     ? 
_refine.diff_density_rms                         ? 
_refine.diff_density_rms_esd                     ? 
_refine.entry_id                                 5LJL 
_refine.pdbx_refine_id                           'X-RAY DIFFRACTION' 
_refine.ls_abs_structure_details                 ? 
_refine.ls_abs_structure_Flack                   ? 
_refine.ls_abs_structure_Flack_esd               ? 
_refine.ls_abs_structure_Rogers                  ? 
_refine.ls_abs_structure_Rogers_esd              ? 
_refine.ls_d_res_high                            1.60 
_refine.ls_d_res_low                             61.80 
_refine.ls_extinction_coef                       ? 
_refine.ls_extinction_coef_esd                   ? 
_refine.ls_extinction_expression                 ? 
_refine.ls_extinction_method                     ? 
_refine.ls_goodness_of_fit_all                   ? 
_refine.ls_goodness_of_fit_all_esd               ? 
_refine.ls_goodness_of_fit_obs                   ? 
_refine.ls_goodness_of_fit_obs_esd               ? 
_refine.ls_hydrogen_treatment                    ? 
_refine.ls_matrix_type                           ? 
_refine.ls_number_constraints                    ? 
_refine.ls_number_parameters                     ? 
_refine.ls_number_reflns_all                     ? 
_refine.ls_number_reflns_obs                     14837 
_refine.ls_number_reflns_R_free                  433 
_refine.ls_number_reflns_R_work                  ? 
_refine.ls_number_restraints                     ? 
_refine.ls_percent_reflns_obs                    98.92 
_refine.ls_percent_reflns_R_free                 2.8 
_refine.ls_R_factor_all                          ? 
_refine.ls_R_factor_obs                          0.17375 
_refine.ls_R_factor_R_free                       0.21532 
_refine.ls_R_factor_R_free_error                 ? 
_refine.ls_R_factor_R_free_error_details         ? 
_refine.ls_R_factor_R_work                       0.17257 
_refine.ls_R_Fsqd_factor_obs                     ? 
_refine.ls_R_I_factor_obs                        ? 
_refine.ls_redundancy_reflns_all                 ? 
_refine.ls_redundancy_reflns_obs                 ? 
_refine.ls_restrained_S_all                      ? 
_refine.ls_restrained_S_obs                      ? 
_refine.ls_shift_over_esd_max                    ? 
_refine.ls_shift_over_esd_mean                   ? 
_refine.ls_structure_factor_coef                 ? 
_refine.ls_weighting_details                     ? 
_refine.ls_weighting_scheme                      ? 
_refine.ls_wR_factor_all                         ? 
_refine.ls_wR_factor_obs                         ? 
_refine.ls_wR_factor_R_free                      ? 
_refine.ls_wR_factor_R_work                      ? 
_refine.occupancy_max                            ? 
_refine.occupancy_min                            ? 
_refine.solvent_model_details                    MASK 
_refine.solvent_model_param_bsol                 ? 
_refine.solvent_model_param_ksol                 ? 
_refine.ls_R_factor_gt                           ? 
_refine.ls_goodness_of_fit_gt                    ? 
_refine.ls_goodness_of_fit_ref                   ? 
_refine.ls_shift_over_su_max                     ? 
_refine.ls_shift_over_su_max_lt                  ? 
_refine.ls_shift_over_su_mean                    ? 
_refine.ls_shift_over_su_mean_lt                 ? 
_refine.pdbx_ls_sigma_I                          ? 
_refine.pdbx_ls_sigma_F                          ? 
_refine.pdbx_ls_sigma_Fsqd                       ? 
_refine.pdbx_data_cutoff_high_absF               ? 
_refine.pdbx_data_cutoff_high_rms_absF           ? 
_refine.pdbx_data_cutoff_low_absF                ? 
_refine.pdbx_isotropic_thermal_model             ? 
_refine.pdbx_ls_cross_valid_method               THROUGHOUT 
_refine.pdbx_method_to_determine_struct          'MOLECULAR REPLACEMENT' 
_refine.pdbx_starting_model                      5Lji 
_refine.pdbx_stereochemistry_target_values       'MAXIMUM LIKELIHOOD' 
_refine.pdbx_R_Free_selection_details            RANDOM 
_refine.pdbx_stereochem_target_val_spec_case     ? 
_refine.pdbx_overall_ESU_R                       0.098 
_refine.pdbx_overall_ESU_R_Free                  0.100 
_refine.pdbx_solvent_vdw_probe_radii             1.20 
_refine.pdbx_solvent_ion_probe_radii             0.80 
_refine.pdbx_solvent_shrinkage_radii             0.80 
_refine.pdbx_real_space_R                        ? 
_refine.pdbx_density_correlation                 ? 
_refine.pdbx_pd_number_of_powder_patterns        ? 
_refine.pdbx_pd_number_of_points                 ? 
_refine.pdbx_pd_meas_number_of_points            ? 
_refine.pdbx_pd_proc_ls_prof_R_factor            ? 
_refine.pdbx_pd_proc_ls_prof_wR_factor           ? 
_refine.pdbx_pd_Marquardt_correlation_coeff      ? 
_refine.pdbx_pd_Fsqrd_R_factor                   ? 
_refine.pdbx_pd_ls_matrix_band_width             ? 
_refine.pdbx_overall_phase_error                 ? 
_refine.pdbx_overall_SU_R_free_Cruickshank_DPI   ? 
_refine.pdbx_overall_SU_R_free_Blow_DPI          ? 
_refine.pdbx_overall_SU_R_Blow_DPI               ? 
_refine.pdbx_TLS_residual_ADP_flag               ? 
_refine.pdbx_diffrn_id                           1 
_refine.overall_SU_B                             2.348 
_refine.overall_SU_ML                            0.079 
_refine.overall_SU_R_Cruickshank_DPI             ? 
_refine.overall_SU_R_free                        ? 
_refine.overall_FOM_free_R_set                   ? 
_refine.overall_FOM_work_R_set                   ? 
_refine.pdbx_average_fsc_overall                 ? 
_refine.pdbx_average_fsc_work                    ? 
_refine.pdbx_average_fsc_free                    ? 
# 
_refine_hist.pdbx_refine_id                   'X-RAY DIFFRACTION' 
_refine_hist.cycle_id                         LAST 
_refine_hist.pdbx_number_atoms_protein        1121 
_refine_hist.pdbx_number_atoms_nucleic_acid   0 
_refine_hist.pdbx_number_atoms_ligand         5 
_refine_hist.number_atoms_solvent             89 
_refine_hist.number_atoms_total               1215 
_refine_hist.d_res_high                       1.60 
_refine_hist.d_res_low                        61.80 
# 
loop_
_refine_ls_restr.pdbx_refine_id 
_refine_ls_restr.criterion 
_refine_ls_restr.dev_ideal 
_refine_ls_restr.dev_ideal_target 
_refine_ls_restr.number 
_refine_ls_restr.rejects 
_refine_ls_restr.type 
_refine_ls_restr.weight 
_refine_ls_restr.pdbx_restraint_function 
'X-RAY DIFFRACTION' ? 0.019  0.020  1148 ? r_bond_refined_d             ? ? 
'X-RAY DIFFRACTION' ? 0.002  0.020  1037 ? r_bond_other_d               ? ? 
'X-RAY DIFFRACTION' ? 1.874  1.978  1557 ? r_angle_refined_deg          ? ? 
'X-RAY DIFFRACTION' ? 1.160  3.000  2407 ? r_angle_other_deg            ? ? 
'X-RAY DIFFRACTION' ? 5.925  5.000  150  ? r_dihedral_angle_1_deg       ? ? 
'X-RAY DIFFRACTION' ? 38.018 26.780 59   ? r_dihedral_angle_2_deg       ? ? 
'X-RAY DIFFRACTION' ? 13.607 15.000 193  ? r_dihedral_angle_3_deg       ? ? 
'X-RAY DIFFRACTION' ? 31.757 15.000 3    ? r_dihedral_angle_4_deg       ? ? 
'X-RAY DIFFRACTION' ? 0.168  0.200  179  ? r_chiral_restr               ? ? 
'X-RAY DIFFRACTION' ? 0.010  0.020  1328 ? r_gen_planes_refined         ? ? 
'X-RAY DIFFRACTION' ? 0.001  0.020  227  ? r_gen_planes_other           ? ? 
'X-RAY DIFFRACTION' ? ?      ?      ?    ? r_nbd_refined                ? ? 
'X-RAY DIFFRACTION' ? ?      ?      ?    ? r_nbd_other                  ? ? 
'X-RAY DIFFRACTION' ? ?      ?      ?    ? r_nbtor_refined              ? ? 
'X-RAY DIFFRACTION' ? ?      ?      ?    ? r_nbtor_other                ? ? 
'X-RAY DIFFRACTION' ? ?      ?      ?    ? r_xyhbond_nbd_refined        ? ? 
'X-RAY DIFFRACTION' ? ?      ?      ?    ? r_xyhbond_nbd_other          ? ? 
'X-RAY DIFFRACTION' ? ?      ?      ?    ? r_metal_ion_refined          ? ? 
'X-RAY DIFFRACTION' ? ?      ?      ?    ? r_metal_ion_other            ? ? 
'X-RAY DIFFRACTION' ? ?      ?      ?    ? r_symmetry_vdw_refined       ? ? 
'X-RAY DIFFRACTION' ? ?      ?      ?    ? r_symmetry_vdw_other         ? ? 
'X-RAY DIFFRACTION' ? ?      ?      ?    ? r_symmetry_hbond_refined     ? ? 
'X-RAY DIFFRACTION' ? ?      ?      ?    ? r_symmetry_hbond_other       ? ? 
'X-RAY DIFFRACTION' ? ?      ?      ?    ? r_symmetry_metal_ion_refined ? ? 
'X-RAY DIFFRACTION' ? ?      ?      ?    ? r_symmetry_metal_ion_other   ? ? 
'X-RAY DIFFRACTION' ? 1.500  1.436  591  ? r_mcbond_it                  ? ? 
'X-RAY DIFFRACTION' ? 1.462  1.431  590  ? r_mcbond_other               ? ? 
'X-RAY DIFFRACTION' ? 2.261  2.144  738  ? r_mcangle_it                 ? ? 
'X-RAY DIFFRACTION' ? 2.279  2.148  739  ? r_mcangle_other              ? ? 
'X-RAY DIFFRACTION' ? 3.321  1.802  557  ? r_scbond_it                  ? ? 
'X-RAY DIFFRACTION' ? 3.329  1.808  554  ? r_scbond_other               ? ? 
'X-RAY DIFFRACTION' ? ?      ?      ?    ? r_scangle_it                 ? ? 
'X-RAY DIFFRACTION' ? 5.047  2.581  812  ? r_scangle_other              ? ? 
'X-RAY DIFFRACTION' ? 5.662  12.327 1292 ? r_long_range_B_refined       ? ? 
'X-RAY DIFFRACTION' ? 5.624  12.192 1274 ? r_long_range_B_other         ? ? 
'X-RAY DIFFRACTION' ? ?      ?      ?    ? r_rigid_bond_restr           ? ? 
'X-RAY DIFFRACTION' ? ?      ?      ?    ? r_sphericity_free            ? ? 
'X-RAY DIFFRACTION' ? ?      ?      ?    ? r_sphericity_bonded          ? ? 
# 
_refine_ls_shell.pdbx_refine_id                   'X-RAY DIFFRACTION' 
_refine_ls_shell.d_res_high                       1.600 
_refine_ls_shell.d_res_low                        1.642 
_refine_ls_shell.number_reflns_all                ? 
_refine_ls_shell.number_reflns_obs                ? 
_refine_ls_shell.number_reflns_R_free             23 
_refine_ls_shell.number_reflns_R_work             1094 
_refine_ls_shell.percent_reflns_obs               99.20 
_refine_ls_shell.percent_reflns_R_free            ? 
_refine_ls_shell.R_factor_all                     ? 
_refine_ls_shell.R_factor_obs                     ? 
_refine_ls_shell.R_factor_R_free                  0.236 
_refine_ls_shell.R_factor_R_free_error            ? 
_refine_ls_shell.R_factor_R_work                  0.283 
_refine_ls_shell.redundancy_reflns_all            ? 
_refine_ls_shell.redundancy_reflns_obs            ? 
_refine_ls_shell.wR_factor_all                    ? 
_refine_ls_shell.wR_factor_obs                    ? 
_refine_ls_shell.wR_factor_R_free                 ? 
_refine_ls_shell.wR_factor_R_work                 ? 
_refine_ls_shell.pdbx_total_number_of_bins_used   20 
_refine_ls_shell.pdbx_phase_error                 ? 
_refine_ls_shell.pdbx_fsc_work                    ? 
_refine_ls_shell.pdbx_fsc_free                    ? 
# 
_struct.entry_id                     5LJL 
_struct.title                        
'Streptococcus pneumonia TIGR4 flavodoxin: structural and biophysical characterization of a novel drug target' 
_struct.pdbx_model_details           ? 
_struct.pdbx_formula_weight          ? 
_struct.pdbx_formula_weight_method   ? 
_struct.pdbx_model_type_details      ? 
_struct.pdbx_CASP_flag               N 
# 
_struct_keywords.entry_id        5LJL 
_struct_keywords.text            'flavodoxin, protein stability, FMN binding, drug target.Streptococcus pneumoniae, oxidoreductase' 
_struct_keywords.pdbx_keywords   OXIDOREDUCTASE 
# 
loop_
_struct_asym.id 
_struct_asym.pdbx_blank_PDB_chainid_flag 
_struct_asym.pdbx_modified 
_struct_asym.entity_id 
_struct_asym.details 
A N N 1 ? 
B N N 2 ? 
C N N 3 ? 
# 
_struct_ref.id                         1 
_struct_ref.db_name                    UNP 
_struct_ref.db_code                    A0A0H2UQC6_STRPN 
_struct_ref.pdbx_db_accession          A0A0H2UQC6 
_struct_ref.pdbx_db_isoform            ? 
_struct_ref.entity_id                  1 
_struct_ref.pdbx_seq_one_letter_code   
;MALAKIVFASMTGNTEEIADIVADKLRDLGLDVDVDECTTVDASDFLEADIAIVATYTYGDGELPDEMMDFYEDLADLNL
NGKIYGVVGSGDTFYDEFCKAVDDFDRVFVSTGAEKGSECVKVDLSAEEEDIERLEQFAEELAAKVG
;
_struct_ref.pdbx_align_begin           1 
# 
_struct_ref_seq.align_id                      1 
_struct_ref_seq.ref_id                        1 
_struct_ref_seq.pdbx_PDB_id_code              5LJL 
_struct_ref_seq.pdbx_strand_id                A 
_struct_ref_seq.seq_align_beg                 2 
_struct_ref_seq.pdbx_seq_align_beg_ins_code   ? 
_struct_ref_seq.seq_align_end                 148 
_struct_ref_seq.pdbx_seq_align_end_ins_code   ? 
_struct_ref_seq.pdbx_db_accession             A0A0H2UQC6 
_struct_ref_seq.db_align_beg                  1 
_struct_ref_seq.pdbx_db_align_beg_ins_code    ? 
_struct_ref_seq.db_align_end                  147 
_struct_ref_seq.pdbx_db_align_end_ins_code    ? 
_struct_ref_seq.pdbx_auth_seq_align_beg       1 
_struct_ref_seq.pdbx_auth_seq_align_end       147 
# 
loop_
_struct_ref_seq_dif.align_id 
_struct_ref_seq_dif.pdbx_pdb_id_code 
_struct_ref_seq_dif.mon_id 
_struct_ref_seq_dif.pdbx_pdb_strand_id 
_struct_ref_seq_dif.seq_num 
_struct_ref_seq_dif.pdbx_pdb_ins_code 
_struct_ref_seq_dif.pdbx_seq_db_name 
_struct_ref_seq_dif.pdbx_seq_db_accession_code 
_struct_ref_seq_dif.db_mon_id 
_struct_ref_seq_dif.pdbx_seq_db_seq_num 
_struct_ref_seq_dif.details 
_struct_ref_seq_dif.pdbx_auth_seq_num 
_struct_ref_seq_dif.pdbx_ordinal 
1 5LJL GLY A 1   ? UNP A0A0H2UQC6 ? ? 'expression tag' 0   1 
1 5LJL ALA A 149 ? UNP A0A0H2UQC6 ? ? 'expression tag' 148 2 
# 
_pdbx_struct_assembly.id                   1 
_pdbx_struct_assembly.details              software_defined_assembly 
_pdbx_struct_assembly.method_details       PISA 
_pdbx_struct_assembly.oligomeric_details   monomeric 
_pdbx_struct_assembly.oligomeric_count     1 
# 
loop_
_pdbx_struct_assembly_prop.biol_id 
_pdbx_struct_assembly_prop.type 
_pdbx_struct_assembly_prop.value 
_pdbx_struct_assembly_prop.details 
1 'ABSA (A^2)' 210  ? 
1 MORE         -8   ? 
1 'SSA (A^2)'  7150 ? 
# 
_pdbx_struct_assembly_gen.assembly_id       1 
_pdbx_struct_assembly_gen.oper_expression   1 
_pdbx_struct_assembly_gen.asym_id_list      A,B,C 
# 
_pdbx_struct_oper_list.id                   1 
_pdbx_struct_oper_list.type                 'identity operation' 
_pdbx_struct_oper_list.name                 1_555 
_pdbx_struct_oper_list.symmetry_operation   x,y,z 
_pdbx_struct_oper_list.matrix[1][1]         1.0000000000 
_pdbx_struct_oper_list.matrix[1][2]         0.0000000000 
_pdbx_struct_oper_list.matrix[1][3]         0.0000000000 
_pdbx_struct_oper_list.vector[1]            0.0000000000 
_pdbx_struct_oper_list.matrix[2][1]         0.0000000000 
_pdbx_struct_oper_list.matrix[2][2]         1.0000000000 
_pdbx_struct_oper_list.matrix[2][3]         0.0000000000 
_pdbx_struct_oper_list.vector[2]            0.0000000000 
_pdbx_struct_oper_list.matrix[3][1]         0.0000000000 
_pdbx_struct_oper_list.matrix[3][2]         0.0000000000 
_pdbx_struct_oper_list.matrix[3][3]         1.0000000000 
_pdbx_struct_oper_list.vector[3]            0.0000000000 
# 
loop_
_struct_conf.conf_type_id 
_struct_conf.id 
_struct_conf.pdbx_PDB_helix_id 
_struct_conf.beg_label_comp_id 
_struct_conf.beg_label_asym_id 
_struct_conf.beg_label_seq_id 
_struct_conf.pdbx_beg_PDB_ins_code 
_struct_conf.end_label_comp_id 
_struct_conf.end_label_asym_id 
_struct_conf.end_label_seq_id 
_struct_conf.pdbx_end_PDB_ins_code 
_struct_conf.beg_auth_comp_id 
_struct_conf.beg_auth_asym_id 
_struct_conf.beg_auth_seq_id 
_struct_conf.end_auth_comp_id 
_struct_conf.end_auth_asym_id 
_struct_conf.end_auth_seq_id 
_struct_conf.pdbx_PDB_helix_class 
_struct_conf.details 
_struct_conf.pdbx_PDB_helix_length 
HELX_P HELX_P1 AA1 GLY A 14  ? LEU A 30  ? GLY A 13  LEU A 29  1 ? 17 
HELX_P HELX_P2 AA2 THR A 40  ? VAL A 42  ? THR A 39  VAL A 41  5 ? 3  
HELX_P HELX_P3 AA3 ASP A 43  ? ALA A 50  ? ASP A 42  ALA A 49  5 ? 8  
HELX_P HELX_P4 AA4 PRO A 66  ? GLU A 68  ? PRO A 65  GLU A 67  5 ? 3  
HELX_P HELX_P5 AA5 MET A 69  ? ASP A 78  ? MET A 68  ASP A 77  1 ? 10 
HELX_P HELX_P6 AA6 CYS A 100 ? THR A 113 ? CYS A 99  THR A 112 1 ? 14 
HELX_P HELX_P7 AA7 GLU A 129 ? VAL A 147 ? GLU A 128 VAL A 146 1 ? 19 
# 
_struct_conf_type.id          HELX_P 
_struct_conf_type.criteria    ? 
_struct_conf_type.reference   ? 
# 
loop_
_struct_sheet.id 
_struct_sheet.type 
_struct_sheet.number_strands 
_struct_sheet.details 
AA1 ? 5 ? 
AA2 ? 5 ? 
# 
loop_
_struct_sheet_order.sheet_id 
_struct_sheet_order.range_id_1 
_struct_sheet_order.range_id_2 
_struct_sheet_order.offset 
_struct_sheet_order.sense 
AA1 1 2 ? parallel 
AA1 2 3 ? parallel 
AA1 3 4 ? parallel 
AA1 4 5 ? parallel 
AA2 1 2 ? parallel 
AA2 2 3 ? parallel 
AA2 3 4 ? parallel 
AA2 4 5 ? parallel 
# 
loop_
_struct_sheet_range.sheet_id 
_struct_sheet_range.id 
_struct_sheet_range.beg_label_comp_id 
_struct_sheet_range.beg_label_asym_id 
_struct_sheet_range.beg_label_seq_id 
_struct_sheet_range.pdbx_beg_PDB_ins_code 
_struct_sheet_range.end_label_comp_id 
_struct_sheet_range.end_label_asym_id 
_struct_sheet_range.end_label_seq_id 
_struct_sheet_range.pdbx_end_PDB_ins_code 
_struct_sheet_range.beg_auth_comp_id 
_struct_sheet_range.beg_auth_asym_id 
_struct_sheet_range.beg_auth_seq_id 
_struct_sheet_range.end_auth_comp_id 
_struct_sheet_range.end_auth_asym_id 
_struct_sheet_range.end_auth_seq_id 
AA1 1 ASP A 33  ? GLU A 38  ? ASP A 32  GLU A 37  
AA1 2 LEU A 4   ? PHE A 9   ? LEU A 3   PHE A 8   
AA1 3 ILE A 52  ? ALA A 56  ? ILE A 51  ALA A 55  
AA1 4 ILE A 85  ? GLY A 92  ? ILE A 84  GLY A 91  
AA1 5 GLU A 116 ? LYS A 117 ? GLU A 115 LYS A 116 
AA2 1 ASP A 33  ? GLU A 38  ? ASP A 32  GLU A 37  
AA2 2 LEU A 4   ? PHE A 9   ? LEU A 3   PHE A 8   
AA2 3 ILE A 52  ? ALA A 56  ? ILE A 51  ALA A 55  
AA2 4 ILE A 85  ? GLY A 92  ? ILE A 84  GLY A 91  
AA2 5 VAL A 122 ? ASP A 125 ? VAL A 121 ASP A 124 
# 
loop_
_pdbx_struct_sheet_hbond.sheet_id 
_pdbx_struct_sheet_hbond.range_id_1 
_pdbx_struct_sheet_hbond.range_id_2 
_pdbx_struct_sheet_hbond.range_1_label_atom_id 
_pdbx_struct_sheet_hbond.range_1_label_comp_id 
_pdbx_struct_sheet_hbond.range_1_label_asym_id 
_pdbx_struct_sheet_hbond.range_1_label_seq_id 
_pdbx_struct_sheet_hbond.range_1_PDB_ins_code 
_pdbx_struct_sheet_hbond.range_1_auth_atom_id 
_pdbx_struct_sheet_hbond.range_1_auth_comp_id 
_pdbx_struct_sheet_hbond.range_1_auth_asym_id 
_pdbx_struct_sheet_hbond.range_1_auth_seq_id 
_pdbx_struct_sheet_hbond.range_2_label_atom_id 
_pdbx_struct_sheet_hbond.range_2_label_comp_id 
_pdbx_struct_sheet_hbond.range_2_label_asym_id 
_pdbx_struct_sheet_hbond.range_2_label_seq_id 
_pdbx_struct_sheet_hbond.range_2_PDB_ins_code 
_pdbx_struct_sheet_hbond.range_2_auth_atom_id 
_pdbx_struct_sheet_hbond.range_2_auth_comp_id 
_pdbx_struct_sheet_hbond.range_2_auth_asym_id 
_pdbx_struct_sheet_hbond.range_2_auth_seq_id 
AA1 1 2 O ASP A 35 ? O ASP A 34 N ILE A 7   ? N ILE A 6   
AA1 2 3 N VAL A 8  ? N VAL A 7  O ILE A 54  ? O ILE A 53  
AA1 3 4 N ALA A 53 ? N ALA A 52 O ILE A 85  ? O ILE A 84  
AA1 4 5 N TYR A 86 ? N TYR A 85 O GLU A 116 ? O GLU A 115 
AA2 1 2 O ASP A 35 ? O ASP A 34 N ILE A 7   ? N ILE A 6   
AA2 2 3 N VAL A 8  ? N VAL A 7  O ILE A 54  ? O ILE A 53  
AA2 3 4 N ALA A 53 ? N ALA A 52 O ILE A 85  ? O ILE A 84  
AA2 4 5 N GLY A 92 ? N GLY A 91 O VAL A 124 ? O VAL A 123 
# 
_struct_site.id                   AC1 
_struct_site.pdbx_evidence_code   Software 
_struct_site.pdbx_auth_asym_id    A 
_struct_site.pdbx_auth_comp_id    PO4 
_struct_site.pdbx_auth_seq_id     201 
_struct_site.pdbx_auth_ins_code   ? 
_struct_site.pdbx_num_residues    9 
_struct_site.details              'binding site for residue PO4 A 201' 
# 
loop_
_struct_site_gen.id 
_struct_site_gen.site_id 
_struct_site_gen.pdbx_num_res 
_struct_site_gen.label_comp_id 
_struct_site_gen.label_asym_id 
_struct_site_gen.label_seq_id 
_struct_site_gen.pdbx_auth_ins_code 
_struct_site_gen.auth_comp_id 
_struct_site_gen.auth_asym_id 
_struct_site_gen.auth_seq_id 
_struct_site_gen.label_atom_id 
_struct_site_gen.label_alt_id 
_struct_site_gen.symmetry 
_struct_site_gen.details 
1 AC1 9 SER A 11 ? SER A 10  . ? 1_555 ? 
2 AC1 9 MET A 12 ? MET A 11  . ? 1_555 ? 
3 AC1 9 THR A 13 ? THR A 12  . ? 1_555 ? 
4 AC1 9 GLY A 14 ? GLY A 13  . ? 1_555 ? 
5 AC1 9 ASN A 15 ? ASN A 14  . ? 1_555 ? 
6 AC1 9 THR A 16 ? THR A 15  . ? 1_555 ? 
7 AC1 9 TYR A 58 ? TYR A 57  . ? 1_555 ? 
8 AC1 9 HOH C .  ? HOH A 305 . ? 1_555 ? 
9 AC1 9 HOH C .  ? HOH A 322 . ? 1_555 ? 
# 
loop_
_pdbx_validate_torsion.id 
_pdbx_validate_torsion.PDB_model_num 
_pdbx_validate_torsion.auth_comp_id 
_pdbx_validate_torsion.auth_asym_id 
_pdbx_validate_torsion.auth_seq_id 
_pdbx_validate_torsion.PDB_ins_code 
_pdbx_validate_torsion.label_alt_id 
_pdbx_validate_torsion.phi 
_pdbx_validate_torsion.psi 
1 1 ALA A 2   ? ? 175.32 176.42  
2 1 LEU A 125 ? ? 53.86  -127.07 
# 
loop_
_pdbx_unobs_or_zero_occ_residues.id 
_pdbx_unobs_or_zero_occ_residues.PDB_model_num 
_pdbx_unobs_or_zero_occ_residues.polymer_flag 
_pdbx_unobs_or_zero_occ_residues.occupancy_flag 
_pdbx_unobs_or_zero_occ_residues.auth_asym_id 
_pdbx_unobs_or_zero_occ_residues.auth_comp_id 
_pdbx_unobs_or_zero_occ_residues.auth_seq_id 
_pdbx_unobs_or_zero_occ_residues.PDB_ins_code 
_pdbx_unobs_or_zero_occ_residues.label_asym_id 
_pdbx_unobs_or_zero_occ_residues.label_comp_id 
_pdbx_unobs_or_zero_occ_residues.label_seq_id 
1 1 Y 1 A GLY 147 ? A GLY 148 
2 1 Y 1 A ALA 148 ? A ALA 149 
# 
loop_
_chem_comp_atom.comp_id 
_chem_comp_atom.atom_id 
_chem_comp_atom.type_symbol 
_chem_comp_atom.pdbx_aromatic_flag 
_chem_comp_atom.pdbx_stereo_config 
_chem_comp_atom.pdbx_ordinal 
ALA N    N N N 1   
ALA CA   C N S 2   
ALA C    C N N 3   
ALA O    O N N 4   
ALA CB   C N N 5   
ALA OXT  O N N 6   
ALA H    H N N 7   
ALA H2   H N N 8   
ALA HA   H N N 9   
ALA HB1  H N N 10  
ALA HB2  H N N 11  
ALA HB3  H N N 12  
ALA HXT  H N N 13  
ARG N    N N N 14  
ARG CA   C N S 15  
ARG C    C N N 16  
ARG O    O N N 17  
ARG CB   C N N 18  
ARG CG   C N N 19  
ARG CD   C N N 20  
ARG NE   N N N 21  
ARG CZ   C N N 22  
ARG NH1  N N N 23  
ARG NH2  N N N 24  
ARG OXT  O N N 25  
ARG H    H N N 26  
ARG H2   H N N 27  
ARG HA   H N N 28  
ARG HB2  H N N 29  
ARG HB3  H N N 30  
ARG HG2  H N N 31  
ARG HG3  H N N 32  
ARG HD2  H N N 33  
ARG HD3  H N N 34  
ARG HE   H N N 35  
ARG HH11 H N N 36  
ARG HH12 H N N 37  
ARG HH21 H N N 38  
ARG HH22 H N N 39  
ARG HXT  H N N 40  
ASN N    N N N 41  
ASN CA   C N S 42  
ASN C    C N N 43  
ASN O    O N N 44  
ASN CB   C N N 45  
ASN CG   C N N 46  
ASN OD1  O N N 47  
ASN ND2  N N N 48  
ASN OXT  O N N 49  
ASN H    H N N 50  
ASN H2   H N N 51  
ASN HA   H N N 52  
ASN HB2  H N N 53  
ASN HB3  H N N 54  
ASN HD21 H N N 55  
ASN HD22 H N N 56  
ASN HXT  H N N 57  
ASP N    N N N 58  
ASP CA   C N S 59  
ASP C    C N N 60  
ASP O    O N N 61  
ASP CB   C N N 62  
ASP CG   C N N 63  
ASP OD1  O N N 64  
ASP OD2  O N N 65  
ASP OXT  O N N 66  
ASP H    H N N 67  
ASP H2   H N N 68  
ASP HA   H N N 69  
ASP HB2  H N N 70  
ASP HB3  H N N 71  
ASP HD2  H N N 72  
ASP HXT  H N N 73  
CYS N    N N N 74  
CYS CA   C N R 75  
CYS C    C N N 76  
CYS O    O N N 77  
CYS CB   C N N 78  
CYS SG   S N N 79  
CYS OXT  O N N 80  
CYS H    H N N 81  
CYS H2   H N N 82  
CYS HA   H N N 83  
CYS HB2  H N N 84  
CYS HB3  H N N 85  
CYS HG   H N N 86  
CYS HXT  H N N 87  
GLN N    N N N 88  
GLN CA   C N S 89  
GLN C    C N N 90  
GLN O    O N N 91  
GLN CB   C N N 92  
GLN CG   C N N 93  
GLN CD   C N N 94  
GLN OE1  O N N 95  
GLN NE2  N N N 96  
GLN OXT  O N N 97  
GLN H    H N N 98  
GLN H2   H N N 99  
GLN HA   H N N 100 
GLN HB2  H N N 101 
GLN HB3  H N N 102 
GLN HG2  H N N 103 
GLN HG3  H N N 104 
GLN HE21 H N N 105 
GLN HE22 H N N 106 
GLN HXT  H N N 107 
GLU N    N N N 108 
GLU CA   C N S 109 
GLU C    C N N 110 
GLU O    O N N 111 
GLU CB   C N N 112 
GLU CG   C N N 113 
GLU CD   C N N 114 
GLU OE1  O N N 115 
GLU OE2  O N N 116 
GLU OXT  O N N 117 
GLU H    H N N 118 
GLU H2   H N N 119 
GLU HA   H N N 120 
GLU HB2  H N N 121 
GLU HB3  H N N 122 
GLU HG2  H N N 123 
GLU HG3  H N N 124 
GLU HE2  H N N 125 
GLU HXT  H N N 126 
GLY N    N N N 127 
GLY CA   C N N 128 
GLY C    C N N 129 
GLY O    O N N 130 
GLY OXT  O N N 131 
GLY H    H N N 132 
GLY H2   H N N 133 
GLY HA2  H N N 134 
GLY HA3  H N N 135 
GLY HXT  H N N 136 
HOH O    O N N 137 
HOH H1   H N N 138 
HOH H2   H N N 139 
ILE N    N N N 140 
ILE CA   C N S 141 
ILE C    C N N 142 
ILE O    O N N 143 
ILE CB   C N S 144 
ILE CG1  C N N 145 
ILE CG2  C N N 146 
ILE CD1  C N N 147 
ILE OXT  O N N 148 
ILE H    H N N 149 
ILE H2   H N N 150 
ILE HA   H N N 151 
ILE HB   H N N 152 
ILE HG12 H N N 153 
ILE HG13 H N N 154 
ILE HG21 H N N 155 
ILE HG22 H N N 156 
ILE HG23 H N N 157 
ILE HD11 H N N 158 
ILE HD12 H N N 159 
ILE HD13 H N N 160 
ILE HXT  H N N 161 
LEU N    N N N 162 
LEU CA   C N S 163 
LEU C    C N N 164 
LEU O    O N N 165 
LEU CB   C N N 166 
LEU CG   C N N 167 
LEU CD1  C N N 168 
LEU CD2  C N N 169 
LEU OXT  O N N 170 
LEU H    H N N 171 
LEU H2   H N N 172 
LEU HA   H N N 173 
LEU HB2  H N N 174 
LEU HB3  H N N 175 
LEU HG   H N N 176 
LEU HD11 H N N 177 
LEU HD12 H N N 178 
LEU HD13 H N N 179 
LEU HD21 H N N 180 
LEU HD22 H N N 181 
LEU HD23 H N N 182 
LEU HXT  H N N 183 
LYS N    N N N 184 
LYS CA   C N S 185 
LYS C    C N N 186 
LYS O    O N N 187 
LYS CB   C N N 188 
LYS CG   C N N 189 
LYS CD   C N N 190 
LYS CE   C N N 191 
LYS NZ   N N N 192 
LYS OXT  O N N 193 
LYS H    H N N 194 
LYS H2   H N N 195 
LYS HA   H N N 196 
LYS HB2  H N N 197 
LYS HB3  H N N 198 
LYS HG2  H N N 199 
LYS HG3  H N N 200 
LYS HD2  H N N 201 
LYS HD3  H N N 202 
LYS HE2  H N N 203 
LYS HE3  H N N 204 
LYS HZ1  H N N 205 
LYS HZ2  H N N 206 
LYS HZ3  H N N 207 
LYS HXT  H N N 208 
MET N    N N N 209 
MET CA   C N S 210 
MET C    C N N 211 
MET O    O N N 212 
MET CB   C N N 213 
MET CG   C N N 214 
MET SD   S N N 215 
MET CE   C N N 216 
MET OXT  O N N 217 
MET H    H N N 218 
MET H2   H N N 219 
MET HA   H N N 220 
MET HB2  H N N 221 
MET HB3  H N N 222 
MET HG2  H N N 223 
MET HG3  H N N 224 
MET HE1  H N N 225 
MET HE2  H N N 226 
MET HE3  H N N 227 
MET HXT  H N N 228 
PHE N    N N N 229 
PHE CA   C N S 230 
PHE C    C N N 231 
PHE O    O N N 232 
PHE CB   C N N 233 
PHE CG   C Y N 234 
PHE CD1  C Y N 235 
PHE CD2  C Y N 236 
PHE CE1  C Y N 237 
PHE CE2  C Y N 238 
PHE CZ   C Y N 239 
PHE OXT  O N N 240 
PHE H    H N N 241 
PHE H2   H N N 242 
PHE HA   H N N 243 
PHE HB2  H N N 244 
PHE HB3  H N N 245 
PHE HD1  H N N 246 
PHE HD2  H N N 247 
PHE HE1  H N N 248 
PHE HE2  H N N 249 
PHE HZ   H N N 250 
PHE HXT  H N N 251 
PO4 P    P N N 252 
PO4 O1   O N N 253 
PO4 O2   O N N 254 
PO4 O3   O N N 255 
PO4 O4   O N N 256 
PRO N    N N N 257 
PRO CA   C N S 258 
PRO C    C N N 259 
PRO O    O N N 260 
PRO CB   C N N 261 
PRO CG   C N N 262 
PRO CD   C N N 263 
PRO OXT  O N N 264 
PRO H    H N N 265 
PRO HA   H N N 266 
PRO HB2  H N N 267 
PRO HB3  H N N 268 
PRO HG2  H N N 269 
PRO HG3  H N N 270 
PRO HD2  H N N 271 
PRO HD3  H N N 272 
PRO HXT  H N N 273 
SER N    N N N 274 
SER CA   C N S 275 
SER C    C N N 276 
SER O    O N N 277 
SER CB   C N N 278 
SER OG   O N N 279 
SER OXT  O N N 280 
SER H    H N N 281 
SER H2   H N N 282 
SER HA   H N N 283 
SER HB2  H N N 284 
SER HB3  H N N 285 
SER HG   H N N 286 
SER HXT  H N N 287 
THR N    N N N 288 
THR CA   C N S 289 
THR C    C N N 290 
THR O    O N N 291 
THR CB   C N R 292 
THR OG1  O N N 293 
THR CG2  C N N 294 
THR OXT  O N N 295 
THR H    H N N 296 
THR H2   H N N 297 
THR HA   H N N 298 
THR HB   H N N 299 
THR HG1  H N N 300 
THR HG21 H N N 301 
THR HG22 H N N 302 
THR HG23 H N N 303 
THR HXT  H N N 304 
TYR N    N N N 305 
TYR CA   C N S 306 
TYR C    C N N 307 
TYR O    O N N 308 
TYR CB   C N N 309 
TYR CG   C Y N 310 
TYR CD1  C Y N 311 
TYR CD2  C Y N 312 
TYR CE1  C Y N 313 
TYR CE2  C Y N 314 
TYR CZ   C Y N 315 
TYR OH   O N N 316 
TYR OXT  O N N 317 
TYR H    H N N 318 
TYR H2   H N N 319 
TYR HA   H N N 320 
TYR HB2  H N N 321 
TYR HB3  H N N 322 
TYR HD1  H N N 323 
TYR HD2  H N N 324 
TYR HE1  H N N 325 
TYR HE2  H N N 326 
TYR HH   H N N 327 
TYR HXT  H N N 328 
VAL N    N N N 329 
VAL CA   C N S 330 
VAL C    C N N 331 
VAL O    O N N 332 
VAL CB   C N N 333 
VAL CG1  C N N 334 
VAL CG2  C N N 335 
VAL OXT  O N N 336 
VAL H    H N N 337 
VAL H2   H N N 338 
VAL HA   H N N 339 
VAL HB   H N N 340 
VAL HG11 H N N 341 
VAL HG12 H N N 342 
VAL HG13 H N N 343 
VAL HG21 H N N 344 
VAL HG22 H N N 345 
VAL HG23 H N N 346 
VAL HXT  H N N 347 
# 
loop_
_chem_comp_bond.comp_id 
_chem_comp_bond.atom_id_1 
_chem_comp_bond.atom_id_2 
_chem_comp_bond.value_order 
_chem_comp_bond.pdbx_aromatic_flag 
_chem_comp_bond.pdbx_stereo_config 
_chem_comp_bond.pdbx_ordinal 
ALA N   CA   sing N N 1   
ALA N   H    sing N N 2   
ALA N   H2   sing N N 3   
ALA CA  C    sing N N 4   
ALA CA  CB   sing N N 5   
ALA CA  HA   sing N N 6   
ALA C   O    doub N N 7   
ALA C   OXT  sing N N 8   
ALA CB  HB1  sing N N 9   
ALA CB  HB2  sing N N 10  
ALA CB  HB3  sing N N 11  
ALA OXT HXT  sing N N 12  
ARG N   CA   sing N N 13  
ARG N   H    sing N N 14  
ARG N   H2   sing N N 15  
ARG CA  C    sing N N 16  
ARG CA  CB   sing N N 17  
ARG CA  HA   sing N N 18  
ARG C   O    doub N N 19  
ARG C   OXT  sing N N 20  
ARG CB  CG   sing N N 21  
ARG CB  HB2  sing N N 22  
ARG CB  HB3  sing N N 23  
ARG CG  CD   sing N N 24  
ARG CG  HG2  sing N N 25  
ARG CG  HG3  sing N N 26  
ARG CD  NE   sing N N 27  
ARG CD  HD2  sing N N 28  
ARG CD  HD3  sing N N 29  
ARG NE  CZ   sing N N 30  
ARG NE  HE   sing N N 31  
ARG CZ  NH1  sing N N 32  
ARG CZ  NH2  doub N N 33  
ARG NH1 HH11 sing N N 34  
ARG NH1 HH12 sing N N 35  
ARG NH2 HH21 sing N N 36  
ARG NH2 HH22 sing N N 37  
ARG OXT HXT  sing N N 38  
ASN N   CA   sing N N 39  
ASN N   H    sing N N 40  
ASN N   H2   sing N N 41  
ASN CA  C    sing N N 42  
ASN CA  CB   sing N N 43  
ASN CA  HA   sing N N 44  
ASN C   O    doub N N 45  
ASN C   OXT  sing N N 46  
ASN CB  CG   sing N N 47  
ASN CB  HB2  sing N N 48  
ASN CB  HB3  sing N N 49  
ASN CG  OD1  doub N N 50  
ASN CG  ND2  sing N N 51  
ASN ND2 HD21 sing N N 52  
ASN ND2 HD22 sing N N 53  
ASN OXT HXT  sing N N 54  
ASP N   CA   sing N N 55  
ASP N   H    sing N N 56  
ASP N   H2   sing N N 57  
ASP CA  C    sing N N 58  
ASP CA  CB   sing N N 59  
ASP CA  HA   sing N N 60  
ASP C   O    doub N N 61  
ASP C   OXT  sing N N 62  
ASP CB  CG   sing N N 63  
ASP CB  HB2  sing N N 64  
ASP CB  HB3  sing N N 65  
ASP CG  OD1  doub N N 66  
ASP CG  OD2  sing N N 67  
ASP OD2 HD2  sing N N 68  
ASP OXT HXT  sing N N 69  
CYS N   CA   sing N N 70  
CYS N   H    sing N N 71  
CYS N   H2   sing N N 72  
CYS CA  C    sing N N 73  
CYS CA  CB   sing N N 74  
CYS CA  HA   sing N N 75  
CYS C   O    doub N N 76  
CYS C   OXT  sing N N 77  
CYS CB  SG   sing N N 78  
CYS CB  HB2  sing N N 79  
CYS CB  HB3  sing N N 80  
CYS SG  HG   sing N N 81  
CYS OXT HXT  sing N N 82  
GLN N   CA   sing N N 83  
GLN N   H    sing N N 84  
GLN N   H2   sing N N 85  
GLN CA  C    sing N N 86  
GLN CA  CB   sing N N 87  
GLN CA  HA   sing N N 88  
GLN C   O    doub N N 89  
GLN C   OXT  sing N N 90  
GLN CB  CG   sing N N 91  
GLN CB  HB2  sing N N 92  
GLN CB  HB3  sing N N 93  
GLN CG  CD   sing N N 94  
GLN CG  HG2  sing N N 95  
GLN CG  HG3  sing N N 96  
GLN CD  OE1  doub N N 97  
GLN CD  NE2  sing N N 98  
GLN NE2 HE21 sing N N 99  
GLN NE2 HE22 sing N N 100 
GLN OXT HXT  sing N N 101 
GLU N   CA   sing N N 102 
GLU N   H    sing N N 103 
GLU N   H2   sing N N 104 
GLU CA  C    sing N N 105 
GLU CA  CB   sing N N 106 
GLU CA  HA   sing N N 107 
GLU C   O    doub N N 108 
GLU C   OXT  sing N N 109 
GLU CB  CG   sing N N 110 
GLU CB  HB2  sing N N 111 
GLU CB  HB3  sing N N 112 
GLU CG  CD   sing N N 113 
GLU CG  HG2  sing N N 114 
GLU CG  HG3  sing N N 115 
GLU CD  OE1  doub N N 116 
GLU CD  OE2  sing N N 117 
GLU OE2 HE2  sing N N 118 
GLU OXT HXT  sing N N 119 
GLY N   CA   sing N N 120 
GLY N   H    sing N N 121 
GLY N   H2   sing N N 122 
GLY CA  C    sing N N 123 
GLY CA  HA2  sing N N 124 
GLY CA  HA3  sing N N 125 
GLY C   O    doub N N 126 
GLY C   OXT  sing N N 127 
GLY OXT HXT  sing N N 128 
HOH O   H1   sing N N 129 
HOH O   H2   sing N N 130 
ILE N   CA   sing N N 131 
ILE N   H    sing N N 132 
ILE N   H2   sing N N 133 
ILE CA  C    sing N N 134 
ILE CA  CB   sing N N 135 
ILE CA  HA   sing N N 136 
ILE C   O    doub N N 137 
ILE C   OXT  sing N N 138 
ILE CB  CG1  sing N N 139 
ILE CB  CG2  sing N N 140 
ILE CB  HB   sing N N 141 
ILE CG1 CD1  sing N N 142 
ILE CG1 HG12 sing N N 143 
ILE CG1 HG13 sing N N 144 
ILE CG2 HG21 sing N N 145 
ILE CG2 HG22 sing N N 146 
ILE CG2 HG23 sing N N 147 
ILE CD1 HD11 sing N N 148 
ILE CD1 HD12 sing N N 149 
ILE CD1 HD13 sing N N 150 
ILE OXT HXT  sing N N 151 
LEU N   CA   sing N N 152 
LEU N   H    sing N N 153 
LEU N   H2   sing N N 154 
LEU CA  C    sing N N 155 
LEU CA  CB   sing N N 156 
LEU CA  HA   sing N N 157 
LEU C   O    doub N N 158 
LEU C   OXT  sing N N 159 
LEU CB  CG   sing N N 160 
LEU CB  HB2  sing N N 161 
LEU CB  HB3  sing N N 162 
LEU CG  CD1  sing N N 163 
LEU CG  CD2  sing N N 164 
LEU CG  HG   sing N N 165 
LEU CD1 HD11 sing N N 166 
LEU CD1 HD12 sing N N 167 
LEU CD1 HD13 sing N N 168 
LEU CD2 HD21 sing N N 169 
LEU CD2 HD22 sing N N 170 
LEU CD2 HD23 sing N N 171 
LEU OXT HXT  sing N N 172 
LYS N   CA   sing N N 173 
LYS N   H    sing N N 174 
LYS N   H2   sing N N 175 
LYS CA  C    sing N N 176 
LYS CA  CB   sing N N 177 
LYS CA  HA   sing N N 178 
LYS C   O    doub N N 179 
LYS C   OXT  sing N N 180 
LYS CB  CG   sing N N 181 
LYS CB  HB2  sing N N 182 
LYS CB  HB3  sing N N 183 
LYS CG  CD   sing N N 184 
LYS CG  HG2  sing N N 185 
LYS CG  HG3  sing N N 186 
LYS CD  CE   sing N N 187 
LYS CD  HD2  sing N N 188 
LYS CD  HD3  sing N N 189 
LYS CE  NZ   sing N N 190 
LYS CE  HE2  sing N N 191 
LYS CE  HE3  sing N N 192 
LYS NZ  HZ1  sing N N 193 
LYS NZ  HZ2  sing N N 194 
LYS NZ  HZ3  sing N N 195 
LYS OXT HXT  sing N N 196 
MET N   CA   sing N N 197 
MET N   H    sing N N 198 
MET N   H2   sing N N 199 
MET CA  C    sing N N 200 
MET CA  CB   sing N N 201 
MET CA  HA   sing N N 202 
MET C   O    doub N N 203 
MET C   OXT  sing N N 204 
MET CB  CG   sing N N 205 
MET CB  HB2  sing N N 206 
MET CB  HB3  sing N N 207 
MET CG  SD   sing N N 208 
MET CG  HG2  sing N N 209 
MET CG  HG3  sing N N 210 
MET SD  CE   sing N N 211 
MET CE  HE1  sing N N 212 
MET CE  HE2  sing N N 213 
MET CE  HE3  sing N N 214 
MET OXT HXT  sing N N 215 
PHE N   CA   sing N N 216 
PHE N   H    sing N N 217 
PHE N   H2   sing N N 218 
PHE CA  C    sing N N 219 
PHE CA  CB   sing N N 220 
PHE CA  HA   sing N N 221 
PHE C   O    doub N N 222 
PHE C   OXT  sing N N 223 
PHE CB  CG   sing N N 224 
PHE CB  HB2  sing N N 225 
PHE CB  HB3  sing N N 226 
PHE CG  CD1  doub Y N 227 
PHE CG  CD2  sing Y N 228 
PHE CD1 CE1  sing Y N 229 
PHE CD1 HD1  sing N N 230 
PHE CD2 CE2  doub Y N 231 
PHE CD2 HD2  sing N N 232 
PHE CE1 CZ   doub Y N 233 
PHE CE1 HE1  sing N N 234 
PHE CE2 CZ   sing Y N 235 
PHE CE2 HE2  sing N N 236 
PHE CZ  HZ   sing N N 237 
PHE OXT HXT  sing N N 238 
PO4 P   O1   doub N N 239 
PO4 P   O2   sing N N 240 
PO4 P   O3   sing N N 241 
PO4 P   O4   sing N N 242 
PRO N   CA   sing N N 243 
PRO N   CD   sing N N 244 
PRO N   H    sing N N 245 
PRO CA  C    sing N N 246 
PRO CA  CB   sing N N 247 
PRO CA  HA   sing N N 248 
PRO C   O    doub N N 249 
PRO C   OXT  sing N N 250 
PRO CB  CG   sing N N 251 
PRO CB  HB2  sing N N 252 
PRO CB  HB3  sing N N 253 
PRO CG  CD   sing N N 254 
PRO CG  HG2  sing N N 255 
PRO CG  HG3  sing N N 256 
PRO CD  HD2  sing N N 257 
PRO CD  HD3  sing N N 258 
PRO OXT HXT  sing N N 259 
SER N   CA   sing N N 260 
SER N   H    sing N N 261 
SER N   H2   sing N N 262 
SER CA  C    sing N N 263 
SER CA  CB   sing N N 264 
SER CA  HA   sing N N 265 
SER C   O    doub N N 266 
SER C   OXT  sing N N 267 
SER CB  OG   sing N N 268 
SER CB  HB2  sing N N 269 
SER CB  HB3  sing N N 270 
SER OG  HG   sing N N 271 
SER OXT HXT  sing N N 272 
THR N   CA   sing N N 273 
THR N   H    sing N N 274 
THR N   H2   sing N N 275 
THR CA  C    sing N N 276 
THR CA  CB   sing N N 277 
THR CA  HA   sing N N 278 
THR C   O    doub N N 279 
THR C   OXT  sing N N 280 
THR CB  OG1  sing N N 281 
THR CB  CG2  sing N N 282 
THR CB  HB   sing N N 283 
THR OG1 HG1  sing N N 284 
THR CG2 HG21 sing N N 285 
THR CG2 HG22 sing N N 286 
THR CG2 HG23 sing N N 287 
THR OXT HXT  sing N N 288 
TYR N   CA   sing N N 289 
TYR N   H    sing N N 290 
TYR N   H2   sing N N 291 
TYR CA  C    sing N N 292 
TYR CA  CB   sing N N 293 
TYR CA  HA   sing N N 294 
TYR C   O    doub N N 295 
TYR C   OXT  sing N N 296 
TYR CB  CG   sing N N 297 
TYR CB  HB2  sing N N 298 
TYR CB  HB3  sing N N 299 
TYR CG  CD1  doub Y N 300 
TYR CG  CD2  sing Y N 301 
TYR CD1 CE1  sing Y N 302 
TYR CD1 HD1  sing N N 303 
TYR CD2 CE2  doub Y N 304 
TYR CD2 HD2  sing N N 305 
TYR CE1 CZ   doub Y N 306 
TYR CE1 HE1  sing N N 307 
TYR CE2 CZ   sing Y N 308 
TYR CE2 HE2  sing N N 309 
TYR CZ  OH   sing N N 310 
TYR OH  HH   sing N N 311 
TYR OXT HXT  sing N N 312 
VAL N   CA   sing N N 313 
VAL N   H    sing N N 314 
VAL N   H2   sing N N 315 
VAL CA  C    sing N N 316 
VAL CA  CB   sing N N 317 
VAL CA  HA   sing N N 318 
VAL C   O    doub N N 319 
VAL C   OXT  sing N N 320 
VAL CB  CG1  sing N N 321 
VAL CB  CG2  sing N N 322 
VAL CB  HB   sing N N 323 
VAL CG1 HG11 sing N N 324 
VAL CG1 HG12 sing N N 325 
VAL CG1 HG13 sing N N 326 
VAL CG2 HG21 sing N N 327 
VAL CG2 HG22 sing N N 328 
VAL CG2 HG23 sing N N 329 
VAL OXT HXT  sing N N 330 
# 
loop_
_pdbx_audit_support.funding_organization 
_pdbx_audit_support.country 
_pdbx_audit_support.grant_number 
_pdbx_audit_support.ordinal 
MINECO Spain BFU2013-47064-P      1 
MINECO Spain BFU2010-19504        2 
MINECO Spain CTQ2013-44367-C2-2-P 3 
# 
_pdbx_initial_refinement_model.id               1 
_pdbx_initial_refinement_model.entity_id_list   ? 
_pdbx_initial_refinement_model.type             'experimental model' 
_pdbx_initial_refinement_model.source_name      PDB 
_pdbx_initial_refinement_model.accession_code   5LJI 
_pdbx_initial_refinement_model.details          ? 
# 
_atom_sites.entry_id                    5LJL 
_atom_sites.fract_transf_matrix[1][1]   -0.01565706 
_atom_sites.fract_transf_matrix[1][2]   0.02790678 
_atom_sites.fract_transf_matrix[1][3]   0.00983757 
_atom_sites.fract_transf_matrix[2][1]   0.01374733 
_atom_sites.fract_transf_matrix[2][2]   0.00505598 
_atom_sites.fract_transf_matrix[2][3]   0.00753709 
_atom_sites.fract_transf_matrix[3][1]   0.00471192 
_atom_sites.fract_transf_matrix[3][2]   0.00743031 
_atom_sites.fract_transf_matrix[3][3]   -0.01357869 
_atom_sites.fract_transf_vector[1]      0.220653 
_atom_sites.fract_transf_vector[2]      0.092493 
_atom_sites.fract_transf_vector[3]      0.233915 
# 
loop_
_atom_type.symbol 
C 
N 
O 
P 
S 
# 
loop_
_atom_site.group_PDB 
_atom_site.id 
_atom_site.type_symbol 
_atom_site.label_atom_id 
_atom_site.label_alt_id 
_atom_site.label_comp_id 
_atom_site.label_asym_id 
_atom_site.label_entity_id 
_atom_site.label_seq_id 
_atom_site.pdbx_PDB_ins_code 
_atom_site.Cartn_x 
_atom_site.Cartn_y 
_atom_site.Cartn_z 
_atom_site.occupancy 
_atom_site.B_iso_or_equiv 
_atom_site.pdbx_formal_charge 
_atom_site.auth_seq_id 
_atom_site.auth_comp_id 
_atom_site.auth_asym_id 
_atom_site.auth_atom_id 
_atom_site.pdbx_PDB_model_num 
ATOM   1    N N   . GLY A 1 1   ? -4.620  -19.715 7.124   1.00 34.42 ? 0   GLY A N   1 
ATOM   2    C CA  . GLY A 1 1   ? -4.808  -18.348 7.719   1.00 33.18 ? 0   GLY A CA  1 
ATOM   3    C C   . GLY A 1 1   ? -6.155  -17.728 7.365   1.00 28.28 ? 0   GLY A C   1 
ATOM   4    O O   . GLY A 1 1   ? -6.876  -18.207 6.499   1.00 27.35 ? 0   GLY A O   1 
ATOM   5    N N   . MET A 1 2   ? -6.446  -16.588 7.980   1.00 25.94 ? 1   MET A N   1 
ATOM   6    C CA  . MET A 1 2   ? -7.675  -15.827 7.697   1.00 23.50 ? 1   MET A CA  1 
ATOM   7    C C   . MET A 1 2   ? -7.860  -15.487 6.216   1.00 27.82 ? 1   MET A C   1 
ATOM   8    O O   . MET A 1 2   ? -8.992  -15.476 5.716   1.00 27.69 ? 1   MET A O   1 
ATOM   9    C CB  . MET A 1 2   ? -7.747  -14.576 8.586   1.00 25.69 ? 1   MET A CB  1 
ATOM   10   C CG  . MET A 1 2   ? -8.976  -13.671 8.345   1.00 26.88 ? 1   MET A CG  1 
ATOM   11   S SD  . MET A 1 2   ? -9.216  -12.640 9.817   1.00 31.11 ? 1   MET A SD  1 
ATOM   12   C CE  . MET A 1 2   ? -10.704 -11.765 9.349   1.00 26.82 ? 1   MET A CE  1 
ATOM   13   N N   . ALA A 1 3   ? -6.734  -15.251 5.518   1.00 26.22 ? 2   ALA A N   1 
ATOM   14   C CA  . ALA A 1 3   ? -6.659  -14.835 4.101   1.00 21.41 ? 2   ALA A CA  1 
ATOM   15   C C   . ALA A 1 3   ? -5.146  -14.584 3.830   1.00 19.78 ? 2   ALA A C   1 
ATOM   16   O O   . ALA A 1 3   ? -4.355  -14.659 4.771   1.00 17.23 ? 2   ALA A O   1 
ATOM   17   C CB  . ALA A 1 3   ? -7.495  -13.573 3.890   1.00 22.31 ? 2   ALA A CB  1 
ATOM   18   N N   . LEU A 1 4   ? -4.786  -14.263 2.586   1.00 18.66 ? 3   LEU A N   1 
ATOM   19   C CA  . LEU A 1 4   ? -3.415  -13.889 2.187   1.00 16.32 ? 3   LEU A CA  1 
ATOM   20   C C   . LEU A 1 4   ? -3.367  -12.394 1.753   1.00 14.92 ? 3   LEU A C   1 
ATOM   21   O O   . LEU A 1 4   ? -4.138  -12.010 0.882   1.00 14.91 ? 3   LEU A O   1 
ATOM   22   C CB  . LEU A 1 4   ? -2.975  -14.766 1.027   1.00 16.87 ? 3   LEU A CB  1 
ATOM   23   C CG  . LEU A 1 4   ? -1.589  -14.379 0.430   1.00 16.46 ? 3   LEU A CG  1 
ATOM   24   C CD1 . LEU A 1 4   ? -0.581  -14.358 1.525   1.00 17.25 ? 3   LEU A CD1 1 
ATOM   25   C CD2 . LEU A 1 4   ? -1.191  -15.287 -0.746  1.00 18.04 ? 3   LEU A CD2 1 
ATOM   26   N N   . ALA A 1 5   ? -2.589  -11.563 2.450   1.00 13.49 ? 4   ALA A N   1 
ATOM   27   C CA  . ALA A 1 5   ? -2.371  -10.147 2.092   1.00 12.22 ? 4   ALA A CA  1 
ATOM   28   C C   . ALA A 1 5   ? -0.920  -10.018 1.549   1.00 12.76 ? 4   ALA A C   1 
ATOM   29   O O   . ALA A 1 5   ? 0.013   -10.563 2.155   1.00 13.15 ? 4   ALA A O   1 
ATOM   30   C CB  . ALA A 1 5   ? -2.555  -9.281  3.286   1.00 11.12 ? 4   ALA A CB  1 
ATOM   31   N N   . LYS A 1 6   ? -0.741  -9.316  0.410   1.00 11.44 ? 5   LYS A N   1 
ATOM   32   C CA  . LYS A 1 6   ? 0.606   -8.980  -0.165  1.00 11.93 ? 5   LYS A CA  1 
ATOM   33   C C   . LYS A 1 6   ? 0.751   -7.470  -0.061  1.00 11.39 ? 5   LYS A C   1 
ATOM   34   O O   . LYS A 1 6   ? -0.121  -6.739  -0.565  1.00 11.63 ? 5   LYS A O   1 
ATOM   35   C CB  . LYS A 1 6   ? 0.734   -9.505  -1.570  1.00 11.39 ? 5   LYS A CB  1 
ATOM   36   C CG  . LYS A 1 6   ? 0.955   -11.019 -1.658  1.00 11.93 ? 5   LYS A CG  1 
ATOM   37   C CD  . LYS A 1 6   ? 1.024   -11.468 -3.115  1.00 13.09 ? 5   LYS A CD  1 
ATOM   38   C CE  . LYS A 1 6   ? 1.352   -12.936 -3.372  1.00 14.85 ? 5   LYS A CE  1 
ATOM   39   N NZ  . LYS A 1 6   ? 2.648   -13.290 -2.828  1.00 16.51 ? 5   LYS A NZ  1 
ATOM   40   N N   . ILE A 1 7   ? 1.730   -7.031  0.711   1.00 10.36 ? 6   ILE A N   1 
ATOM   41   C CA  . ILE A 1 7   ? 2.049   -5.611  0.879   1.00 10.39 ? 6   ILE A CA  1 
ATOM   42   C C   . ILE A 1 7   ? 3.329   -5.313  0.105   1.00 12.07 ? 6   ILE A C   1 
ATOM   43   O O   . ILE A 1 7   ? 4.382   -5.993  0.334   1.00 11.85 ? 6   ILE A O   1 
ATOM   44   C CB  . ILE A 1 7   ? 2.220   -5.267  2.401   1.00 11.55 ? 6   ILE A CB  1 
ATOM   45   C CG1 . ILE A 1 7   ? 0.958   -5.585  3.202   1.00 12.15 ? 6   ILE A CG1 1 
ATOM   46   C CG2 . ILE A 1 7   ? 2.690   -3.818  2.632   1.00 11.79 ? 6   ILE A CG2 1 
ATOM   47   C CD1 . ILE A 1 7   ? 1.135   -5.428  4.718   1.00 13.39 ? 6   ILE A CD1 1 
ATOM   48   N N   . VAL A 1 8   ? 3.273   -4.350  -0.806  1.00 11.31 ? 7   VAL A N   1 
ATOM   49   C CA  . VAL A 1 8   ? 4.452   -3.970  -1.608  1.00 11.84 ? 7   VAL A CA  1 
ATOM   50   C C   . VAL A 1 8   ? 4.792   -2.554  -1.253  1.00 11.47 ? 7   VAL A C   1 
ATOM   51   O O   . VAL A 1 8   ? 3.907   -1.675  -1.315  1.00 10.78 ? 7   VAL A O   1 
ATOM   52   C CB  . VAL A 1 8   ? 4.183   -4.165  -3.105  1.00 12.77 ? 7   VAL A CB  1 
ATOM   53   C CG1 . VAL A 1 8   ? 5.424   -3.769  -3.918  1.00 13.11 ? 7   VAL A CG1 1 
ATOM   54   C CG2 . VAL A 1 8   ? 3.762   -5.601  -3.362  1.00 13.41 ? 7   VAL A CG2 1 
ATOM   55   N N   . PHE A 1 9   ? 6.047   -2.301  -0.915  1.00 9.68  ? 8   PHE A N   1 
ATOM   56   C CA  . PHE A 1 9   ? 6.462   -0.984  -0.471  1.00 10.91 ? 8   PHE A CA  1 
ATOM   57   C C   . PHE A 1 9   ? 7.636   -0.404  -1.273  1.00 10.91 ? 8   PHE A C   1 
ATOM   58   O O   . PHE A 1 9   ? 8.427   -1.152  -1.903  1.00 11.78 ? 8   PHE A O   1 
ATOM   59   C CB  . PHE A 1 9   ? 6.786   -0.921  1.039   1.00 11.10 ? 8   PHE A CB  1 
ATOM   60   C CG  . PHE A 1 9   ? 8.050   -1.629  1.441   1.00 11.99 ? 8   PHE A CG  1 
ATOM   61   C CD1 . PHE A 1 9   ? 9.275   -0.986  1.342   1.00 12.58 ? 8   PHE A CD1 1 
ATOM   62   C CD2 . PHE A 1 9   ? 7.990   -2.944  1.898   1.00 12.41 ? 8   PHE A CD2 1 
ATOM   63   C CE1 . PHE A 1 9   ? 10.437  -1.661  1.726   1.00 12.97 ? 8   PHE A CE1 1 
ATOM   64   C CE2 . PHE A 1 9   ? 9.138   -3.628  2.278   1.00 12.49 ? 8   PHE A CE2 1 
ATOM   65   C CZ  . PHE A 1 9   ? 10.350  -2.979  2.168   1.00 12.68 ? 8   PHE A CZ  1 
ATOM   66   N N   . ALA A 1 10  ? 7.718   0.909   -1.280  1.00 12.28 ? 9   ALA A N   1 
ATOM   67   C CA  . ALA A 1 10  ? 8.904   1.647   -1.703  1.00 12.72 ? 9   ALA A CA  1 
ATOM   68   C C   . ALA A 1 10  ? 9.240   2.600   -0.538  1.00 12.34 ? 9   ALA A C   1 
ATOM   69   O O   . ALA A 1 10  ? 8.327   3.244   0.008   1.00 13.31 ? 9   ALA A O   1 
ATOM   70   C CB  . ALA A 1 10  ? 8.623   2.413   -2.964  1.00 13.47 ? 9   ALA A CB  1 
ATOM   71   N N   . SER A 1 11  ? 10.514  2.772   -0.243  1.00 12.74 ? 10  SER A N   1 
ATOM   72   C CA  . SER A 1 11  ? 10.937  3.565   0.895   1.00 13.40 ? 10  SER A CA  1 
ATOM   73   C C   . SER A 1 11  ? 12.353  4.070   0.661   1.00 16.05 ? 10  SER A C   1 
ATOM   74   O O   . SER A 1 11  ? 13.233  3.255   0.369   1.00 16.28 ? 10  SER A O   1 
ATOM   75   C CB  . SER A 1 11  ? 10.876  2.736   2.184   1.00 14.35 ? 10  SER A CB  1 
ATOM   76   O OG  . SER A 1 11  ? 11.123  3.563   3.330   1.00 14.64 ? 10  SER A OG  1 
ATOM   77   N N   . MET A 1 12  ? 12.557  5.372   0.759   1.00 16.34 ? 11  MET A N   1 
ATOM   78   C CA  . MET A 1 12  ? 13.914  5.982   0.620   1.00 18.56 ? 11  MET A CA  1 
ATOM   79   C C   . MET A 1 12  ? 14.563  6.192   1.985   1.00 17.59 ? 11  MET A C   1 
ATOM   80   O O   . MET A 1 12  ? 15.746  5.815   2.166   1.00 18.06 ? 11  MET A O   1 
ATOM   81   C CB  . MET A 1 12  ? 13.844  7.338   -0.175  1.00 23.69 ? 11  MET A CB  1 
ATOM   82   C CG  . MET A 1 12  ? 15.175  7.849   -0.707  1.00 28.95 ? 11  MET A CG  1 
ATOM   83   S SD  . MET A 1 12  ? 14.780  9.266   -1.780  1.00 41.55 ? 11  MET A SD  1 
ATOM   84   C CE  . MET A 1 12  ? 14.814  8.345   -3.330  1.00 39.85 ? 11  MET A CE  1 
ATOM   85   N N   . THR A 1 13  ? 13.851  6.835   2.910   1.00 16.27 ? 12  THR A N   1 
ATOM   86   C CA  . THR A 1 13  ? 14.380  7.182   4.232   1.00 15.60 ? 12  THR A CA  1 
ATOM   87   C C   . THR A 1 13  ? 13.665  6.410   5.388   1.00 14.61 ? 12  THR A C   1 
ATOM   88   O O   . THR A 1 13  ? 13.774  6.760   6.551   1.00 14.81 ? 12  THR A O   1 
ATOM   89   C CB  . THR A 1 13  ? 14.438  8.726   4.510   1.00 15.70 ? 12  THR A CB  1 
ATOM   90   O OG1 . THR A 1 13  ? 13.157  9.330   4.265   1.00 17.38 ? 12  THR A OG1 1 
ATOM   91   C CG2 . THR A 1 13  ? 15.429  9.403   3.642   1.00 17.71 ? 12  THR A CG2 1 
ATOM   92   N N   . GLY A 1 14  ? 13.091  5.241   5.049   1.00 14.52 ? 13  GLY A N   1 
ATOM   93   C CA  . GLY A 1 14  ? 12.570  4.295   6.058   1.00 13.50 ? 13  GLY A CA  1 
ATOM   94   C C   . GLY A 1 14  ? 11.166  4.479   6.579   1.00 13.24 ? 13  GLY A C   1 
ATOM   95   O O   . GLY A 1 14  ? 10.610  3.555   7.200   1.00 14.76 ? 13  GLY A O   1 
ATOM   96   N N   . ASN A 1 15  ? 10.577  5.642   6.369   1.00 13.16 ? 14  ASN A N   1 
ATOM   97   C CA  . ASN A 1 15  ? 9.277   5.899   6.981   1.00 12.86 ? 14  ASN A CA  1 
ATOM   98   C C   . ASN A 1 15  ? 8.216   5.003   6.421   1.00 11.53 ? 14  ASN A C   1 
ATOM   99   O O   . ASN A 1 15  ? 7.330   4.475   7.156   1.00 11.19 ? 14  ASN A O   1 
ATOM   100  C CB  . ASN A 1 15  ? 8.852   7.337   6.845   1.00 12.89 ? 14  ASN A CB  1 
ATOM   101  C CG  . ASN A 1 15  ? 9.759   8.285   7.614   1.00 13.73 ? 14  ASN A CG  1 
ATOM   102  O OD1 . ASN A 1 15  ? 10.244  7.952   8.687   1.00 15.76 ? 14  ASN A OD1 1 
ATOM   103  N ND2 . ASN A 1 15  ? 10.019  9.416   7.061   1.00 15.22 ? 14  ASN A ND2 1 
ATOM   104  N N   . THR A 1 16  ? 8.209   4.881   5.096   1.00 10.23 ? 15  THR A N   1 
ATOM   105  C CA  . THR A 1 16  ? 7.209   4.094   4.432   1.00 11.23 ? 15  THR A CA  1 
ATOM   106  C C   . THR A 1 16  ? 7.366   2.634   4.707   1.00 11.67 ? 15  THR A C   1 
ATOM   107  O O   . THR A 1 16  ? 6.374   1.934   4.850   1.00 12.15 ? 15  THR A O   1 
ATOM   108  C CB  . THR A 1 16  ? 7.105   4.433   2.905   1.00 10.55 ? 15  THR A CB  1 
ATOM   109  O OG1 . THR A 1 16  ? 6.847   5.846   2.775   1.00 9.93  ? 15  THR A OG1 1 
ATOM   110  C CG2 . THR A 1 16  ? 5.999   3.649   2.249   1.00 11.48 ? 15  THR A CG2 1 
ATOM   111  N N   . GLU A 1 17  ? 8.608   2.139   4.845   1.00 12.41 ? 16  GLU A N   1 
ATOM   112  C CA  . GLU A 1 17  ? 8.820   0.766   5.253   1.00 12.86 ? 16  GLU A CA  1 
ATOM   113  C C   . GLU A 1 17  ? 8.227   0.451   6.648   1.00 12.54 ? 16  GLU A C   1 
ATOM   114  O O   . GLU A 1 17  ? 7.513   -0.579  6.823   1.00 13.15 ? 16  GLU A O   1 
ATOM   115  C CB  . GLU A 1 17  ? 10.297  0.289   5.172   1.00 14.56 ? 16  GLU A CB  1 
ATOM   116  C CG  . GLU A 1 17  ? 10.417  -1.168  5.484   1.00 15.90 ? 16  GLU A CG  1 
ATOM   117  C CD  . GLU A 1 17  ? 11.784  -1.786  5.366   1.00 19.58 ? 16  GLU A CD  1 
ATOM   118  O OE1 . GLU A 1 17  ? 12.763  -1.100  5.011   1.00 21.50 ? 16  GLU A OE1 1 
ATOM   119  O OE2 . GLU A 1 17  ? 11.804  -3.046  5.593   1.00 22.95 ? 16  GLU A OE2 1 
ATOM   120  N N   . GLU A 1 18  ? 8.407   1.381   7.561   1.00 13.43 ? 17  GLU A N   1 
ATOM   121  C CA  . GLU A 1 18  ? 7.925   1.230   8.925   1.00 15.31 ? 17  GLU A CA  1 
ATOM   122  C C   . GLU A 1 18  ? 6.376   1.165   8.936   1.00 14.26 ? 17  GLU A C   1 
ATOM   123  O O   . GLU A 1 18  ? 5.766   0.358   9.639   1.00 13.65 ? 17  GLU A O   1 
ATOM   124  C CB  . GLU A 1 18  ? 8.348   2.412   9.766   1.00 16.99 ? 17  GLU A CB  1 
ATOM   125  C CG  . GLU A 1 18  ? 7.872   2.284   11.166  1.00 22.32 ? 17  GLU A CG  1 
ATOM   126  C CD  . GLU A 1 18  ? 8.574   3.198   12.104  1.00 28.76 ? 17  GLU A CD  1 
ATOM   127  O OE1 . GLU A 1 18  ? 8.901   2.698   13.202  1.00 34.65 ? 17  GLU A OE1 1 
ATOM   128  O OE2 . GLU A 1 18  ? 8.768   4.391   11.749  1.00 28.61 ? 17  GLU A OE2 1 
ATOM   129  N N   . ILE A 1 19  ? 5.775   1.990   8.106   1.00 12.77 ? 18  ILE A N   1 
ATOM   130  C CA  . ILE A 1 19  ? 4.309   2.014   7.931   1.00 12.83 ? 18  ILE A CA  1 
ATOM   131  C C   . ILE A 1 19  ? 3.789   0.725   7.373   1.00 12.47 ? 18  ILE A C   1 
ATOM   132  O O   . ILE A 1 19  ? 2.753   0.226   7.852   1.00 12.79 ? 18  ILE A O   1 
ATOM   133  C CB  . ILE A 1 19  ? 3.955   3.225   7.056   1.00 14.16 ? 18  ILE A CB  1 
ATOM   134  C CG1 . ILE A 1 19  ? 4.152   4.547   7.854   1.00 14.42 ? 18  ILE A CG1 1 
ATOM   135  C CG2 . ILE A 1 19  ? 2.618   3.083   6.351   1.00 17.62 ? 18  ILE A CG2 1 
ATOM   136  C CD1 . ILE A 1 19  ? 4.249   5.760   6.896   1.00 14.84 ? 18  ILE A CD1 1 
ATOM   137  N N   . ALA A 1 20  ? 4.455   0.185   6.343   1.00 11.33 ? 19  ALA A N   1 
ATOM   138  C CA  . ALA A 1 20  ? 4.090   -1.120  5.773   1.00 12.02 ? 19  ALA A CA  1 
ATOM   139  C C   . ALA A 1 20  ? 4.114   -2.184  6.883   1.00 12.45 ? 19  ALA A C   1 
ATOM   140  O O   . ALA A 1 20  ? 3.247   -3.073  6.980   1.00 11.56 ? 19  ALA A O   1 
ATOM   141  C CB  . ALA A 1 20  ? 5.086   -1.484  4.665   1.00 12.27 ? 19  ALA A CB  1 
ATOM   142  N N   . ASP A 1 21  ? 5.186   -2.139  7.665   1.00 15.12 ? 20  ASP A N   1 
ATOM   143  C CA  . ASP A 1 21  ? 5.376   -3.078  8.768   1.00 16.01 ? 20  ASP A CA  1 
ATOM   144  C C   . ASP A 1 21  ? 4.318   -3.004  9.865   1.00 14.27 ? 20  ASP A C   1 
ATOM   145  O O   . ASP A 1 21  ? 3.905   -4.086  10.374  1.00 15.02 ? 20  ASP A O   1 
ATOM   146  C CB  . ASP A 1 21  ? 6.801   -2.936  9.325   1.00 16.65 ? 20  ASP A CB  1 
ATOM   147  C CG  . ASP A 1 21  ? 7.863   -3.498  8.395   1.00 19.26 ? 20  ASP A CG  1 
ATOM   148  O OD1 . ASP A 1 21  ? 7.595   -4.391  7.512   1.00 21.62 ? 20  ASP A OD1 1 
ATOM   149  O OD2 . ASP A 1 21  ? 9.029   -3.040  8.603   1.00 21.14 ? 20  ASP A OD2 1 
ATOM   150  N N   . ILE A 1 22  ? 3.857   -1.795  10.185  1.00 12.78 ? 21  ILE A N   1 
ATOM   151  C CA  . ILE A 1 22  ? 2.765   -1.637  11.123  1.00 13.21 ? 21  ILE A CA  1 
ATOM   152  C C   . ILE A 1 22  ? 1.497   -2.334  10.620  1.00 13.61 ? 21  ILE A C   1 
ATOM   153  O O   . ILE A 1 22  ? 0.771   -2.980  11.400  1.00 12.05 ? 21  ILE A O   1 
ATOM   154  C CB  . ILE A 1 22  ? 2.523   -0.148  11.424  1.00 13.96 ? 21  ILE A CB  1 
ATOM   155  C CG1 . ILE A 1 22  ? 3.703   0.417   12.197  1.00 15.59 ? 21  ILE A CG1 1 
ATOM   156  C CG2 . ILE A 1 22  ? 1.181   0.157   12.089  1.00 14.85 ? 21  ILE A CG2 1 
ATOM   157  C CD1 . ILE A 1 22  ? 3.879   1.903   12.040  1.00 17.48 ? 21  ILE A CD1 1 
ATOM   158  N N   . VAL A 1 23  ? 1.180   -2.098  9.341   1.00 11.37 ? 22  VAL A N   1 
ATOM   159  C CA  . VAL A 1 23  ? -0.001  -2.729  8.763   1.00 12.23 ? 22  VAL A CA  1 
ATOM   160  C C   . VAL A 1 23  ? 0.121   -4.251  8.739   1.00 11.66 ? 22  VAL A C   1 
ATOM   161  O O   . VAL A 1 23  ? -0.800  -4.942  9.172   1.00 13.31 ? 22  VAL A O   1 
ATOM   162  C CB  . VAL A 1 23  ? -0.246  -2.178  7.337   1.00 11.79 ? 22  VAL A CB  1 
ATOM   163  C CG1 . VAL A 1 23  ? -1.365  -2.936  6.648   1.00 12.03 ? 22  VAL A CG1 1 
ATOM   164  C CG2 . VAL A 1 23  ? -0.550  -0.656  7.394   1.00 11.02 ? 22  VAL A CG2 1 
ATOM   165  N N   . ALA A 1 24  ? 1.288   -4.765  8.300   1.00 12.21 ? 23  ALA A N   1 
ATOM   166  C CA  . ALA A 1 24  ? 1.575   -6.183  8.249   1.00 12.39 ? 23  ALA A CA  1 
ATOM   167  C C   . ALA A 1 24  ? 1.408   -6.818  9.613   1.00 13.42 ? 23  ALA A C   1 
ATOM   168  O O   . ALA A 1 24  ? 0.825   -7.872  9.685   1.00 14.45 ? 23  ALA A O   1 
ATOM   169  C CB  . ALA A 1 24  ? 2.991   -6.445  7.803   1.00 12.62 ? 23  ALA A CB  1 
ATOM   170  N N   . ASP A 1 25  ? 1.928   -6.160  10.653  1.00 13.48 ? 24  ASP A N   1 
ATOM   171  C CA  . ASP A 1 25  ? 1.893   -6.717  12.004  1.00 15.10 ? 24  ASP A CA  1 
ATOM   172  C C   . ASP A 1 25  ? 0.463   -6.839  12.517  1.00 14.19 ? 24  ASP A C   1 
ATOM   173  O O   . ASP A 1 25  ? 0.115   -7.886  13.157  1.00 15.11 ? 24  ASP A O   1 
ATOM   174  C CB  . ASP A 1 25  ? 2.809   -5.964  12.925  1.00 17.33 ? 24  ASP A CB  1 
ATOM   175  C CG  . ASP A 1 25  ? 4.281   -6.236  12.623  1.00 19.48 ? 24  ASP A CG  1 
ATOM   176  O OD1 . ASP A 1 25  ? 4.585   -7.195  11.853  1.00 24.66 ? 24  ASP A OD1 1 
ATOM   177  O OD2 . ASP A 1 25  ? 5.075   -5.484  13.175  1.00 23.27 ? 24  ASP A OD2 1 
ATOM   178  N N   . LYS A 1 26  ? -0.397  -5.857  12.228  1.00 12.27 ? 25  LYS A N   1 
ATOM   179  C CA  . LYS A 1 26  ? -1.798  -5.964  12.709  1.00 12.16 ? 25  LYS A CA  1 
ATOM   180  C C   . LYS A 1 26  ? -2.479  -7.116  11.932  1.00 11.49 ? 25  LYS A C   1 
ATOM   181  O O   . LYS A 1 26  ? -3.184  -7.947  12.504  1.00 12.17 ? 25  LYS A O   1 
ATOM   182  C CB  . LYS A 1 26  ? -2.518  -4.621  12.648  1.00 11.83 ? 25  LYS A CB  1 
ATOM   183  C CG  . LYS A 1 26  ? -4.029  -4.667  12.945  1.00 12.24 ? 25  LYS A CG  1 
ATOM   184  C CD  . LYS A 1 26  ? -4.330  -5.162  14.332  1.00 11.59 ? 25  LYS A CD  1 
ATOM   185  C CE  . LYS A 1 26  ? -3.890  -4.115  15.404  1.00 12.63 ? 25  LYS A CE  1 
ATOM   186  N NZ  . LYS A 1 26  ? -4.306  -4.494  16.804  1.00 12.29 ? 25  LYS A NZ  1 
ATOM   187  N N   . LEU A 1 27  ? -2.298  -7.174  10.607  1.00 10.90 ? 26  LEU A N   1 
ATOM   188  C CA  . LEU A 1 27  ? -2.876  -8.262  9.813   1.00 11.29 ? 26  LEU A CA  1 
ATOM   189  C C   . LEU A 1 27  ? -2.446  -9.665  10.279  1.00 12.35 ? 26  LEU A C   1 
ATOM   190  O O   . LEU A 1 27  ? -3.301  -10.576 10.329  1.00 11.92 ? 26  LEU A O   1 
ATOM   191  C CB  . LEU A 1 27  ? -2.679  -8.082  8.315   1.00 12.43 ? 26  LEU A CB  1 
ATOM   192  C CG  . LEU A 1 27  ? -3.350  -6.907  7.632   1.00 11.86 ? 26  LEU A CG  1 
ATOM   193  C CD1 . LEU A 1 27  ? -2.907  -6.802  6.140   1.00 11.72 ? 26  LEU A CD1 1 
ATOM   194  C CD2 . LEU A 1 27  ? -4.868  -6.982  7.716   1.00 11.31 ? 26  LEU A CD2 1 
ATOM   195  N N   . ARG A 1 28  ? -1.169  -9.798  10.636  1.00 14.03 ? 27  ARG A N   1 
ATOM   196  C CA  . ARG A 1 28  ? -0.697  -11.079 11.188  1.00 13.16 ? 27  ARG A CA  1 
ATOM   197  C C   . ARG A 1 28  ? -1.368  -11.391 12.519  1.00 14.12 ? 27  ARG A C   1 
ATOM   198  O O   . ARG A 1 28  ? -1.859  -12.497 12.707  1.00 14.41 ? 27  ARG A O   1 
ATOM   199  C CB  . ARG A 1 28  ? 0.826   -11.114 11.302  1.00 14.24 ? 27  ARG A CB  1 
ATOM   200  C CG  . ARG A 1 28  ? 1.506   -11.166 9.957   1.00 15.03 ? 27  ARG A CG  1 
ATOM   201  C CD  . ARG A 1 28  ? 3.029   -11.104 10.099  1.00 18.89 ? 27  ARG A CD  1 
ATOM   202  N NE  . ARG A 1 28  ? 3.713   -11.310 8.831   1.00 19.19 ? 27  ARG A NE  1 
ATOM   203  C CZ  . ARG A 1 28  ? 4.680   -10.538 8.344   1.00 23.21 ? 27  ARG A CZ  1 
ATOM   204  N NH1 . ARG A 1 28  ? 5.127   -9.484  9.008   1.00 25.55 ? 27  ARG A NH1 1 
ATOM   205  N NH2 . ARG A 1 28  ? 5.203   -10.844 7.147   1.00 25.19 ? 27  ARG A NH2 1 
ATOM   206  N N   . ASP A 1 29  ? -1.493  -10.390 13.368  1.00 13.90 ? 28  ASP A N   1 
ATOM   207  C CA  . ASP A 1 29  ? -2.146  -10.572 14.683  1.00 14.89 ? 28  ASP A CA  1 
ATOM   208  C C   . ASP A 1 29  ? -3.590  -10.971 14.520  1.00 15.96 ? 28  ASP A C   1 
ATOM   209  O O   . ASP A 1 29  ? -4.134  -11.604 15.447  1.00 16.87 ? 28  ASP A O   1 
ATOM   210  C CB  . ASP A 1 29  ? -2.085  -9.298  15.525  1.00 16.04 ? 28  ASP A CB  1 
ATOM   211  C CG  . ASP A 1 29  ? -0.690  -9.028  16.152  1.00 16.13 ? 28  ASP A CG  1 
ATOM   212  O OD1 . ASP A 1 29  ? 0.149   -9.978  16.206  1.00 17.26 ? 28  ASP A OD1 1 
ATOM   213  O OD2 . ASP A 1 29  ? -0.496  -7.885  16.634  1.00 17.84 ? 28  ASP A OD2 1 
ATOM   214  N N   . LEU A 1 30  ? -4.239  -10.561 13.413  1.00 13.09 ? 29  LEU A N   1 
ATOM   215  C CA  . LEU A 1 30  ? -5.638  -10.963 13.080  1.00 12.55 ? 29  LEU A CA  1 
ATOM   216  C C   . LEU A 1 30  ? -5.769  -12.312 12.387  1.00 12.63 ? 29  LEU A C   1 
ATOM   217  O O   . LEU A 1 30  ? -6.859  -12.790 12.064  1.00 14.36 ? 29  LEU A O   1 
ATOM   218  C CB  . LEU A 1 30  ? -6.333  -9.850  12.295  1.00 13.13 ? 29  LEU A CB  1 
ATOM   219  C CG  . LEU A 1 30  ? -6.452  -8.508  13.035  1.00 14.21 ? 29  LEU A CG  1 
ATOM   220  C CD1 . LEU A 1 30  ? -6.972  -7.378  12.128  1.00 16.34 ? 29  LEU A CD1 1 
ATOM   221  C CD2 . LEU A 1 30  ? -7.349  -8.570  14.274  1.00 14.43 ? 29  LEU A CD2 1 
ATOM   222  N N   . GLY A 1 31  ? -4.647  -12.955 12.182  1.00 13.09 ? 30  GLY A N   1 
ATOM   223  C CA  . GLY A 1 31  ? -4.678  -14.286 11.590  1.00 14.21 ? 30  GLY A CA  1 
ATOM   224  C C   . GLY A 1 31  ? -4.447  -14.425 10.131  1.00 16.14 ? 30  GLY A C   1 
ATOM   225  O O   . GLY A 1 31  ? -4.558  -15.536 9.600   1.00 18.57 ? 30  GLY A O   1 
ATOM   226  N N   . LEU A 1 32  ? -4.121  -13.328 9.425   1.00 14.62 ? 31  LEU A N   1 
ATOM   227  C CA  . LEU A 1 32  ? -3.802  -13.464 7.999   1.00 15.47 ? 31  LEU A CA  1 
ATOM   228  C C   . LEU A 1 32  ? -2.324  -13.922 7.797   1.00 15.83 ? 31  LEU A C   1 
ATOM   229  O O   . LEU A 1 32  ? -1.467  -13.694 8.656   1.00 17.09 ? 31  LEU A O   1 
ATOM   230  C CB  . LEU A 1 32  ? -4.041  -12.148 7.215   1.00 16.23 ? 31  LEU A CB  1 
ATOM   231  C CG  . LEU A 1 32  ? -5.465  -11.661 7.053   1.00 15.49 ? 31  LEU A CG  1 
ATOM   232  C CD1 . LEU A 1 32  ? -6.020  -11.021 8.316   1.00 15.74 ? 31  LEU A CD1 1 
ATOM   233  C CD2 . LEU A 1 32  ? -5.514  -10.665 5.901   1.00 15.40 ? 31  LEU A CD2 1 
ATOM   234  N N   . ASP A 1 33  ? -2.095  -14.554 6.645   1.00 17.43 ? 32  ASP A N   1 
ATOM   235  C CA  . ASP A 1 33  ? -0.748  -14.754 6.143   1.00 20.37 ? 32  ASP A CA  1 
ATOM   236  C C   . ASP A 1 33  ? -0.417  -13.461 5.437   1.00 16.93 ? 32  ASP A C   1 
ATOM   237  O O   . ASP A 1 33  ? -1.247  -12.985 4.669   1.00 17.49 ? 32  ASP A O   1 
ATOM   238  C CB  . ASP A 1 33  ? -0.692  -15.881 5.129   1.00 23.66 ? 32  ASP A CB  1 
ATOM   239  C CG  . ASP A 1 33  ? -0.720  -17.239 5.779   1.00 28.78 ? 32  ASP A CG  1 
ATOM   240  O OD1 . ASP A 1 33  ? -0.865  -18.226 5.045   1.00 31.93 ? 32  ASP A OD1 1 
ATOM   241  O OD2 . ASP A 1 33  ? -0.569  -17.292 7.010   1.00 32.53 ? 32  ASP A OD2 1 
ATOM   242  N N   . VAL A 1 34  ? 0.768   -12.928 5.669   1.00 17.03 ? 33  VAL A N   1 
ATOM   243  C CA  . VAL A 1 34  ? 1.170   -11.695 4.986   1.00 17.88 ? 33  VAL A CA  1 
ATOM   244  C C   . VAL A 1 34  ? 2.580   -11.751 4.423   1.00 18.59 ? 33  VAL A C   1 
ATOM   245  O O   . VAL A 1 34  ? 3.523   -12.202 5.122   1.00 18.17 ? 33  VAL A O   1 
ATOM   246  C CB  . VAL A 1 34  ? 0.689   -10.371 5.654   1.00 19.81 ? 33  VAL A CB  1 
ATOM   247  C CG1 . VAL A 1 34  ? -0.205  -10.531 6.877   1.00 17.76 ? 33  VAL A CG1 1 
ATOM   248  C CG2 . VAL A 1 34  ? 1.605   -9.141  5.579   1.00 18.89 ? 33  VAL A CG2 1 
ATOM   249  N N   . ASP A 1 35  ? 2.693   -11.343 3.164   1.00 14.01 ? 34  ASP A N   1 
ATOM   250  C CA  . ASP A 1 35  ? 4.002   -11.096 2.544   1.00 15.25 ? 34  ASP A CA  1 
ATOM   251  C C   . ASP A 1 35  ? 4.254   -9.585  2.527   1.00 13.67 ? 34  ASP A C   1 
ATOM   252  O O   . ASP A 1 35  ? 3.333   -8.848  2.163   1.00 13.82 ? 34  ASP A O   1 
ATOM   253  C CB  . ASP A 1 35  ? 3.984   -11.598 1.107   1.00 14.26 ? 34  ASP A CB  1 
ATOM   254  C CG  . ASP A 1 35  ? 3.726   -13.082 0.994   1.00 15.23 ? 34  ASP A CG  1 
ATOM   255  O OD1 . ASP A 1 35  ? 4.108   -13.837 1.925   1.00 20.15 ? 34  ASP A OD1 1 
ATOM   256  O OD2 . ASP A 1 35  ? 3.105   -13.478 0.002   1.00 15.12 ? 34  ASP A OD2 1 
ATOM   257  N N   . VAL A 1 36  ? 5.462   -9.124  2.855   1.00 12.85 ? 35  VAL A N   1 
ATOM   258  C CA  . VAL A 1 36  ? 5.854   -7.702  2.852   1.00 15.08 ? 35  VAL A CA  1 
ATOM   259  C C   . VAL A 1 36  ? 7.139   -7.656  2.020   1.00 15.52 ? 35  VAL A C   1 
ATOM   260  O O   . VAL A 1 36  ? 8.157   -8.279  2.380   1.00 15.44 ? 35  VAL A O   1 
ATOM   261  C CB  . VAL A 1 36  ? 6.141   -7.155  4.274   1.00 16.42 ? 35  VAL A CB  1 
ATOM   262  C CG1 . VAL A 1 36  ? 6.516   -5.671  4.288   1.00 17.56 ? 35  VAL A CG1 1 
ATOM   263  C CG2 . VAL A 1 36  ? 4.957   -7.396  5.211   1.00 16.81 ? 35  VAL A CG2 1 
ATOM   264  N N   . ASP A 1 37  ? 7.082   -6.988  0.885   1.00 15.18 ? 36  ASP A N   1 
ATOM   265  C CA  . ASP A 1 37  ? 8.232   -6.974  -0.033  1.00 15.84 ? 36  ASP A CA  1 
ATOM   266  C C   . ASP A 1 37  ? 8.462   -5.595  -0.603  1.00 15.17 ? 36  ASP A C   1 
ATOM   267  O O   . ASP A 1 37  ? 7.516   -4.882  -0.911  1.00 12.93 ? 36  ASP A O   1 
ATOM   268  C CB  . ASP A 1 37  ? 7.961   -7.921  -1.174  1.00 15.28 ? 36  ASP A CB  1 
ATOM   269  C CG  . ASP A 1 37  ? 7.881   -9.357  -0.741  1.00 19.67 ? 36  ASP A CG  1 
ATOM   270  O OD1 . ASP A 1 37  ? 8.941   -9.994  -0.531  1.00 19.81 ? 36  ASP A OD1 1 
ATOM   271  O OD2 . ASP A 1 37  ? 6.775   -9.866  -0.574  1.00 15.82 ? 36  ASP A OD2 1 
ATOM   272  N N   . GLU A 1 38  ? 9.743   -5.233  -0.789  1.00 15.99 ? 37  GLU A N   1 
ATOM   273  C CA  . GLU A 1 38  ? 10.080  -4.031  -1.533  1.00 17.43 ? 37  GLU A CA  1 
ATOM   274  C C   . GLU A 1 38  ? 9.742   -4.244  -2.962  1.00 14.90 ? 37  GLU A C   1 
ATOM   275  O O   . GLU A 1 38  ? 9.817   -5.404  -3.454  1.00 14.68 ? 37  GLU A O   1 
ATOM   276  C CB  . GLU A 1 38  ? 11.550  -3.673  -1.355  1.00 19.51 ? 37  GLU A CB  1 
ATOM   277  C CG  . GLU A 1 38  ? 11.833  -2.248  -1.746  1.00 24.06 ? 37  GLU A CG  1 
ATOM   278  C CD  . GLU A 1 38  ? 13.313  -1.939  -1.845  1.00 34.64 ? 37  GLU A CD  1 
ATOM   279  O OE1 . GLU A 1 38  ? 14.151  -2.856  -1.575  1.00 41.63 ? 37  GLU A OE1 1 
ATOM   280  O OE2 . GLU A 1 38  ? 13.625  -0.771  -2.229  1.00 35.82 ? 37  GLU A OE2 1 
ATOM   281  N N   . CYS A 1 39  ? 9.261   -3.178  -3.609  1.00 13.54 ? 38  CYS A N   1 
ATOM   282  C CA  . CYS A 1 39  ? 8.787   -3.259  -4.968  1.00 15.49 ? 38  CYS A CA  1 
ATOM   283  C C   . CYS A 1 39  ? 9.803   -3.773  -5.982  1.00 18.14 ? 38  CYS A C   1 
ATOM   284  O O   . CYS A 1 39  ? 9.365   -4.388  -6.954  1.00 20.18 ? 38  CYS A O   1 
ATOM   285  C CB  . CYS A 1 39  ? 8.219   -1.913  -5.418  1.00 15.40 ? 38  CYS A CB  1 
ATOM   286  S SG  . CYS A 1 39  ? 9.411   -0.570  -5.559  1.00 17.09 ? 38  CYS A SG  1 
ATOM   287  N N   . THR A 1 40  ? 11.109  -3.594  -5.721  1.00 20.33 ? 39  THR A N   1 
ATOM   288  C CA  . THR A 1 40  ? 12.149  -4.156  -6.620  1.00 25.60 ? 39  THR A CA  1 
ATOM   289  C C   . THR A 1 40  ? 12.273  -5.671  -6.508  1.00 24.62 ? 39  THR A C   1 
ATOM   290  O O   . THR A 1 40  ? 13.069  -6.245  -7.215  1.00 23.88 ? 39  THR A O   1 
ATOM   291  C CB  . THR A 1 40  ? 13.607  -3.672  -6.349  1.00 28.40 ? 39  THR A CB  1 
ATOM   292  O OG1 . THR A 1 40  ? 13.622  -2.661  -5.350  1.00 41.63 ? 39  THR A OG1 1 
ATOM   293  C CG2 . THR A 1 40  ? 14.245  -3.155  -7.623  1.00 37.66 ? 39  THR A CG2 1 
ATOM   294  N N   . THR A 1 41  ? 11.571  -6.327  -5.588  1.00 19.43 ? 40  THR A N   1 
ATOM   295  C CA  . THR A 1 41  ? 11.799  -7.750  -5.364  1.00 16.25 ? 40  THR A CA  1 
ATOM   296  C C   . THR A 1 41  ? 10.586  -8.634  -5.705  1.00 15.54 ? 40  THR A C   1 
ATOM   297  O O   . THR A 1 41  ? 10.614  -9.831  -5.421  1.00 15.98 ? 40  THR A O   1 
ATOM   298  C CB  . THR A 1 41  ? 12.268  -8.032  -3.921  1.00 16.55 ? 40  THR A CB  1 
ATOM   299  O OG1 . THR A 1 41  ? 11.173  -7.758  -2.990  1.00 14.92 ? 40  THR A OG1 1 
ATOM   300  C CG2 . THR A 1 41  ? 13.525  -7.228  -3.554  1.00 18.26 ? 40  THR A CG2 1 
ATOM   301  N N   . VAL A 1 42  ? 9.498   -8.018  -6.201  1.00 15.58 ? 41  VAL A N   1 
ATOM   302  C CA  . VAL A 1 42  ? 8.316   -8.793  -6.555  1.00 14.57 ? 41  VAL A CA  1 
ATOM   303  C C   . VAL A 1 42  ? 7.788   -8.326  -7.914  1.00 13.92 ? 41  VAL A C   1 
ATOM   304  O O   . VAL A 1 42  ? 8.256   -7.318  -8.455  1.00 14.71 ? 41  VAL A O   1 
ATOM   305  C CB  . VAL A 1 42  ? 7.207   -8.644  -5.480  1.00 15.73 ? 41  VAL A CB  1 
ATOM   306  C CG1 . VAL A 1 42  ? 7.640   -9.241  -4.175  1.00 16.48 ? 41  VAL A CG1 1 
ATOM   307  C CG2 . VAL A 1 42  ? 6.850   -7.179  -5.309  1.00 15.39 ? 41  VAL A CG2 1 
ATOM   308  N N   . ASP A 1 43  ? 6.805   -9.057  -8.431  1.00 14.33 ? 42  ASP A N   1 
ATOM   309  C CA  A ASP A 1 43  ? 6.085   -8.658  -9.651  0.50 14.28 ? 42  ASP A CA  1 
ATOM   310  C CA  B ASP A 1 43  ? 6.072   -8.699  -9.656  0.50 14.11 ? 42  ASP A CA  1 
ATOM   311  C C   . ASP A 1 43  ? 4.700   -8.200  -9.288  1.00 13.10 ? 42  ASP A C   1 
ATOM   312  O O   . ASP A 1 43  ? 4.083   -8.797  -8.398  1.00 12.09 ? 42  ASP A O   1 
ATOM   313  C CB  A ASP A 1 43  ? 5.994   -9.839  -10.611 0.50 15.49 ? 42  ASP A CB  1 
ATOM   314  C CB  B ASP A 1 43  ? 5.891   -9.948  -10.519 0.50 15.09 ? 42  ASP A CB  1 
ATOM   315  C CG  A ASP A 1 43  ? 7.343   -10.194 -11.212 0.50 16.30 ? 42  ASP A CG  1 
ATOM   316  C CG  B ASP A 1 43  ? 7.214   -10.525 -10.999 0.50 16.02 ? 42  ASP A CG  1 
ATOM   317  O OD1 A ASP A 1 43  ? 7.946   -9.299  -11.830 0.50 16.43 ? 42  ASP A OD1 1 
ATOM   318  O OD1 B ASP A 1 43  ? 8.248   -9.839  -10.838 0.50 16.81 ? 42  ASP A OD1 1 
ATOM   319  O OD2 A ASP A 1 43  ? 7.794   -11.360 -11.043 0.50 16.36 ? 42  ASP A OD2 1 
ATOM   320  O OD2 B ASP A 1 43  ? 7.188   -11.646 -11.573 0.50 14.27 ? 42  ASP A OD2 1 
ATOM   321  N N   . ALA A 1 44  ? 4.210   -7.166  -9.957  1.00 13.76 ? 43  ALA A N   1 
ATOM   322  C CA  . ALA A 1 44  ? 2.801   -6.724  -9.696  1.00 13.07 ? 43  ALA A CA  1 
ATOM   323  C C   . ALA A 1 44  ? 1.836   -7.913  -9.831  1.00 12.41 ? 43  ALA A C   1 
ATOM   324  O O   . ALA A 1 44  ? 0.855   -8.061  -9.060  1.00 12.34 ? 43  ALA A O   1 
ATOM   325  C CB  . ALA A 1 44  ? 2.403   -5.561  -10.606 1.00 14.71 ? 43  ALA A CB  1 
ATOM   326  N N   . SER A 1 45  ? 2.078   -8.800  -10.806 1.00 12.29 ? 44  SER A N   1 
ATOM   327  C CA  . SER A 1 45  ? 1.203   -9.942  -11.038 1.00 13.65 ? 44  SER A CA  1 
ATOM   328  C C   . SER A 1 45  ? 1.079   -10.923 -9.876  1.00 13.47 ? 44  SER A C   1 
ATOM   329  O O   . SER A 1 45  ? 0.103   -11.730 -9.818  1.00 13.76 ? 44  SER A O   1 
ATOM   330  C CB  . SER A 1 45  ? 1.584   -10.663 -12.359 1.00 14.36 ? 44  SER A CB  1 
ATOM   331  O OG  . SER A 1 45  ? 2.880   -11.190 -12.255 1.00 15.27 ? 44  SER A OG  1 
ATOM   332  N N   . ASP A 1 46  ? 1.991   -10.878 -8.916  1.00 12.75 ? 45  ASP A N   1 
ATOM   333  C CA  . ASP A 1 46  ? 1.885   -11.684 -7.714  1.00 13.50 ? 45  ASP A CA  1 
ATOM   334  C C   . ASP A 1 46  ? 0.590   -11.381 -6.979  1.00 12.69 ? 45  ASP A C   1 
ATOM   335  O O   . ASP A 1 46  ? 0.084   -12.242 -6.265  1.00 13.05 ? 45  ASP A O   1 
ATOM   336  C CB  . ASP A 1 46  ? 3.046   -11.542 -6.749  1.00 15.18 ? 45  ASP A CB  1 
ATOM   337  C CG  . ASP A 1 46  ? 4.394   -11.830 -7.366  1.00 18.59 ? 45  ASP A CG  1 
ATOM   338  O OD1 . ASP A 1 46  ? 5.360   -11.460 -6.669  1.00 18.11 ? 45  ASP A OD1 1 
ATOM   339  O OD2 . ASP A 1 46  ? 4.481   -12.421 -8.476  1.00 19.39 ? 45  ASP A OD2 1 
ATOM   340  N N   . PHE A 1 47  ? 0.050   -10.185 -7.166  1.00 12.64 ? 46  PHE A N   1 
ATOM   341  C CA  . PHE A 1 47  ? -1.290  -9.837  -6.598  1.00 12.04 ? 46  PHE A CA  1 
ATOM   342  C C   . PHE A 1 47  ? -2.426  -10.788 -6.989  1.00 13.32 ? 46  PHE A C   1 
ATOM   343  O O   . PHE A 1 47  ? -3.411  -10.918 -6.197  1.00 14.58 ? 46  PHE A O   1 
ATOM   344  C CB  . PHE A 1 47  ? -1.660  -8.383  -6.939  1.00 12.02 ? 46  PHE A CB  1 
ATOM   345  C CG  . PHE A 1 47  ? -0.892  -7.311  -6.120  1.00 11.49 ? 46  PHE A CG  1 
ATOM   346  C CD1 . PHE A 1 47  ? -0.477  -7.514  -4.805  1.00 10.88 ? 46  PHE A CD1 1 
ATOM   347  C CD2 . PHE A 1 47  ? -0.725  -6.012  -6.674  1.00 11.74 ? 46  PHE A CD2 1 
ATOM   348  C CE1 . PHE A 1 47  ? 0.167   -6.493  -4.092  1.00 11.86 ? 46  PHE A CE1 1 
ATOM   349  C CE2 . PHE A 1 47  ? -0.095  -4.965  -5.920  1.00 10.85 ? 46  PHE A CE2 1 
ATOM   350  C CZ  . PHE A 1 47  ? 0.321   -5.248  -4.633  1.00 10.57 ? 46  PHE A CZ  1 
ATOM   351  N N   . LEU A 1 48  ? -2.335  -11.399 -8.180  1.00 13.07 ? 47  LEU A N   1 
ATOM   352  C CA  . LEU A 1 48  ? -3.376  -12.412 -8.548  1.00 14.75 ? 47  LEU A CA  1 
ATOM   353  C C   . LEU A 1 48  ? -3.547  -13.508 -7.539  1.00 15.19 ? 47  LEU A C   1 
ATOM   354  O O   . LEU A 1 48  ? -4.641  -14.072 -7.441  1.00 16.43 ? 47  LEU A O   1 
ATOM   355  C CB  . LEU A 1 48  ? -3.129  -12.999 -9.931  1.00 16.07 ? 47  LEU A CB  1 
ATOM   356  C CG  . LEU A 1 48  ? -3.245  -11.969 -11.076 1.00 17.63 ? 47  LEU A CG  1 
ATOM   357  C CD1 . LEU A 1 48  ? -2.591  -12.399 -12.392 1.00 21.31 ? 47  LEU A CD1 1 
ATOM   358  C CD2 . LEU A 1 48  ? -4.690  -11.513 -11.251 1.00 18.50 ? 47  LEU A CD2 1 
ATOM   359  N N   . GLU A 1 49  ? -2.466  -13.851 -6.840  1.00 14.94 ? 48  GLU A N   1 
ATOM   360  C CA  . GLU A 1 49  ? -2.484  -14.898 -5.828  1.00 17.73 ? 48  GLU A CA  1 
ATOM   361  C C   . GLU A 1 49  ? -3.064  -14.501 -4.492  1.00 18.15 ? 48  GLU A C   1 
ATOM   362  O O   . GLU A 1 49  ? -3.361  -15.363 -3.662  1.00 21.15 ? 48  GLU A O   1 
ATOM   363  C CB  . GLU A 1 49  ? -1.078  -15.467 -5.638  1.00 23.45 ? 48  GLU A CB  1 
ATOM   364  C CG  . GLU A 1 49  ? -0.564  -16.145 -6.903  1.00 27.74 ? 48  GLU A CG  1 
ATOM   365  C CD  . GLU A 1 49  ? 0.945   -16.306 -6.969  1.00 37.05 ? 48  GLU A CD  1 
ATOM   366  O OE1 . GLU A 1 49  ? 1.665   -15.296 -6.741  1.00 47.66 ? 48  GLU A OE1 1 
ATOM   367  O OE2 . GLU A 1 49  ? 1.415   -17.441 -7.324  1.00 48.36 ? 48  GLU A OE2 1 
ATOM   368  N N   . ALA A 1 50  ? -3.217  -13.207 -4.210  1.00 15.46 ? 49  ALA A N   1 
ATOM   369  C CA  . ALA A 1 50  ? -3.627  -12.785 -2.883  1.00 15.92 ? 49  ALA A CA  1 
ATOM   370  C C   . ALA A 1 50  ? -5.099  -12.413 -2.795  1.00 14.70 ? 49  ALA A C   1 
ATOM   371  O O   . ALA A 1 50  ? -5.749  -12.134 -3.784  1.00 16.76 ? 49  ALA A O   1 
ATOM   372  C CB  . ALA A 1 50  ? -2.810  -11.595 -2.486  1.00 16.42 ? 49  ALA A CB  1 
ATOM   373  N N   . ASP A 1 51  ? -5.603  -12.351 -1.582  1.00 13.66 ? 50  ASP A N   1 
ATOM   374  C CA  . ASP A 1 51  ? -6.976  -11.836 -1.348  1.00 14.11 ? 50  ASP A CA  1 
ATOM   375  C C   . ASP A 1 51  ? -6.941  -10.340 -1.149  1.00 13.99 ? 50  ASP A C   1 
ATOM   376  O O   . ASP A 1 51  ? -7.924  -9.633  -1.509  1.00 14.62 ? 50  ASP A O   1 
ATOM   377  C CB  . ASP A 1 51  ? -7.535  -12.503 -0.123  1.00 14.95 ? 50  ASP A CB  1 
ATOM   378  C CG  . ASP A 1 51  ? -7.558  -14.033 -0.261  1.00 15.51 ? 50  ASP A CG  1 
ATOM   379  O OD1 . ASP A 1 51  ? -6.842  -14.728 0.518   1.00 16.44 ? 50  ASP A OD1 1 
ATOM   380  O OD2 . ASP A 1 51  ? -8.260  -14.522 -1.159  1.00 20.52 ? 50  ASP A OD2 1 
ATOM   381  N N   . ILE A 1 52  ? -5.864  -9.838  -0.537  1.00 12.58 ? 51  ILE A N   1 
ATOM   382  C CA  . ILE A 1 52  ? -5.720  -8.375  -0.291  1.00 12.88 ? 51  ILE A CA  1 
ATOM   383  C C   . ILE A 1 52  ? -4.431  -7.942  -0.908  1.00 12.62 ? 51  ILE A C   1 
ATOM   384  O O   . ILE A 1 52  ? -3.412  -8.609  -0.764  1.00 12.67 ? 51  ILE A O   1 
ATOM   385  C CB  . ILE A 1 52  ? -5.693  -8.048  1.215   1.00 13.50 ? 51  ILE A CB  1 
ATOM   386  C CG1 . ILE A 1 52  ? -7.101  -8.271  1.839   1.00 13.75 ? 51  ILE A CG1 1 
ATOM   387  C CG2 . ILE A 1 52  ? -5.184  -6.618  1.497   1.00 13.41 ? 51  ILE A CG2 1 
ATOM   388  C CD1 . ILE A 1 52  ? -7.023  -8.414  3.336   1.00 14.30 ? 51  ILE A CD1 1 
ATOM   389  N N   . ALA A 1 53  ? -4.494  -6.855  -1.658  1.00 11.06 ? 52  ALA A N   1 
ATOM   390  C CA  . ALA A 1 53  ? -3.312  -6.159  -2.274  1.00 10.63 ? 52  ALA A CA  1 
ATOM   391  C C   . ALA A 1 53  ? -3.122  -4.772  -1.668  1.00 9.66  ? 52  ALA A C   1 
ATOM   392  O O   . ALA A 1 53  ? -4.063  -3.977  -1.770  1.00 9.30  ? 52  ALA A O   1 
ATOM   393  C CB  . ALA A 1 53  ? -3.515  -6.026  -3.777  1.00 10.89 ? 52  ALA A CB  1 
ATOM   394  N N   . ILE A 1 54  ? -1.936  -4.475  -1.131  1.00 9.14  ? 53  ILE A N   1 
ATOM   395  C CA  . ILE A 1 54  ? -1.632  -3.182  -0.501  1.00 9.07  ? 53  ILE A CA  1 
ATOM   396  C C   . ILE A 1 54  ? -0.326  -2.632  -1.108  1.00 9.75  ? 53  ILE A C   1 
ATOM   397  O O   . ILE A 1 54  ? 0.689   -3.388  -1.225  1.00 9.69  ? 53  ILE A O   1 
ATOM   398  C CB  . ILE A 1 54  ? -1.531  -3.290  1.016   1.00 9.38  ? 53  ILE A CB  1 
ATOM   399  C CG1 . ILE A 1 54  ? -2.867  -3.740  1.652   1.00 9.18  ? 53  ILE A CG1 1 
ATOM   400  C CG2 . ILE A 1 54  ? -1.013  -2.012  1.651   1.00 9.28  ? 53  ILE A CG2 1 
ATOM   401  C CD1 . ILE A 1 54  ? -2.751  -4.292  3.012   1.00 9.13  ? 53  ILE A CD1 1 
ATOM   402  N N   . VAL A 1 55  ? -0.356  -1.345  -1.452  1.00 8.91  ? 54  VAL A N   1 
ATOM   403  C CA  . VAL A 1 55  ? 0.838   -0.591  -1.799  1.00 8.85  ? 54  VAL A CA  1 
ATOM   404  C C   . VAL A 1 55  ? 1.071   0.440   -0.718  1.00 9.11  ? 54  VAL A C   1 
ATOM   405  O O   . VAL A 1 55  ? 0.134   1.158   -0.333  1.00 8.78  ? 54  VAL A O   1 
ATOM   406  C CB  . VAL A 1 55  ? 0.769   0.083   -3.186  1.00 9.41  ? 54  VAL A CB  1 
ATOM   407  C CG1 . VAL A 1 55  ? 1.846   1.130   -3.372  1.00 9.02  ? 54  VAL A CG1 1 
ATOM   408  C CG2 . VAL A 1 55  ? 0.771   -1.002  -4.261  1.00 9.06  ? 54  VAL A CG2 1 
ATOM   409  N N   . ALA A 1 56  ? 2.326   0.480   -0.270  1.00 9.61  ? 55  ALA A N   1 
ATOM   410  C CA  . ALA A 1 56  ? 2.800   1.531   0.630   1.00 8.88  ? 55  ALA A CA  1 
ATOM   411  C C   . ALA A 1 56  ? 3.878   2.296   -0.110  1.00 9.92  ? 55  ALA A C   1 
ATOM   412  O O   . ALA A 1 56  ? 4.921   1.725   -0.459  1.00 11.61 ? 55  ALA A O   1 
ATOM   413  C CB  . ALA A 1 56  ? 3.354   0.866   1.913   1.00 9.45  ? 55  ALA A CB  1 
ATOM   414  N N   . THR A 1 57  ? 3.699   3.573   -0.370  1.00 9.76  ? 56  THR A N   1 
ATOM   415  C CA  . THR A 1 57  ? 4.664   4.342   -1.175  1.00 10.96 ? 56  THR A CA  1 
ATOM   416  C C   . THR A 1 57  ? 4.945   5.733   -0.649  1.00 10.29 ? 56  THR A C   1 
ATOM   417  O O   . THR A 1 57  ? 4.053   6.411   -0.186  1.00 11.17 ? 56  THR A O   1 
ATOM   418  C CB  . THR A 1 57  ? 4.190   4.379   -2.659  1.00 11.22 ? 56  THR A CB  1 
ATOM   419  O OG1 . THR A 1 57  ? 5.241   4.920   -3.492  1.00 12.02 ? 56  THR A OG1 1 
ATOM   420  C CG2 . THR A 1 57  ? 2.880   5.136   -2.833  1.00 11.54 ? 56  THR A CG2 1 
ATOM   421  N N   . TYR A 1 58  ? 6.185   6.178   -0.801  1.00 10.72 ? 57  TYR A N   1 
ATOM   422  C CA  . TYR A 1 58  ? 6.557   7.598   -0.654  1.00 11.24 ? 57  TYR A CA  1 
ATOM   423  C C   . TYR A 1 58  ? 6.272   8.266   -2.050  1.00 12.14 ? 57  TYR A C   1 
ATOM   424  O O   . TYR A 1 58  ? 5.889   7.605   -3.004  1.00 12.14 ? 57  TYR A O   1 
ATOM   425  C CB  . TYR A 1 58  ? 8.011   7.769   -0.210  1.00 12.08 ? 57  TYR A CB  1 
ATOM   426  C CG  . TYR A 1 58  ? 9.099   7.377   -1.215  1.00 12.21 ? 57  TYR A CG  1 
ATOM   427  C CD1 . TYR A 1 58  ? 9.491   6.085   -1.334  1.00 13.37 ? 57  TYR A CD1 1 
ATOM   428  C CD2 . TYR A 1 58  ? 9.730   8.323   -2.020  1.00 13.68 ? 57  TYR A CD2 1 
ATOM   429  C CE1 . TYR A 1 58  ? 10.565  5.726   -2.172  1.00 13.30 ? 57  TYR A CE1 1 
ATOM   430  C CE2 . TYR A 1 58  ? 10.736  7.984   -2.927  1.00 14.44 ? 57  TYR A CE2 1 
ATOM   431  C CZ  . TYR A 1 58  ? 11.165  6.688   -3.014  1.00 13.91 ? 57  TYR A CZ  1 
ATOM   432  O OH  . TYR A 1 58  ? 12.170  6.319   -3.888  1.00 17.47 ? 57  TYR A OH  1 
ATOM   433  N N   . THR A 1 59  ? 6.431   9.571   -2.096  1.00 11.94 ? 58  THR A N   1 
ATOM   434  C CA  . THR A 1 59  ? 6.231   10.369  -3.301  1.00 12.82 ? 58  THR A CA  1 
ATOM   435  C C   . THR A 1 59  ? 7.570   11.112  -3.579  1.00 14.80 ? 58  THR A C   1 
ATOM   436  O O   . THR A 1 59  ? 8.192   11.626  -2.663  1.00 14.68 ? 58  THR A O   1 
ATOM   437  C CB  . THR A 1 59  ? 5.129   11.392  -3.050  1.00 12.36 ? 58  THR A CB  1 
ATOM   438  O OG1 . THR A 1 59  ? 3.910   10.726  -2.699  1.00 11.66 ? 58  THR A OG1 1 
ATOM   439  C CG2 . THR A 1 59  ? 4.917   12.300  -4.190  1.00 13.20 ? 58  THR A CG2 1 
ATOM   440  N N   . TYR A 1 60  ? 7.977   11.177  -4.845  1.00 17.00 ? 59  TYR A N   1 
ATOM   441  C CA  . TYR A 1 60  ? 9.294   11.657  -5.199  1.00 23.80 ? 59  TYR A CA  1 
ATOM   442  C C   . TYR A 1 60  ? 9.169   13.002  -5.928  1.00 27.38 ? 59  TYR A C   1 
ATOM   443  O O   . TYR A 1 60  ? 8.424   13.108  -6.888  1.00 28.05 ? 59  TYR A O   1 
ATOM   444  C CB  . TYR A 1 60  ? 9.975   10.585  -6.047  1.00 28.08 ? 59  TYR A CB  1 
ATOM   445  C CG  . TYR A 1 60  ? 11.448  10.779  -6.373  1.00 35.22 ? 59  TYR A CG  1 
ATOM   446  C CD1 . TYR A 1 60  ? 12.323  11.436  -5.504  1.00 39.62 ? 59  TYR A CD1 1 
ATOM   447  C CD2 . TYR A 1 60  ? 11.982  10.257  -7.574  1.00 38.80 ? 59  TYR A CD2 1 
ATOM   448  C CE1 . TYR A 1 60  ? 13.686  11.603  -5.830  1.00 44.56 ? 59  TYR A CE1 1 
ATOM   449  C CE2 . TYR A 1 60  ? 13.347  10.390  -7.895  1.00 39.83 ? 59  TYR A CE2 1 
ATOM   450  C CZ  . TYR A 1 60  ? 14.189  11.067  -7.029  1.00 44.29 ? 59  TYR A CZ  1 
ATOM   451  O OH  . TYR A 1 60  ? 15.525  11.179  -7.359  1.00 47.47 ? 59  TYR A OH  1 
ATOM   452  N N   . GLY A 1 61  ? 9.832   14.031  -5.388  1.00 31.82 ? 60  GLY A N   1 
ATOM   453  C CA  . GLY A 1 61  ? 9.787   15.382  -5.944  1.00 29.94 ? 60  GLY A CA  1 
ATOM   454  C C   . GLY A 1 61  ? 8.379   15.889  -6.135  1.00 28.26 ? 60  GLY A C   1 
ATOM   455  O O   . GLY A 1 61  ? 7.451   15.683  -5.287  1.00 26.72 ? 60  GLY A O   1 
ATOM   456  N N   . ASP A 1 62  ? 8.170   16.456  -7.310  1.00 28.42 ? 61  ASP A N   1 
ATOM   457  C CA  . ASP A 1 62  ? 6.935   17.113  -7.624  1.00 30.20 ? 61  ASP A CA  1 
ATOM   458  C C   . ASP A 1 62  ? 5.875   16.046  -7.974  1.00 29.88 ? 61  ASP A C   1 
ATOM   459  O O   . ASP A 1 62  ? 5.442   15.943  -9.144  1.00 29.18 ? 61  ASP A O   1 
ATOM   460  C CB  . ASP A 1 62  ? 7.139   18.115  -8.795  1.00 34.89 ? 61  ASP A CB  1 
ATOM   461  C CG  . ASP A 1 62  ? 5.992   19.129  -8.915  1.00 40.59 ? 61  ASP A CG  1 
ATOM   462  O OD1 . ASP A 1 62  ? 6.147   20.162  -9.635  1.00 46.17 ? 61  ASP A OD1 1 
ATOM   463  O OD2 . ASP A 1 62  ? 4.944   18.921  -8.241  1.00 39.74 ? 61  ASP A OD2 1 
ATOM   464  N N   . GLY A 1 63  ? 5.463   15.270  -6.957  1.00 23.21 ? 62  GLY A N   1 
ATOM   465  C CA  . GLY A 1 63  ? 4.343   14.361  -7.087  1.00 23.74 ? 62  GLY A CA  1 
ATOM   466  C C   . GLY A 1 63  ? 4.525   13.172  -8.001  1.00 23.25 ? 62  GLY A C   1 
ATOM   467  O O   . GLY A 1 63  ? 3.536   12.673  -8.521  1.00 24.39 ? 62  GLY A O   1 
ATOM   468  N N   . GLU A 1 64  ? 5.766   12.752  -8.207  1.00 20.32 ? 63  GLU A N   1 
ATOM   469  C CA  . GLU A 1 64  ? 6.040   11.616  -8.985  1.00 20.40 ? 63  GLU A CA  1 
ATOM   470  C C   . GLU A 1 64  ? 6.013   10.322  -8.130  1.00 17.09 ? 63  GLU A C   1 
ATOM   471  O O   . GLU A 1 64  ? 6.135   10.273  -6.862  1.00 15.51 ? 63  GLU A O   1 
ATOM   472  C CB  . GLU A 1 64  ? 7.374   11.742  -9.783  1.00 26.58 ? 63  GLU A CB  1 
ATOM   473  C CG  . GLU A 1 64  ? 7.349   12.809  -10.906 1.00 32.51 ? 63  GLU A CG  1 
ATOM   474  C CD  . GLU A 1 64  ? 8.745   13.237  -11.334 1.00 37.13 ? 63  GLU A CD  1 
ATOM   475  O OE1 . GLU A 1 64  ? 8.899   14.365  -11.819 1.00 43.66 ? 63  GLU A OE1 1 
ATOM   476  O OE2 . GLU A 1 64  ? 9.697   12.437  -11.188 1.00 39.33 ? 63  GLU A OE2 1 
ATOM   477  N N   . LEU A 1 65  ? 5.887   9.238   -8.870  1.00 15.39 ? 64  LEU A N   1 
ATOM   478  C CA  . LEU A 1 65  ? 6.095   7.953   -8.330  1.00 14.22 ? 64  LEU A CA  1 
ATOM   479  C C   . LEU A 1 65  ? 7.605   7.789   -8.023  1.00 14.30 ? 64  LEU A C   1 
ATOM   480  O O   . LEU A 1 65  ? 8.450   8.388   -8.710  1.00 15.43 ? 64  LEU A O   1 
ATOM   481  C CB  . LEU A 1 65  ? 5.674   6.922   -9.374  1.00 14.92 ? 64  LEU A CB  1 
ATOM   482  C CG  . LEU A 1 65  ? 4.243   6.977   -9.892  1.00 15.38 ? 64  LEU A CG  1 
ATOM   483  C CD1 . LEU A 1 65  ? 4.073   5.905   -10.953 1.00 15.83 ? 64  LEU A CD1 1 
ATOM   484  C CD2 . LEU A 1 65  ? 3.277   6.769   -8.747  1.00 14.76 ? 64  LEU A CD2 1 
ATOM   485  N N   . PRO A 1 66  ? 7.950   7.049   -6.953  1.00 13.10 ? 65  PRO A N   1 
ATOM   486  C CA  . PRO A 1 66  ? 9.307   6.542   -6.847  1.00 12.68 ? 65  PRO A CA  1 
ATOM   487  C C   . PRO A 1 66  ? 9.797   5.927   -8.157  1.00 13.69 ? 65  PRO A C   1 
ATOM   488  O O   . PRO A 1 66  ? 9.077   5.178   -8.822  1.00 13.06 ? 65  PRO A O   1 
ATOM   489  C CB  . PRO A 1 66  ? 9.189   5.489   -5.759  1.00 12.19 ? 65  PRO A CB  1 
ATOM   490  C CG  . PRO A 1 66  ? 8.014   5.914   -4.933  1.00 12.23 ? 65  PRO A CG  1 
ATOM   491  C CD  . PRO A 1 66  ? 7.068   6.487   -5.906  1.00 12.12 ? 65  PRO A CD  1 
ATOM   492  N N   . ASP A 1 67  ? 11.070  6.238   -8.499  1.00 14.33 ? 66  ASP A N   1 
ATOM   493  C CA  . ASP A 1 67  ? 11.664  5.686   -9.687  1.00 15.88 ? 66  ASP A CA  1 
ATOM   494  C C   . ASP A 1 67  ? 11.440  4.187   -9.762  1.00 14.53 ? 66  ASP A C   1 
ATOM   495  O O   . ASP A 1 67  ? 11.055  3.630   -10.787 1.00 18.58 ? 66  ASP A O   1 
ATOM   496  C CB  . ASP A 1 67  ? 13.184  5.961   -9.702  1.00 18.26 ? 66  ASP A CB  1 
ATOM   497  C CG  . ASP A 1 67  ? 13.510  7.381   -9.945  1.00 19.92 ? 66  ASP A CG  1 
ATOM   498  O OD1 . ASP A 1 67  ? 14.746  7.733   -9.752  1.00 24.72 ? 66  ASP A OD1 1 
ATOM   499  O OD2 . ASP A 1 67  ? 12.611  8.201   -10.371 1.00 17.85 ? 66  ASP A OD2 1 
ATOM   500  N N   . GLU A 1 68  ? 11.699  3.506   -8.642  1.00 15.91 ? 67  GLU A N   1 
ATOM   501  C CA  . GLU A 1 68  ? 11.619  2.064   -8.578  1.00 15.88 ? 67  GLU A CA  1 
ATOM   502  C C   . GLU A 1 68  ? 10.149  1.533   -8.657  1.00 16.01 ? 67  GLU A C   1 
ATOM   503  O O   . GLU A 1 68  ? 9.927   0.325   -8.846  1.00 18.30 ? 67  GLU A O   1 
ATOM   504  C CB  . GLU A 1 68  ? 12.312  1.573   -7.287  1.00 16.61 ? 67  GLU A CB  1 
ATOM   505  C CG  . GLU A 1 68  ? 11.706  2.059   -5.965  1.00 17.05 ? 67  GLU A CG  1 
ATOM   506  C CD  . GLU A 1 68  ? 12.258  3.385   -5.414  1.00 16.22 ? 67  GLU A CD  1 
ATOM   507  O OE1 . GLU A 1 68  ? 12.765  4.184   -6.201  1.00 17.34 ? 67  GLU A OE1 1 
ATOM   508  O OE2 . GLU A 1 68  ? 12.214  3.626   -4.160  1.00 15.80 ? 67  GLU A OE2 1 
ATOM   509  N N   . MET A 1 69  ? 9.181   2.422   -8.468  1.00 14.02 ? 68  MET A N   1 
ATOM   510  C CA  . MET A 1 69  ? 7.764   2.138   -8.613  1.00 14.78 ? 68  MET A CA  1 
ATOM   511  C C   . MET A 1 69  ? 7.257   2.288   -10.053 1.00 14.63 ? 68  MET A C   1 
ATOM   512  O O   . MET A 1 69  ? 6.185   1.769   -10.363 1.00 14.65 ? 68  MET A O   1 
ATOM   513  C CB  . MET A 1 69  ? 6.858   2.952   -7.649  1.00 15.37 ? 68  MET A CB  1 
ATOM   514  C CG  . MET A 1 69  ? 6.809   2.417   -6.226  1.00 16.51 ? 68  MET A CG  1 
ATOM   515  S SD  . MET A 1 69  ? 5.921   0.818   -6.216  1.00 16.58 ? 68  MET A SD  1 
ATOM   516  C CE  . MET A 1 69  ? 5.650   0.600   -4.469  1.00 19.19 ? 68  MET A CE  1 
ATOM   517  N N   . MET A 1 70  ? 8.001   2.935   -10.946 1.00 16.54 ? 69  MET A N   1 
ATOM   518  C CA  . MET A 1 70  ? 7.464   3.188   -12.293 1.00 17.65 ? 69  MET A CA  1 
ATOM   519  C C   . MET A 1 70  ? 7.140   1.906   -13.056 1.00 15.17 ? 69  MET A C   1 
ATOM   520  O O   . MET A 1 70  ? 6.053   1.765   -13.577 1.00 14.85 ? 69  MET A O   1 
ATOM   521  C CB  . MET A 1 70  ? 8.396   4.105   -13.096 1.00 22.76 ? 69  MET A CB  1 
ATOM   522  C CG  . MET A 1 70  ? 8.122   5.583   -12.804 1.00 25.51 ? 69  MET A CG  1 
ATOM   523  S SD  . MET A 1 70  ? 9.080   6.719   -13.924 1.00 35.73 ? 69  MET A SD  1 
ATOM   524  C CE  . MET A 1 70  ? 9.001   5.774   -15.429 1.00 35.90 ? 69  MET A CE  1 
ATOM   525  N N   . ASP A 1 71  ? 8.034   0.953   -13.045 1.00 15.59 ? 70  ASP A N   1 
ATOM   526  C CA  . ASP A 1 71  ? 7.790   -0.349  -13.669 1.00 18.98 ? 70  ASP A CA  1 
ATOM   527  C C   . ASP A 1 71  ? 6.656   -1.172  -13.024 1.00 15.87 ? 70  ASP A C   1 
ATOM   528  O O   . ASP A 1 71  ? 5.859   -1.785  -13.680 1.00 13.92 ? 70  ASP A O   1 
ATOM   529  C CB  . ASP A 1 71  ? 9.068   -1.189  -13.600 1.00 25.39 ? 70  ASP A CB  1 
ATOM   530  C CG  . ASP A 1 71  ? 9.741   -1.269  -14.889 1.00 35.29 ? 70  ASP A CG  1 
ATOM   531  O OD1 . ASP A 1 71  ? 9.874   -2.420  -15.354 1.00 57.45 ? 70  ASP A OD1 1 
ATOM   532  O OD2 . ASP A 1 71  ? 10.060  -0.220  -15.491 1.00 36.11 ? 70  ASP A OD2 1 
ATOM   533  N N   . PHE A 1 72  ? 6.614   -1.158  -11.679 1.00 14.52 ? 71  PHE A N   1 
ATOM   534  C CA  . PHE A 1 72  ? 5.605   -1.853  -10.912 1.00 12.20 ? 71  PHE A CA  1 
ATOM   535  C C   . PHE A 1 72  ? 4.201   -1.251  -11.249 1.00 11.73 ? 71  PHE A C   1 
ATOM   536  O O   . PHE A 1 72  ? 3.247   -1.959  -11.423 1.00 12.90 ? 71  PHE A O   1 
ATOM   537  C CB  . PHE A 1 72  ? 5.951   -1.723  -9.416  1.00 12.13 ? 71  PHE A CB  1 
ATOM   538  C CG  . PHE A 1 72  ? 5.044   -2.542  -8.535  1.00 11.74 ? 71  PHE A CG  1 
ATOM   539  C CD1 . PHE A 1 72  ? 5.316   -3.867  -8.287  1.00 11.30 ? 71  PHE A CD1 1 
ATOM   540  C CD2 . PHE A 1 72  ? 3.856   -1.994  -8.042  1.00 11.35 ? 71  PHE A CD2 1 
ATOM   541  C CE1 . PHE A 1 72  ? 4.491   -4.654  -7.519  1.00 11.59 ? 71  PHE A CE1 1 
ATOM   542  C CE2 . PHE A 1 72  ? 2.994   -2.772  -7.284  1.00 11.70 ? 71  PHE A CE2 1 
ATOM   543  C CZ  . PHE A 1 72  ? 3.302   -4.111  -7.027  1.00 10.96 ? 71  PHE A CZ  1 
ATOM   544  N N   . TYR A 1 73  ? 4.123   0.083   -11.276 1.00 11.33 ? 72  TYR A N   1 
ATOM   545  C CA  . TYR A 1 73  ? 2.873   0.788   -11.635 1.00 10.75 ? 72  TYR A CA  1 
ATOM   546  C C   . TYR A 1 73  ? 2.410   0.354   -13.043 1.00 10.86 ? 72  TYR A C   1 
ATOM   547  O O   . TYR A 1 73  ? 1.219   0.138   -13.244 1.00 10.53 ? 72  TYR A O   1 
ATOM   548  C CB  . TYR A 1 73  ? 3.032   2.303   -11.544 1.00 10.86 ? 72  TYR A CB  1 
ATOM   549  C CG  . TYR A 1 73  ? 1.868   3.182   -11.986 1.00 11.36 ? 72  TYR A CG  1 
ATOM   550  C CD1 . TYR A 1 73  ? 1.029   3.746   -11.071 1.00 11.31 ? 72  TYR A CD1 1 
ATOM   551  C CD2 . TYR A 1 73  ? 1.683   3.515   -13.337 1.00 11.49 ? 72  TYR A CD2 1 
ATOM   552  C CE1 . TYR A 1 73  ? -0.042  4.523   -11.462 1.00 11.77 ? 72  TYR A CE1 1 
ATOM   553  C CE2 . TYR A 1 73  ? 0.635   4.306   -13.759 1.00 12.08 ? 72  TYR A CE2 1 
ATOM   554  C CZ  . TYR A 1 73  ? -0.231  4.807   -12.845 1.00 11.65 ? 72  TYR A CZ  1 
ATOM   555  O OH  . TYR A 1 73  ? -1.220  5.633   -13.327 1.00 12.75 ? 72  TYR A OH  1 
ATOM   556  N N   . GLU A 1 74  ? 3.347   0.345   -14.002 1.00 10.86 ? 73  GLU A N   1 
ATOM   557  C CA  . GLU A 1 74  ? 2.999   -0.041  -15.371 1.00 12.54 ? 73  GLU A CA  1 
ATOM   558  C C   . GLU A 1 74  ? 2.450   -1.436  -15.426 1.00 12.97 ? 73  GLU A C   1 
ATOM   559  O O   . GLU A 1 74  ? 1.415   -1.677  -16.101 1.00 12.52 ? 73  GLU A O   1 
ATOM   560  C CB  . GLU A 1 74  ? 4.224   0.105   -16.338 1.00 14.66 ? 73  GLU A CB  1 
ATOM   561  C CG  . GLU A 1 74  ? 4.612   1.578   -16.510 1.00 15.82 ? 73  GLU A CG  1 
ATOM   562  C CD  . GLU A 1 74  ? 5.951   1.834   -17.209 1.00 18.93 ? 73  GLU A CD  1 
ATOM   563  O OE1 . GLU A 1 74  ? 6.544   0.872   -17.698 1.00 25.70 ? 73  GLU A OE1 1 
ATOM   564  O OE2 . GLU A 1 74  ? 6.422   2.985   -17.247 1.00 21.61 ? 73  GLU A OE2 1 
ATOM   565  N N   . ASP A 1 75  ? 3.154   -2.352  -14.756 1.00 12.43 ? 74  ASP A N   1 
ATOM   566  C CA  . ASP A 1 75  ? 2.699   -3.713  -14.716 1.00 13.72 ? 74  ASP A CA  1 
ATOM   567  C C   . ASP A 1 75  ? 1.340   -3.861  -14.033 1.00 12.69 ? 74  ASP A C   1 
ATOM   568  O O   . ASP A 1 75  ? 0.444   -4.591  -14.553 1.00 11.74 ? 74  ASP A O   1 
ATOM   569  C CB  . ASP A 1 75  ? 3.733   -4.661  -14.075 1.00 15.20 ? 74  ASP A CB  1 
ATOM   570  C CG  . ASP A 1 75  ? 5.044   -4.774  -14.856 1.00 19.03 ? 74  ASP A CG  1 
ATOM   571  O OD1 . ASP A 1 75  ? 5.085   -4.372  -16.047 1.00 20.54 ? 74  ASP A OD1 1 
ATOM   572  O OD2 . ASP A 1 75  ? 6.061   -5.203  -14.225 1.00 21.45 ? 74  ASP A OD2 1 
ATOM   573  N N   . LEU A 1 76  ? 1.157   -3.166  -12.905 1.00 11.50 ? 75  LEU A N   1 
ATOM   574  C CA  . LEU A 1 76  ? -0.118  -3.220  -12.207 1.00 11.01 ? 75  LEU A CA  1 
ATOM   575  C C   . LEU A 1 76  ? -1.301  -2.661  -13.069 1.00 11.38 ? 75  LEU A C   1 
ATOM   576  O O   . LEU A 1 76  ? -2.397  -3.279  -13.108 1.00 11.83 ? 75  LEU A O   1 
ATOM   577  C CB  . LEU A 1 76  ? -0.005  -2.473  -10.872 1.00 11.41 ? 75  LEU A CB  1 
ATOM   578  C CG  . LEU A 1 76  ? -1.259  -2.318  -10.052 1.00 12.05 ? 75  LEU A CG  1 
ATOM   579  C CD1 . LEU A 1 76  ? -1.860  -3.648  -9.626  1.00 13.28 ? 75  LEU A CD1 1 
ATOM   580  C CD2 . LEU A 1 76  ? -0.988  -1.442  -8.829  1.00 11.49 ? 75  LEU A CD2 1 
ATOM   581  N N   . ALA A 1 77  ? -1.026  -1.563  -13.809 1.00 9.61  ? 76  ALA A N   1 
ATOM   582  C CA  . ALA A 1 77  ? -2.089  -0.905  -14.597 1.00 10.48 ? 76  ALA A CA  1 
ATOM   583  C C   . ALA A 1 77  ? -2.584  -1.879  -15.699 1.00 11.36 ? 76  ALA A C   1 
ATOM   584  O O   . ALA A 1 77  ? -3.676  -1.747  -16.237 1.00 11.91 ? 76  ALA A O   1 
ATOM   585  C CB  . ALA A 1 77  ? -1.542  0.367   -15.239 1.00 10.64 ? 76  ALA A CB  1 
ATOM   586  N N   . ASP A 1 78  ? -1.763  -2.811  -16.072 1.00 12.64 ? 77  ASP A N   1 
ATOM   587  C CA  . ASP A 1 78  ? -2.177  -3.750  -17.138 1.00 14.44 ? 77  ASP A CA  1 
ATOM   588  C C   . ASP A 1 78  ? -2.874  -4.974  -16.612 1.00 16.18 ? 77  ASP A C   1 
ATOM   589  O O   . ASP A 1 78  ? -3.191  -5.849  -17.413 1.00 15.97 ? 77  ASP A O   1 
ATOM   590  C CB  . ASP A 1 78  ? -0.948  -4.198  -17.965 1.00 15.35 ? 77  ASP A CB  1 
ATOM   591  C CG  . ASP A 1 78  ? -1.318  -4.713  -19.379 1.00 19.13 ? 77  ASP A CG  1 
ATOM   592  O OD1 . ASP A 1 78  ? -2.340  -4.301  -20.011 1.00 18.97 ? 77  ASP A OD1 1 
ATOM   593  O OD2 . ASP A 1 78  ? -0.507  -5.532  -19.846 1.00 21.52 ? 77  ASP A OD2 1 
ATOM   594  N N   . LEU A 1 79  ? -3.080  -5.107  -15.287 1.00 14.58 ? 78  LEU A N   1 
ATOM   595  C CA  . LEU A 1 79  ? -3.695  -6.347  -14.703 1.00 15.85 ? 78  LEU A CA  1 
ATOM   596  C C   . LEU A 1 79  ? -5.199  -6.217  -14.530 1.00 17.13 ? 78  LEU A C   1 
ATOM   597  O O   . LEU A 1 79  ? -5.703  -5.103  -14.417 1.00 16.71 ? 78  LEU A O   1 
ATOM   598  C CB  . LEU A 1 79  ? -3.145  -6.615  -13.290 1.00 16.87 ? 78  LEU A CB  1 
ATOM   599  C CG  . LEU A 1 79  ? -1.653  -6.906  -13.164 1.00 17.45 ? 78  LEU A CG  1 
ATOM   600  C CD1 . LEU A 1 79  ? -1.261  -7.210  -11.701 1.00 17.55 ? 78  LEU A CD1 1 
ATOM   601  C CD2 . LEU A 1 79  ? -1.257  -8.066  -14.083 1.00 17.88 ? 78  LEU A CD2 1 
ATOM   602  N N   . ASN A 1 80  ? -5.918  -7.353  -14.504 1.00 16.15 ? 79  ASN A N   1 
ATOM   603  C CA  . ASN A 1 80  ? -7.328  -7.361  -14.070 1.00 18.81 ? 79  ASN A CA  1 
ATOM   604  C C   . ASN A 1 80  ? -7.368  -8.042  -12.715 1.00 17.36 ? 79  ASN A C   1 
ATOM   605  O O   . ASN A 1 80  ? -6.927  -9.184  -12.547 1.00 21.90 ? 79  ASN A O   1 
ATOM   606  C CB  . ASN A 1 80  ? -8.281  -8.022  -15.089 1.00 21.17 ? 79  ASN A CB  1 
ATOM   607  C CG  . ASN A 1 80  ? -8.424  -7.172  -16.359 1.00 27.26 ? 79  ASN A CG  1 
ATOM   608  O OD1 . ASN A 1 80  ? -8.978  -6.038  -16.324 1.00 35.81 ? 79  ASN A OD1 1 
ATOM   609  N ND2 . ASN A 1 80  ? -7.894  -7.672  -17.474 1.00 29.61 ? 79  ASN A ND2 1 
ATOM   610  N N   . LEU A 1 81  ? -7.749  -7.268  -11.706 1.00 14.82 ? 80  LEU A N   1 
ATOM   611  C CA  . LEU A 1 81  ? -7.831  -7.673  -10.347 1.00 14.67 ? 80  LEU A CA  1 
ATOM   612  C C   . LEU A 1 81  ? -9.268  -7.642  -9.812  1.00 16.92 ? 80  LEU A C   1 
ATOM   613  O O   . LEU A 1 81  ? -9.508  -7.422  -8.616  1.00 16.87 ? 80  LEU A O   1 
ATOM   614  C CB  . LEU A 1 81  ? -6.918  -6.787  -9.453  1.00 14.50 ? 80  LEU A CB  1 
ATOM   615  C CG  . LEU A 1 81  ? -5.408  -6.794  -9.780  1.00 15.40 ? 80  LEU A CG  1 
ATOM   616  C CD1 . LEU A 1 81  ? -4.648  -5.871  -8.843  1.00 13.97 ? 80  LEU A CD1 1 
ATOM   617  C CD2 . LEU A 1 81  ? -4.892  -8.140  -9.644  1.00 15.58 ? 80  LEU A CD2 1 
ATOM   618  N N   . ASN A 1 82  ? -10.238 -7.965  -10.664 1.00 17.50 ? 81  ASN A N   1 
ATOM   619  C CA  . ASN A 1 82  ? -11.583 -8.239  -10.121 1.00 20.80 ? 81  ASN A CA  1 
ATOM   620  C C   . ASN A 1 82  ? -11.608 -9.305  -9.020  1.00 22.01 ? 81  ASN A C   1 
ATOM   621  O O   . ASN A 1 82  ? -10.932 -10.366 -9.072  1.00 24.97 ? 81  ASN A O   1 
ATOM   622  C CB  . ASN A 1 82  ? -12.575 -8.583  -11.248 1.00 23.40 ? 81  ASN A CB  1 
ATOM   623  C CG  . ASN A 1 82  ? -12.741 -7.436  -12.235 1.00 25.72 ? 81  ASN A CG  1 
ATOM   624  O OD1 . ASN A 1 82  ? -13.689 -6.659  -12.126 1.00 34.69 ? 81  ASN A OD1 1 
ATOM   625  N ND2 . ASN A 1 82  ? -11.780 -7.254  -13.139 1.00 28.14 ? 81  ASN A ND2 1 
ATOM   626  N N   . GLY A 1 83  ? -12.345 -8.997  -7.960  1.00 21.24 ? 82  GLY A N   1 
ATOM   627  C CA  . GLY A 1 83  ? -12.416 -9.893  -6.805  1.00 22.47 ? 82  GLY A CA  1 
ATOM   628  C C   . GLY A 1 83  ? -11.346 -9.708  -5.753  1.00 21.25 ? 82  GLY A C   1 
ATOM   629  O O   . GLY A 1 83  ? -11.324 -10.458 -4.777  1.00 27.79 ? 82  GLY A O   1 
ATOM   630  N N   . LYS A 1 84  ? -10.444 -8.736  -5.940  1.00 18.15 ? 83  LYS A N   1 
ATOM   631  C CA  . LYS A 1 84  ? -9.438  -8.473  -4.923  1.00 17.26 ? 83  LYS A CA  1 
ATOM   632  C C   . LYS A 1 84  ? -9.853  -7.196  -4.158  1.00 15.40 ? 83  LYS A C   1 
ATOM   633  O O   . LYS A 1 84  ? -10.457 -6.320  -4.735  1.00 16.87 ? 83  LYS A O   1 
ATOM   634  C CB  . LYS A 1 84  ? -8.052  -8.235  -5.541  1.00 18.06 ? 83  LYS A CB  1 
ATOM   635  C CG  . LYS A 1 84  ? -7.545  -9.255  -6.593  1.00 20.05 ? 83  LYS A CG  1 
ATOM   636  C CD  . LYS A 1 84  ? -7.326  -10.592 -6.011  1.00 20.45 ? 83  LYS A CD  1 
ATOM   637  C CE  . LYS A 1 84  ? -6.788  -11.614 -7.014  1.00 22.08 ? 83  LYS A CE  1 
ATOM   638  N NZ  . LYS A 1 84  ? -6.921  -12.987 -6.471  1.00 21.35 ? 83  LYS A NZ  1 
ATOM   639  N N   . ILE A 1 85  ? -9.493  -7.132  -2.893  1.00 14.23 ? 84  ILE A N   1 
ATOM   640  C CA  . ILE A 1 85  ? -9.656  -5.958  -2.010  1.00 14.29 ? 84  ILE A CA  1 
ATOM   641  C C   . ILE A 1 85  ? -8.287  -5.248  -2.000  1.00 13.18 ? 84  ILE A C   1 
ATOM   642  O O   . ILE A 1 85  ? -7.223  -5.938  -1.870  1.00 13.95 ? 84  ILE A O   1 
ATOM   643  C CB  . ILE A 1 85  ? -10.012 -6.386  -0.567  1.00 16.15 ? 84  ILE A CB  1 
ATOM   644  C CG1 . ILE A 1 85  ? -11.242 -7.302  -0.493  1.00 19.22 ? 84  ILE A CG1 1 
ATOM   645  C CG2 . ILE A 1 85  ? -10.186 -5.174  0.409   1.00 16.33 ? 84  ILE A CG2 1 
ATOM   646  C CD1 . ILE A 1 85  ? -12.317 -6.957  -1.424  1.00 24.54 ? 84  ILE A CD1 1 
ATOM   647  N N   . TYR A 1 86  ? -8.271  -3.906  -2.084  1.00 10.51 ? 85  TYR A N   1 
ATOM   648  C CA  . TYR A 1 86  ? -6.985  -3.227  -1.989  1.00 10.07 ? 85  TYR A CA  1 
ATOM   649  C C   . TYR A 1 86  ? -7.029  -2.095  -0.943  1.00 9.75  ? 85  TYR A C   1 
ATOM   650  O O   . TYR A 1 86  ? -8.080  -1.617  -0.565  1.00 10.42 ? 85  TYR A O   1 
ATOM   651  C CB  . TYR A 1 86  ? -6.548  -2.643  -3.349  1.00 10.22 ? 85  TYR A CB  1 
ATOM   652  C CG  . TYR A 1 86  ? -7.269  -1.370  -3.778  1.00 10.63 ? 85  TYR A CG  1 
ATOM   653  C CD1 . TYR A 1 86  ? -6.778  -0.108  -3.445  1.00 11.00 ? 85  TYR A CD1 1 
ATOM   654  C CD2 . TYR A 1 86  ? -8.378  -1.436  -4.610  1.00 12.14 ? 85  TYR A CD2 1 
ATOM   655  C CE1 . TYR A 1 86  ? -7.440  1.064   -3.863  1.00 11.81 ? 85  TYR A CE1 1 
ATOM   656  C CE2 . TYR A 1 86  ? -9.044  -0.283  -5.048  1.00 11.77 ? 85  TYR A CE2 1 
ATOM   657  C CZ  . TYR A 1 86  ? -8.552  0.963   -4.709  1.00 13.01 ? 85  TYR A CZ  1 
ATOM   658  O OH  . TYR A 1 86  ? -9.236  2.093   -5.113  1.00 13.59 ? 85  TYR A OH  1 
ATOM   659  N N   . GLY A 1 87  ? -5.848  -1.641  -0.599  1.00 9.10  ? 86  GLY A N   1 
ATOM   660  C CA  . GLY A 1 87  ? -5.670  -0.388  0.100   1.00 9.21  ? 86  GLY A CA  1 
ATOM   661  C C   . GLY A 1 87  ? -4.320  0.211   -0.196  1.00 8.96  ? 86  GLY A C   1 
ATOM   662  O O   . GLY A 1 87  ? -3.387  -0.487  -0.682  1.00 8.93  ? 86  GLY A O   1 
ATOM   663  N N   . VAL A 1 88  ? -4.210  1.494   0.092   1.00 9.35  ? 87  VAL A N   1 
ATOM   664  C CA  . VAL A 1 88  ? -2.976  2.245   -0.198  1.00 9.54  ? 87  VAL A CA  1 
ATOM   665  C C   . VAL A 1 88  ? -2.621  3.140   0.981   1.00 9.53  ? 87  VAL A C   1 
ATOM   666  O O   . VAL A 1 88  ? -3.490  3.819   1.569   1.00 8.94  ? 87  VAL A O   1 
ATOM   667  C CB  . VAL A 1 88  ? -3.039  3.109   -1.491  1.00 9.32  ? 87  VAL A CB  1 
ATOM   668  C CG1 . VAL A 1 88  ? -1.680  3.625   -1.919  1.00 9.58  ? 87  VAL A CG1 1 
ATOM   669  C CG2 . VAL A 1 88  ? -3.616  2.294   -2.617  1.00 9.72  ? 87  VAL A CG2 1 
ATOM   670  N N   . VAL A 1 89  ? -1.358  3.087   1.377   1.00 9.28  ? 88  VAL A N   1 
ATOM   671  C CA  . VAL A 1 89  ? -0.844  3.967   2.426   1.00 9.56  ? 88  VAL A CA  1 
ATOM   672  C C   . VAL A 1 89  ? 0.468   4.634   2.017   1.00 9.24  ? 88  VAL A C   1 
ATOM   673  O O   . VAL A 1 89  ? 1.125   4.161   1.079   1.00 9.50  ? 88  VAL A O   1 
ATOM   674  C CB  . VAL A 1 89  ? -0.633  3.154   3.756   1.00 9.24  ? 88  VAL A CB  1 
ATOM   675  C CG1 . VAL A 1 89  ? -1.923  2.504   4.200   1.00 10.54 ? 88  VAL A CG1 1 
ATOM   676  C CG2 . VAL A 1 89  ? 0.574   2.175   3.636   1.00 10.26 ? 88  VAL A CG2 1 
ATOM   677  N N   . GLY A 1 90  ? 0.977   5.616   2.791   1.00 9.27  ? 89  GLY A N   1 
ATOM   678  C CA  . GLY A 1 90  ? 2.279   6.132   2.464   1.00 9.61  ? 89  GLY A CA  1 
ATOM   679  C C   . GLY A 1 90  ? 2.695   7.229   3.377   1.00 10.49 ? 89  GLY A C   1 
ATOM   680  O O   . GLY A 1 90  ? 1.883   7.722   4.118   1.00 11.28 ? 89  GLY A O   1 
ATOM   681  N N   . SER A 1 91  ? 3.978   7.541   3.325   1.00 10.32 ? 90  SER A N   1 
ATOM   682  C CA  . SER A 1 91  ? 4.494   8.739   3.993   1.00 11.15 ? 90  SER A CA  1 
ATOM   683  C C   . SER A 1 91  ? 4.832   9.809   3.012   1.00 12.13 ? 90  SER A C   1 
ATOM   684  O O   . SER A 1 91  ? 5.226   9.517   1.864   1.00 13.08 ? 90  SER A O   1 
ATOM   685  C CB  . SER A 1 91  ? 5.752   8.403   4.809   1.00 12.40 ? 90  SER A CB  1 
ATOM   686  O OG  . SER A 1 91  ? 6.318   9.556   5.481   1.00 13.36 ? 90  SER A OG  1 
ATOM   687  N N   . GLY A 1 92  ? 4.699   11.062  3.463   1.00 11.85 ? 91  GLY A N   1 
ATOM   688  C CA  . GLY A 1 92  ? 5.080   12.173  2.614   1.00 13.15 ? 91  GLY A CA  1 
ATOM   689  C C   . GLY A 1 92  ? 5.402   13.425  3.434   1.00 11.33 ? 91  GLY A C   1 
ATOM   690  O O   . GLY A 1 92  ? 5.507   13.404  4.641   1.00 10.85 ? 91  GLY A O   1 
ATOM   691  N N   . ASP A 1 93  ? 5.615   14.476  2.684   1.00 11.67 ? 92  ASP A N   1 
ATOM   692  C CA  . ASP A 1 93  ? 5.898   15.806  3.276   1.00 13.09 ? 92  ASP A CA  1 
ATOM   693  C C   . ASP A 1 93  ? 5.363   16.845  2.387   1.00 13.01 ? 92  ASP A C   1 
ATOM   694  O O   . ASP A 1 93  ? 4.881   16.547  1.286   1.00 13.89 ? 92  ASP A O   1 
ATOM   695  C CB  . ASP A 1 93  ? 7.380   15.938  3.536   1.00 14.15 ? 92  ASP A CB  1 
ATOM   696  C CG  . ASP A 1 93  ? 8.205   15.929  2.292   1.00 16.48 ? 92  ASP A CG  1 
ATOM   697  O OD1 . ASP A 1 93  ? 9.123   15.022  2.220   1.00 22.50 ? 92  ASP A OD1 1 
ATOM   698  O OD2 . ASP A 1 93  ? 7.958   16.706  1.358   1.00 14.82 ? 92  ASP A OD2 1 
ATOM   699  N N   . THR A 1 94  ? 5.325   18.083  2.913   1.00 12.95 ? 93  THR A N   1 
ATOM   700  C CA  . THR A 1 94  ? 4.710   19.205  2.188   1.00 14.81 ? 93  THR A CA  1 
ATOM   701  C C   . THR A 1 94  ? 5.736   20.071  1.401   1.00 15.47 ? 93  THR A C   1 
ATOM   702  O O   . THR A 1 94  ? 5.332   21.061  0.750   1.00 17.21 ? 93  THR A O   1 
ATOM   703  C CB  . THR A 1 94  ? 3.923   20.096  3.120   1.00 15.38 ? 93  THR A CB  1 
ATOM   704  O OG1 . THR A 1 94  ? 4.799   20.820  3.984   1.00 18.11 ? 93  THR A OG1 1 
ATOM   705  C CG2 . THR A 1 94  ? 2.929   19.302  3.944   1.00 16.77 ? 93  THR A CG2 1 
ATOM   706  N N   . PHE A 1 95  ? 6.989   19.652  1.363   1.00 14.77 ? 94  PHE A N   1 
ATOM   707  C CA  . PHE A 1 95  ? 8.039   20.560  0.817   1.00 17.00 ? 94  PHE A CA  1 
ATOM   708  C C   . PHE A 1 95  ? 7.864   20.783  -0.700  1.00 19.98 ? 94  PHE A C   1 
ATOM   709  O O   . PHE A 1 95  ? 8.254   21.851  -1.222  1.00 20.48 ? 94  PHE A O   1 
ATOM   710  C CB  . PHE A 1 95  ? 9.460   20.042  1.141   1.00 17.71 ? 94  PHE A CB  1 
ATOM   711  C CG  . PHE A 1 95  ? 9.701   19.742  2.600   1.00 16.67 ? 94  PHE A CG  1 
ATOM   712  C CD1 . PHE A 1 95  ? 9.253   20.589  3.570   1.00 19.85 ? 94  PHE A CD1 1 
ATOM   713  C CD2 . PHE A 1 95  ? 10.369  18.608  2.959   1.00 19.16 ? 94  PHE A CD2 1 
ATOM   714  C CE1 . PHE A 1 95  ? 9.452   20.272  4.909   1.00 19.95 ? 94  PHE A CE1 1 
ATOM   715  C CE2 . PHE A 1 95  ? 10.613  18.288  4.284   1.00 20.28 ? 94  PHE A CE2 1 
ATOM   716  C CZ  . PHE A 1 95  ? 10.147  19.146  5.252   1.00 18.55 ? 94  PHE A CZ  1 
ATOM   717  N N   . TYR A 1 96  ? 7.307   19.774  -1.412  1.00 19.33 ? 95  TYR A N   1 
ATOM   718  C CA  . TYR A 1 96  ? 7.113   19.846  -2.869  1.00 19.93 ? 95  TYR A CA  1 
ATOM   719  C C   . TYR A 1 96  ? 5.644   20.143  -3.272  1.00 21.27 ? 95  TYR A C   1 
ATOM   720  O O   . TYR A 1 96  ? 5.298   20.149  -4.460  1.00 20.58 ? 95  TYR A O   1 
ATOM   721  C CB  . TYR A 1 96  ? 7.628   18.551  -3.513  1.00 22.01 ? 95  TYR A CB  1 
ATOM   722  C CG  . TYR A 1 96  ? 9.079   18.294  -3.234  1.00 23.54 ? 95  TYR A CG  1 
ATOM   723  C CD1 . TYR A 1 96  ? 10.071  18.801  -4.068  1.00 24.28 ? 95  TYR A CD1 1 
ATOM   724  C CD2 . TYR A 1 96  ? 9.475   17.561  -2.102  1.00 27.03 ? 95  TYR A CD2 1 
ATOM   725  C CE1 . TYR A 1 96  ? 11.410  18.551  -3.812  1.00 28.15 ? 95  TYR A CE1 1 
ATOM   726  C CE2 . TYR A 1 96  ? 10.815  17.328  -1.829  1.00 28.49 ? 95  TYR A CE2 1 
ATOM   727  C CZ  . TYR A 1 96  ? 11.777  17.816  -2.697  1.00 30.17 ? 95  TYR A CZ  1 
ATOM   728  O OH  . TYR A 1 96  ? 13.134  17.598  -2.451  1.00 37.55 ? 95  TYR A OH  1 
ATOM   729  N N   . ASP A 1 97  ? 4.795   20.435  -2.278  1.00 20.49 ? 96  ASP A N   1 
ATOM   730  C CA  . ASP A 1 97  ? 3.390   20.779  -2.424  1.00 24.49 ? 96  ASP A CA  1 
ATOM   731  C C   . ASP A 1 97  ? 2.602   19.666  -3.131  1.00 20.71 ? 96  ASP A C   1 
ATOM   732  O O   . ASP A 1 97  ? 1.628   19.977  -3.828  1.00 19.97 ? 96  ASP A O   1 
ATOM   733  C CB  . ASP A 1 97  ? 3.277   22.125  -3.164  1.00 30.39 ? 96  ASP A CB  1 
ATOM   734  C CG  . ASP A 1 97  ? 4.262   23.198  -2.576  1.00 37.57 ? 96  ASP A CG  1 
ATOM   735  O OD1 . ASP A 1 97  ? 3.915   23.844  -1.563  1.00 44.14 ? 96  ASP A OD1 1 
ATOM   736  O OD2 . ASP A 1 97  ? 5.401   23.349  -3.113  1.00 45.57 ? 96  ASP A OD2 1 
ATOM   737  N N   . GLU A 1 98  ? 3.065   18.402  -2.974  1.00 17.18 ? 97  GLU A N   1 
ATOM   738  C CA  . GLU A 1 98  ? 2.414   17.237  -3.562  1.00 17.25 ? 97  GLU A CA  1 
ATOM   739  C C   . GLU A 1 98  ? 2.400   16.066  -2.534  1.00 14.61 ? 97  GLU A C   1 
ATOM   740  O O   . GLU A 1 98  ? 2.789   14.934  -2.841  1.00 15.29 ? 97  GLU A O   1 
ATOM   741  C CB  . GLU A 1 98  ? 3.131   16.794  -4.853  1.00 19.94 ? 97  GLU A CB  1 
ATOM   742  C CG  . GLU A 1 98  ? 3.105   17.805  -6.039  1.00 22.15 ? 97  GLU A CG  1 
ATOM   743  C CD  . GLU A 1 98  ? 1.703   18.163  -6.537  1.00 28.55 ? 97  GLU A CD  1 
ATOM   744  O OE1 . GLU A 1 98  ? 1.544   19.243  -7.154  1.00 33.14 ? 97  GLU A OE1 1 
ATOM   745  O OE2 . GLU A 1 98  ? 0.744   17.392  -6.321  1.00 34.08 ? 97  GLU A OE2 1 
ATOM   746  N N   . PHE A 1 99  ? 1.992   16.396  -1.306  1.00 14.11 ? 98  PHE A N   1 
ATOM   747  C CA  . PHE A 1 99  ? 1.948   15.499  -0.154  1.00 13.03 ? 98  PHE A CA  1 
ATOM   748  C C   . PHE A 1 99  ? 1.255   14.202  -0.480  1.00 12.51 ? 98  PHE A C   1 
ATOM   749  O O   . PHE A 1 99  ? 0.060   14.155  -0.748  1.00 13.51 ? 98  PHE A O   1 
ATOM   750  C CB  . PHE A 1 99  ? 1.195   16.165  1.019   1.00 12.22 ? 98  PHE A CB  1 
ATOM   751  C CG  . PHE A 1 99  ? 1.135   15.358  2.266   1.00 11.95 ? 98  PHE A CG  1 
ATOM   752  C CD1 . PHE A 1 99  ? 2.189   15.363  3.132   1.00 12.12 ? 98  PHE A CD1 1 
ATOM   753  C CD2 . PHE A 1 99  ? 0.007   14.602  2.583   1.00 12.64 ? 98  PHE A CD2 1 
ATOM   754  C CE1 . PHE A 1 99  ? 2.112   14.647  4.319   1.00 12.65 ? 98  PHE A CE1 1 
ATOM   755  C CE2 . PHE A 1 99  ? -0.086  13.896  3.740   1.00 11.43 ? 98  PHE A CE2 1 
ATOM   756  C CZ  . PHE A 1 99  ? 0.985   13.884  4.597   1.00 13.23 ? 98  PHE A CZ  1 
ATOM   757  N N   . CYS A 1 100 ? 2.040   13.144  -0.423  1.00 11.78 ? 99  CYS A N   1 
ATOM   758  C CA  . CYS A 1 100 ? 1.498   11.817  -0.684  1.00 12.52 ? 99  CYS A CA  1 
ATOM   759  C C   . CYS A 1 100 ? 0.750   11.691  -2.006  1.00 11.98 ? 99  CYS A C   1 
ATOM   760  O O   . CYS A 1 100 ? -0.118  10.795  -2.137  1.00 13.02 ? 99  CYS A O   1 
ATOM   761  C CB  . CYS A 1 100 ? 0.695   11.307  0.530   1.00 12.70 ? 99  CYS A CB  1 
ATOM   762  S SG  . CYS A 1 100 ? 1.643   10.958  2.003   1.00 12.94 ? 99  CYS A SG  1 
ATOM   763  N N   . LYS A 1 101 ? 1.099   12.455  -3.041  1.00 11.99 ? 100 LYS A N   1 
ATOM   764  C CA  . LYS A 1 101 ? 0.383   12.329  -4.305  1.00 12.32 ? 100 LYS A CA  1 
ATOM   765  C C   . LYS A 1 101 ? 0.575   10.908  -4.882  1.00 11.61 ? 100 LYS A C   1 
ATOM   766  O O   . LYS A 1 101 ? -0.333  10.442  -5.539  1.00 11.07 ? 100 LYS A O   1 
ATOM   767  C CB  . LYS A 1 101 ? 0.765   13.398  -5.296  1.00 16.24 ? 100 LYS A CB  1 
ATOM   768  C CG  . LYS A 1 101 ? 0.154   13.185  -6.667  1.00 19.23 ? 100 LYS A CG  1 
ATOM   769  C CD  . LYS A 1 101 ? 0.152   14.463  -7.411  1.00 27.48 ? 100 LYS A CD  1 
ATOM   770  C CE  . LYS A 1 101 ? -0.342  14.227  -8.825  1.00 30.47 ? 100 LYS A CE  1 
ATOM   771  N NZ  . LYS A 1 101 ? -0.830  15.516  -9.385  1.00 33.92 ? 100 LYS A NZ  1 
ATOM   772  N N   . ALA A 1 102 ? 1.702   10.235  -4.639  1.00 10.98 ? 101 ALA A N   1 
ATOM   773  C CA  . ALA A 1 102 ? 1.850   8.863   -5.147  1.00 10.86 ? 101 ALA A CA  1 
ATOM   774  C C   . ALA A 1 102 ? 0.767   7.900   -4.543  1.00 10.78 ? 101 ALA A C   1 
ATOM   775  O O   . ALA A 1 102 ? 0.386   6.915   -5.211  1.00 11.93 ? 101 ALA A O   1 
ATOM   776  C CB  . ALA A 1 102 ? 3.278   8.288   -4.957  1.00 10.53 ? 101 ALA A CB  1 
ATOM   777  N N   . VAL A 1 103 ? 0.316   8.167   -3.313  1.00 11.50 ? 102 VAL A N   1 
ATOM   778  C CA  . VAL A 1 103 ? -0.764  7.368   -2.660  1.00 11.17 ? 102 VAL A CA  1 
ATOM   779  C C   . VAL A 1 103 ? -2.055  7.516   -3.498  1.00 11.63 ? 102 VAL A C   1 
ATOM   780  O O   . VAL A 1 103 ? -2.700  6.497   -3.882  1.00 11.47 ? 102 VAL A O   1 
ATOM   781  C CB  . VAL A 1 103 ? -0.975  7.752   -1.146  1.00 11.80 ? 102 VAL A CB  1 
ATOM   782  C CG1 . VAL A 1 103 ? -2.239  7.095   -0.590  1.00 12.56 ? 102 VAL A CG1 1 
ATOM   783  C CG2 . VAL A 1 103 ? 0.273   7.510   -0.299  1.00 12.16 ? 102 VAL A CG2 1 
ATOM   784  N N   . ASP A 1 104 ? -2.383  8.753   -3.863  1.00 13.17 ? 103 ASP A N   1 
ATOM   785  C CA  . ASP A 1 104 ? -3.535  9.027   -4.694  1.00 13.59 ? 103 ASP A CA  1 
ATOM   786  C C   . ASP A 1 104 ? -3.391  8.362   -6.055  1.00 12.84 ? 103 ASP A C   1 
ATOM   787  O O   . ASP A 1 104 ? -4.349  7.765   -6.579  1.00 11.66 ? 103 ASP A O   1 
ATOM   788  C CB  . ASP A 1 104 ? -3.747  10.536  -4.864  1.00 16.12 ? 103 ASP A CB  1 
ATOM   789  C CG  . ASP A 1 104 ? -4.315  11.181  -3.675  1.00 17.67 ? 103 ASP A CG  1 
ATOM   790  O OD1 . ASP A 1 104 ? -4.683  10.525  -2.668  1.00 18.84 ? 103 ASP A OD1 1 
ATOM   791  O OD2 . ASP A 1 104 ? -4.396  12.431  -3.736  1.00 21.29 ? 103 ASP A OD2 1 
ATOM   792  N N   . ASP A 1 105 ? -2.208  8.435   -6.646  1.00 11.89 ? 104 ASP A N   1 
ATOM   793  C CA  . ASP A 1 105 ? -1.985  7.821   -7.961  1.00 12.83 ? 104 ASP A CA  1 
ATOM   794  C C   . ASP A 1 105 ? -2.147  6.302   -7.958  1.00 12.29 ? 104 ASP A C   1 
ATOM   795  O O   . ASP A 1 105 ? -2.709  5.729   -8.888  1.00 12.54 ? 104 ASP A O   1 
ATOM   796  C CB  . ASP A 1 105 ? -0.607  8.189   -8.465  1.00 14.88 ? 104 ASP A CB  1 
ATOM   797  C CG  . ASP A 1 105 ? -0.455  9.680   -8.750  1.00 17.66 ? 104 ASP A CG  1 
ATOM   798  O OD1 . ASP A 1 105 ? -1.462  10.413  -8.829  1.00 19.71 ? 104 ASP A OD1 1 
ATOM   799  O OD2 . ASP A 1 105 ? 0.708   10.050  -8.779  1.00 24.34 ? 104 ASP A OD2 1 
ATOM   800  N N   . PHE A 1 106 ? -1.670  5.659   -6.892  1.00 11.79 ? 105 PHE A N   1 
ATOM   801  C CA  . PHE A 1 106 ? -1.820  4.186   -6.752  1.00 10.61 ? 105 PHE A CA  1 
ATOM   802  C C   . PHE A 1 106 ? -3.268  3.818   -6.431  1.00 10.64 ? 105 PHE A C   1 
ATOM   803  O O   . PHE A 1 106 ? -3.745  2.740   -6.873  1.00 11.15 ? 105 PHE A O   1 
ATOM   804  C CB  . PHE A 1 106 ? -0.830  3.589   -5.749  1.00 11.05 ? 105 PHE A CB  1 
ATOM   805  C CG  . PHE A 1 106 ? 0.428   3.090   -6.370  1.00 9.94  ? 105 PHE A CG  1 
ATOM   806  C CD1 . PHE A 1 106 ? 0.408   1.875   -7.042  1.00 9.96  ? 105 PHE A CD1 1 
ATOM   807  C CD2 . PHE A 1 106 ? 1.592   3.820   -6.384  1.00 11.26 ? 105 PHE A CD2 1 
ATOM   808  C CE1 . PHE A 1 106 ? 1.582   1.366   -7.621  1.00 10.21 ? 105 PHE A CE1 1 
ATOM   809  C CE2 . PHE A 1 106 ? 2.757   3.334   -6.953  1.00 9.97  ? 105 PHE A CE2 1 
ATOM   810  C CZ  . PHE A 1 106 ? 2.767   2.089   -7.597  1.00 10.43 ? 105 PHE A CZ  1 
ATOM   811  N N   . ASP A 1 107 ? -3.990  4.663   -5.677  1.00 11.03 ? 106 ASP A N   1 
ATOM   812  C CA  . ASP A 1 107 ? -5.441  4.430   -5.471  1.00 12.62 ? 106 ASP A CA  1 
ATOM   813  C C   . ASP A 1 107 ? -6.123  4.340   -6.850  1.00 11.92 ? 106 ASP A C   1 
ATOM   814  O O   . ASP A 1 107 ? -6.889  3.396   -7.132  1.00 13.01 ? 106 ASP A O   1 
ATOM   815  C CB  . ASP A 1 107 ? -6.002  5.537   -4.582  1.00 14.91 ? 106 ASP A CB  1 
ATOM   816  C CG  . ASP A 1 107 ? -7.455  5.364   -4.256  1.00 17.48 ? 106 ASP A CG  1 
ATOM   817  O OD1 . ASP A 1 107 ? -8.081  4.364   -4.566  1.00 17.41 ? 106 ASP A OD1 1 
ATOM   818  O OD2 . ASP A 1 107 ? -7.951  6.274   -3.595  1.00 23.62 ? 106 ASP A OD2 1 
ATOM   819  N N   . ARG A 1 108 ? -5.835  5.297   -7.742  1.00 12.41 ? 107 ARG A N   1 
ATOM   820  C CA  . ARG A 1 108 ? -6.480  5.338   -9.063  1.00 13.95 ? 107 ARG A CA  1 
ATOM   821  C C   . ARG A 1 108 ? -6.118  4.177   -9.948  1.00 13.29 ? 107 ARG A C   1 
ATOM   822  O O   . ARG A 1 108 ? -6.991  3.611   -10.619 1.00 13.96 ? 107 ARG A O   1 
ATOM   823  C CB  . ARG A 1 108 ? -6.189  6.682   -9.755  1.00 17.57 ? 107 ARG A CB  1 
ATOM   824  C CG  . ARG A 1 108 ? -6.810  7.856   -9.045  1.00 20.49 ? 107 ARG A CG  1 
ATOM   825  C CD  . ARG A 1 108 ? -8.308  8.045   -9.349  1.00 27.81 ? 107 ARG A CD  1 
ATOM   826  N NE  . ARG A 1 108 ? -8.764  9.416   -8.945  1.00 40.46 ? 107 ARG A NE  1 
ATOM   827  C CZ  . ARG A 1 108 ? -9.672  10.198  -9.571  1.00 39.77 ? 107 ARG A CZ  1 
ATOM   828  N NH1 . ARG A 1 108 ? -10.301 9.810   -10.686 1.00 40.90 ? 107 ARG A NH1 1 
ATOM   829  N NH2 . ARG A 1 108 ? -9.941  11.409  -9.077  1.00 40.82 ? 107 ARG A NH2 1 
ATOM   830  N N   . VAL A 1 109 ? -4.850  3.786   -9.971  1.00 12.36 ? 108 VAL A N   1 
ATOM   831  C CA  . VAL A 1 109 ? -4.454  2.640   -10.744 1.00 11.91 ? 108 VAL A CA  1 
ATOM   832  C C   . VAL A 1 109 ? -5.124  1.360   -10.265 1.00 10.78 ? 108 VAL A C   1 
ATOM   833  O O   . VAL A 1 109 ? -5.576  0.522   -11.102 1.00 10.98 ? 108 VAL A O   1 
ATOM   834  C CB  . VAL A 1 109 ? -2.912  2.549   -10.965 1.00 11.94 ? 108 VAL A CB  1 
ATOM   835  C CG1 . VAL A 1 109 ? -2.223  1.959   -9.784  1.00 13.87 ? 108 VAL A CG1 1 
ATOM   836  C CG2 . VAL A 1 109 ? -2.628  1.669   -12.185 1.00 11.84 ? 108 VAL A CG2 1 
ATOM   837  N N   . PHE A 1 110 ? -5.248  1.177   -8.936  1.00 9.67  ? 109 PHE A N   1 
ATOM   838  C CA  . PHE A 1 110 ? -6.007  0.045   -8.426  1.00 10.47 ? 109 PHE A CA  1 
ATOM   839  C C   . PHE A 1 110 ? -7.517  0.049   -8.868  1.00 11.49 ? 109 PHE A C   1 
ATOM   840  O O   . PHE A 1 110 ? -8.042  -1.017  -9.303  1.00 12.36 ? 109 PHE A O   1 
ATOM   841  C CB  . PHE A 1 110 ? -5.920  -0.053  -6.915  1.00 10.51 ? 109 PHE A CB  1 
ATOM   842  C CG  . PHE A 1 110 ? -4.736  -0.849  -6.417  1.00 10.31 ? 109 PHE A CG  1 
ATOM   843  C CD1 . PHE A 1 110 ? -4.621  -2.208  -6.683  1.00 10.68 ? 109 PHE A CD1 1 
ATOM   844  C CD2 . PHE A 1 110 ? -3.850  -0.253  -5.528  1.00 10.26 ? 109 PHE A CD2 1 
ATOM   845  C CE1 . PHE A 1 110 ? -3.587  -2.939  -6.140  1.00 10.52 ? 109 PHE A CE1 1 
ATOM   846  C CE2 . PHE A 1 110 ? -2.834  -1.010  -4.910  1.00 10.19 ? 109 PHE A CE2 1 
ATOM   847  C CZ  . PHE A 1 110 ? -2.692  -2.351  -5.247  1.00 11.02 ? 109 PHE A CZ  1 
ATOM   848  N N   . VAL A 1 111 ? -8.122  1.211   -8.838  1.00 11.94 ? 110 VAL A N   1 
ATOM   849  C CA  . VAL A 1 111 ? -9.536  1.363   -9.293  1.00 13.63 ? 110 VAL A CA  1 
ATOM   850  C C   . VAL A 1 111 ? -9.598  0.827   -10.754 1.00 13.51 ? 110 VAL A C   1 
ATOM   851  O O   . VAL A 1 111 ? -10.524 0.044   -11.101 1.00 13.87 ? 110 VAL A O   1 
ATOM   852  C CB  . VAL A 1 111 ? -10.019 2.786   -9.316  1.00 15.31 ? 110 VAL A CB  1 
ATOM   853  C CG1 . VAL A 1 111 ? -11.369 2.831   -10.046 1.00 17.95 ? 110 VAL A CG1 1 
ATOM   854  C CG2 . VAL A 1 111 ? -10.200 3.353   -7.931  1.00 16.08 ? 110 VAL A CG2 1 
ATOM   855  N N   . SER A 1 112 ? -8.612  1.235   -11.548 1.00 13.22 ? 111 SER A N   1 
ATOM   856  C CA  . SER A 1 112 ? -8.604  0.875   -13.001 1.00 13.83 ? 111 SER A CA  1 
ATOM   857  C C   . SER A 1 112 ? -8.527  -0.627  -13.267 1.00 15.48 ? 111 SER A C   1 
ATOM   858  O O   . SER A 1 112 ? -8.992  -1.053  -14.314 1.00 17.02 ? 111 SER A O   1 
ATOM   859  C CB  . SER A 1 112 ? -7.544  1.669   -13.765 1.00 13.93 ? 111 SER A CB  1 
ATOM   860  O OG  . SER A 1 112 ? -6.212  1.138   -13.695 1.00 13.80 ? 111 SER A OG  1 
ATOM   861  N N   . THR A 1 113 ? -7.962  -1.425  -12.356 1.00 13.60 ? 112 THR A N   1 
ATOM   862  C CA  . THR A 1 113 ? -7.832  -2.862  -12.476 1.00 14.33 ? 112 THR A CA  1 
ATOM   863  C C   . THR A 1 113 ? -9.116  -3.639  -12.154 1.00 15.33 ? 112 THR A C   1 
ATOM   864  O O   . THR A 1 113 ? -9.195  -4.841  -12.442 1.00 16.80 ? 112 THR A O   1 
ATOM   865  C CB  . THR A 1 113 ? -6.772  -3.442  -11.533 1.00 14.31 ? 112 THR A CB  1 
ATOM   866  O OG1 . THR A 1 113 ? -7.196  -3.379  -10.140 1.00 12.72 ? 112 THR A OG1 1 
ATOM   867  C CG2 . THR A 1 113 ? -5.397  -2.803  -11.736 1.00 14.55 ? 112 THR A CG2 1 
ATOM   868  N N   . GLY A 1 114 ? -10.118 -2.975  -11.608 1.00 12.92 ? 113 GLY A N   1 
ATOM   869  C CA  . GLY A 1 114 ? -11.271 -3.633  -11.120 1.00 13.99 ? 113 GLY A CA  1 
ATOM   870  C C   . GLY A 1 114 ? -11.297 -4.076  -9.702  1.00 13.73 ? 113 GLY A C   1 
ATOM   871  O O   . GLY A 1 114 ? -12.326 -4.527  -9.241  1.00 14.37 ? 113 GLY A O   1 
ATOM   872  N N   . ALA A 1 115 ? -10.166 -3.975  -8.965  1.00 13.38 ? 114 ALA A N   1 
ATOM   873  C CA  . ALA A 1 115 ? -10.165 -4.252  -7.521  1.00 12.62 ? 114 ALA A CA  1 
ATOM   874  C C   . ALA A 1 115 ? -11.014 -3.256  -6.753  1.00 12.51 ? 114 ALA A C   1 
ATOM   875  O O   . ALA A 1 115 ? -11.272 -2.115  -7.228  1.00 14.17 ? 114 ALA A O   1 
ATOM   876  C CB  . ALA A 1 115 ? -8.711  -4.232  -6.977  1.00 13.47 ? 114 ALA A CB  1 
ATOM   877  N N   . GLU A 1 116 ? -11.458 -3.673  -5.565  1.00 12.38 ? 115 GLU A N   1 
ATOM   878  C CA  . GLU A 1 116 ? -12.276 -2.798  -4.702  1.00 13.49 ? 115 GLU A CA  1 
ATOM   879  C C   . GLU A 1 116 ? -11.499 -2.247  -3.518  1.00 12.39 ? 115 GLU A C   1 
ATOM   880  O O   . GLU A 1 116 ? -10.904 -3.038  -2.764  1.00 12.07 ? 115 GLU A O   1 
ATOM   881  C CB  . GLU A 1 116 ? -13.518 -3.571  -4.211  1.00 13.38 ? 115 GLU A CB  1 
ATOM   882  C CG  . GLU A 1 116 ? -14.532 -3.943  -5.259  1.00 14.09 ? 115 GLU A CG  1 
ATOM   883  C CD  . GLU A 1 116 ? -15.695 -4.747  -4.653  1.00 15.87 ? 115 GLU A CD  1 
ATOM   884  O OE1 . GLU A 1 116 ? -16.852 -4.327  -4.920  1.00 14.87 ? 115 GLU A OE1 1 
ATOM   885  O OE2 . GLU A 1 116 ? -15.471 -5.826  -4.019  1.00 16.39 ? 115 GLU A OE2 1 
ATOM   886  N N   . LYS A 1 117 ? -11.618 -0.920  -3.266  1.00 11.70 ? 116 LYS A N   1 
ATOM   887  C CA  . LYS A 1 117 ? -10.973 -0.244  -2.123  1.00 12.02 ? 116 LYS A CA  1 
ATOM   888  C C   . LYS A 1 117 ? -11.641 -0.733  -0.809  1.00 12.44 ? 116 LYS A C   1 
ATOM   889  O O   . LYS A 1 117 ? -12.843 -0.524  -0.616  1.00 12.83 ? 116 LYS A O   1 
ATOM   890  C CB  . LYS A 1 117 ? -11.108 1.278   -2.230  1.00 14.19 ? 116 LYS A CB  1 
ATOM   891  C CG  . LYS A 1 117 ? -10.498 2.005   -1.032  1.00 16.78 ? 116 LYS A CG  1 
ATOM   892  C CD  . LYS A 1 117 ? -10.868 3.499   -1.055  1.00 22.16 ? 116 LYS A CD  1 
ATOM   893  C CE  . LYS A 1 117 ? -10.093 4.209   -2.107  1.00 24.65 ? 116 LYS A CE  1 
ATOM   894  N NZ  . LYS A 1 117 ? -9.979  5.686   -1.885  1.00 24.07 ? 116 LYS A NZ  1 
ATOM   895  N N   . GLY A 1 118 ? -10.893 -1.360  0.086   1.00 11.18 ? 117 GLY A N   1 
ATOM   896  C CA  . GLY A 1 118 ? -11.465 -1.857  1.332   1.00 11.30 ? 117 GLY A CA  1 
ATOM   897  C C   . GLY A 1 118 ? -11.499 -0.861  2.489   1.00 11.05 ? 117 GLY A C   1 
ATOM   898  O O   . GLY A 1 118 ? -12.130 -1.154  3.509   1.00 11.76 ? 117 GLY A O   1 
ATOM   899  N N   . SER A 1 119 ? -10.697 0.204   2.430   1.00 10.58 ? 118 SER A N   1 
ATOM   900  C CA  . SER A 1 119 ? -10.581 1.179   3.516   1.00 11.40 ? 118 SER A CA  1 
ATOM   901  C C   . SER A 1 119 ? -9.969  2.458   2.966   1.00 11.57 ? 118 SER A C   1 
ATOM   902  O O   . SER A 1 119 ? -9.211  2.414   1.979   1.00 12.91 ? 118 SER A O   1 
ATOM   903  C CB  . SER A 1 119 ? -9.709  0.573   4.662   1.00 11.69 ? 118 SER A CB  1 
ATOM   904  O OG  . SER A 1 119 ? -9.729  1.288   5.839   1.00 12.13 ? 118 SER A OG  1 
ATOM   905  N N   . GLU A 1 120 ? -10.307 3.588   3.596   1.00 12.66 ? 119 GLU A N   1 
ATOM   906  C CA  . GLU A 1 120 ? -9.792  4.910   3.203   1.00 14.14 ? 119 GLU A CA  1 
ATOM   907  C C   . GLU A 1 120 ? -8.229  4.887   3.215   1.00 12.68 ? 119 GLU A C   1 
ATOM   908  O O   . GLU A 1 120 ? -7.606  4.317   4.120   1.00 10.34 ? 119 GLU A O   1 
ATOM   909  C CB  . GLU A 1 120 ? -10.434 5.917   4.164   1.00 21.00 ? 119 GLU A CB  1 
ATOM   910  C CG  . GLU A 1 120 ? -10.165 7.363   3.985   1.00 27.83 ? 119 GLU A CG  1 
ATOM   911  C CD  . GLU A 1 120 ? -10.895 8.234   5.045   1.00 32.23 ? 119 GLU A CD  1 
ATOM   912  O OE1 . GLU A 1 120 ? -10.409 9.341   5.239   1.00 34.38 ? 119 GLU A OE1 1 
ATOM   913  O OE2 . GLU A 1 120 ? -11.917 7.835   5.693   1.00 38.06 ? 119 GLU A OE2 1 
ATOM   914  N N   . CYS A 1 121 ? -7.607  5.521   2.252   1.00 12.10 ? 120 CYS A N   1 
ATOM   915  C CA  A CYS A 1 121 ? -6.126  5.499   2.222   0.50 14.40 ? 120 CYS A CA  1 
ATOM   916  C CA  B CYS A 1 121 ? -6.113  5.549   2.219   0.50 11.78 ? 120 CYS A CA  1 
ATOM   917  C C   . CYS A 1 121 ? -5.603  6.257   3.452   1.00 13.07 ? 120 CYS A C   1 
ATOM   918  O O   . CYS A 1 121 ? -6.260  7.168   3.933   1.00 11.03 ? 120 CYS A O   1 
ATOM   919  C CB  A CYS A 1 121 ? -5.616  6.108   0.894   0.50 17.22 ? 120 CYS A CB  1 
ATOM   920  C CB  B CYS A 1 121 ? -5.589  6.294   0.961   0.50 11.47 ? 120 CYS A CB  1 
ATOM   921  S SG  A CYS A 1 121 ? -5.935  7.863   0.776   0.50 27.82 ? 120 CYS A SG  1 
ATOM   922  S SG  B CYS A 1 121 ? -6.002  5.499   -0.589  0.50 11.06 ? 120 CYS A SG  1 
ATOM   923  N N   . VAL A 1 122 ? -4.420  5.869   3.923   1.00 11.14 ? 121 VAL A N   1 
ATOM   924  C CA  . VAL A 1 122 ? -3.796  6.484   5.104   1.00 12.37 ? 121 VAL A CA  1 
ATOM   925  C C   . VAL A 1 122 ? -2.536  7.195   4.642   1.00 12.31 ? 121 VAL A C   1 
ATOM   926  O O   . VAL A 1 122 ? -1.602  6.519   4.221   1.00 12.52 ? 121 VAL A O   1 
ATOM   927  C CB  . VAL A 1 122 ? -3.478  5.421   6.192   1.00 12.27 ? 121 VAL A CB  1 
ATOM   928  C CG1 . VAL A 1 122 ? -2.908  6.122   7.448   1.00 13.28 ? 121 VAL A CG1 1 
ATOM   929  C CG2 . VAL A 1 122 ? -4.763  4.613   6.550   1.00 12.91 ? 121 VAL A CG2 1 
ATOM   930  N N   . LYS A 1 123 ? -2.470  8.498   4.878   1.00 12.59 ? 122 LYS A N   1 
ATOM   931  C CA  . LYS A 1 123 ? -1.318  9.353   4.518   1.00 12.96 ? 122 LYS A CA  1 
ATOM   932  C C   . LYS A 1 123 ? -0.699  9.877   5.832   1.00 12.44 ? 122 LYS A C   1 
ATOM   933  O O   . LYS A 1 123 ? -1.441  10.302  6.735   1.00 15.51 ? 122 LYS A O   1 
ATOM   934  C CB  . LYS A 1 123 ? -1.759  10.528  3.666   1.00 14.95 ? 122 LYS A CB  1 
ATOM   935  C CG  . LYS A 1 123 ? -2.314  10.103  2.322   1.00 15.21 ? 122 LYS A CG  1 
ATOM   936  C CD  . LYS A 1 123 ? -3.031  11.287  1.717   1.00 17.03 ? 122 LYS A CD  1 
ATOM   937  C CE  . LYS A 1 123 ? -3.374  10.986  0.261   1.00 18.43 ? 122 LYS A CE  1 
ATOM   938  N NZ  . LYS A 1 123 ? -4.362  11.963  -0.291  1.00 19.97 ? 122 LYS A NZ  1 
ATOM   939  N N   . VAL A 1 124 ? 0.613   9.667   5.975   1.00 11.56 ? 123 VAL A N   1 
ATOM   940  C CA  . VAL A 1 124 ? 1.362   9.952   7.206   1.00 12.77 ? 123 VAL A CA  1 
ATOM   941  C C   . VAL A 1 124 ? 2.404   11.027  6.857   1.00 12.94 ? 123 VAL A C   1 
ATOM   942  O O   . VAL A 1 124 ? 3.122   10.944  5.866   1.00 11.69 ? 123 VAL A O   1 
ATOM   943  C CB  . VAL A 1 124 ? 2.077   8.707   7.709   1.00 11.91 ? 123 VAL A CB  1 
ATOM   944  C CG1 . VAL A 1 124 ? 3.020   8.999   8.886   1.00 12.83 ? 123 VAL A CG1 1 
ATOM   945  C CG2 . VAL A 1 124 ? 1.055   7.571   8.017   1.00 12.46 ? 123 VAL A CG2 1 
ATOM   946  N N   . ASP A 1 125 ? 2.494   12.044  7.694   1.00 13.67 ? 124 ASP A N   1 
ATOM   947  C CA  . ASP A 1 125 ? 3.533   13.093  7.498   1.00 14.62 ? 124 ASP A CA  1 
ATOM   948  C C   . ASP A 1 125 ? 4.845   12.580  8.065   1.00 14.00 ? 124 ASP A C   1 
ATOM   949  O O   . ASP A 1 125 ? 4.948   12.369  9.284   1.00 14.42 ? 124 ASP A O   1 
ATOM   950  C CB  . ASP A 1 125 ? 3.089   14.371  8.233   1.00 16.21 ? 124 ASP A CB  1 
ATOM   951  C CG  . ASP A 1 125 ? 3.749   15.661  7.634   1.00 18.75 ? 124 ASP A CG  1 
ATOM   952  O OD1 . ASP A 1 125 ? 3.237   16.740  7.901   1.00 24.98 ? 124 ASP A OD1 1 
ATOM   953  O OD2 . ASP A 1 125 ? 4.702   15.593  6.865   1.00 19.52 ? 124 ASP A OD2 1 
ATOM   954  N N   . LEU A 1 126 ? 5.832   12.305  7.197   1.00 12.32 ? 125 LEU A N   1 
ATOM   955  C CA  . LEU A 1 126 ? 7.130   11.833  7.679   1.00 12.85 ? 125 LEU A CA  1 
ATOM   956  C C   . LEU A 1 126 ? 7.014   10.607  8.583   1.00 15.32 ? 125 LEU A C   1 
ATOM   957  O O   . LEU A 1 126 ? 6.390   9.559   8.139   1.00 14.15 ? 125 LEU A O   1 
ATOM   958  C CB  . LEU A 1 126 ? 7.939   13.010  8.295   1.00 13.17 ? 125 LEU A CB  1 
ATOM   959  C CG  . LEU A 1 126 ? 8.319   14.079  7.301   1.00 12.16 ? 125 LEU A CG  1 
ATOM   960  C CD1 . LEU A 1 126 ? 9.032   15.275  7.967   1.00 12.59 ? 125 LEU A CD1 1 
ATOM   961  C CD2 . LEU A 1 126 ? 9.112   13.541  6.168   1.00 13.44 ? 125 LEU A CD2 1 
ATOM   962  N N   . SER A 1 127 ? 7.585   10.608  9.797   1.00 15.76 ? 126 SER A N   1 
ATOM   963  C CA  . SER A 1 127 ? 7.579   9.323   10.549  1.00 17.92 ? 126 SER A CA  1 
ATOM   964  C C   . SER A 1 127 ? 6.242   9.176   11.255  1.00 17.69 ? 126 SER A C   1 
ATOM   965  O O   . SER A 1 127 ? 5.589   10.144  11.539  1.00 19.71 ? 126 SER A O   1 
ATOM   966  C CB  . SER A 1 127 ? 8.704   9.214   11.569  1.00 19.70 ? 126 SER A CB  1 
ATOM   967  O OG  . SER A 1 127 ? 8.572   10.291  12.484  1.00 24.07 ? 126 SER A OG  1 
ATOM   968  N N   . ALA A 1 128 ? 5.855   7.931   11.489  1.00 18.26 ? 127 ALA A N   1 
ATOM   969  C CA  . ALA A 1 128 ? 4.576   7.628   12.159  1.00 16.25 ? 127 ALA A CA  1 
ATOM   970  C C   . ALA A 1 128 ? 4.669   7.886   13.644  1.00 17.26 ? 127 ALA A C   1 
ATOM   971  O O   . ALA A 1 128 ? 5.620   7.419   14.285  1.00 19.96 ? 127 ALA A O   1 
ATOM   972  C CB  . ALA A 1 128 ? 4.207   6.181   11.931  1.00 17.53 ? 127 ALA A CB  1 
ATOM   973  N N   . GLU A 1 129 ? 3.687   8.602   14.172  1.00 16.47 ? 128 GLU A N   1 
ATOM   974  C CA  . GLU A 1 129 ? 3.491   8.790   15.611  1.00 17.49 ? 128 GLU A CA  1 
ATOM   975  C C   . GLU A 1 129 ? 2.361   7.861   15.997  1.00 17.87 ? 128 GLU A C   1 
ATOM   976  O O   . GLU A 1 129 ? 1.770   7.186   15.137  1.00 14.95 ? 128 GLU A O   1 
ATOM   977  C CB  . GLU A 1 129 ? 3.156   10.195  15.914  1.00 20.45 ? 128 GLU A CB  1 
ATOM   978  C CG  . GLU A 1 129 ? 4.325   11.144  15.605  1.00 24.84 ? 128 GLU A CG  1 
ATOM   979  C CD  . GLU A 1 129 ? 4.603   11.986  16.777  1.00 31.51 ? 128 GLU A CD  1 
ATOM   980  O OE1 . GLU A 1 129 ? 3.675   12.813  17.031  1.00 38.41 ? 128 GLU A OE1 1 
ATOM   981  O OE2 . GLU A 1 129 ? 5.622   11.745  17.503  1.00 29.57 ? 128 GLU A OE2 1 
ATOM   982  N N   . GLU A 1 130 ? 2.059   7.758   17.299  1.00 17.25 ? 129 GLU A N   1 
ATOM   983  C CA  . GLU A 1 130 ? 1.044   6.811   17.744  1.00 17.93 ? 129 GLU A CA  1 
ATOM   984  C C   . GLU A 1 130 ? -0.345  7.091   17.108  1.00 19.41 ? 129 GLU A C   1 
ATOM   985  O O   . GLU A 1 130 ? -1.040  6.130   16.808  1.00 19.31 ? 129 GLU A O   1 
ATOM   986  C CB  . GLU A 1 130 ? 1.025   6.770   19.279  1.00 18.80 ? 129 GLU A CB  1 
ATOM   987  C CG  . GLU A 1 130 ? 2.359   6.337   19.871  1.00 22.47 ? 129 GLU A CG  1 
ATOM   988  C CD  . GLU A 1 130 ? 2.465   4.871   20.147  1.00 31.81 ? 129 GLU A CD  1 
ATOM   989  O OE1 . GLU A 1 130 ? 2.167   4.444   21.285  1.00 51.07 ? 129 GLU A OE1 1 
ATOM   990  O OE2 . GLU A 1 130 ? 2.861   4.122   19.287  1.00 32.63 ? 129 GLU A OE2 1 
ATOM   991  N N   . GLU A 1 131 ? -0.728  8.343   16.866  1.00 18.42 ? 130 GLU A N   1 
ATOM   992  C CA  . GLU A 1 131 ? -1.965  8.682   16.156  1.00 20.89 ? 130 GLU A CA  1 
ATOM   993  C C   . GLU A 1 131 ? -2.046  8.113   14.700  1.00 18.43 ? 130 GLU A C   1 
ATOM   994  O O   . GLU A 1 131 ? -3.101  7.607   14.238  1.00 19.83 ? 130 GLU A O   1 
ATOM   995  C CB  . GLU A 1 131 ? -2.157  10.172  16.141  1.00 26.37 ? 130 GLU A CB  1 
ATOM   996  C CG  . GLU A 1 131 ? -3.409  10.692  15.451  1.00 34.93 ? 130 GLU A CG  1 
ATOM   997  C CD  . GLU A 1 131 ? -3.605  12.222  15.588  1.00 44.55 ? 130 GLU A CD  1 
ATOM   998  O OE1 . GLU A 1 131 ? -4.543  12.770  14.943  1.00 52.69 ? 130 GLU A OE1 1 
ATOM   999  O OE2 . GLU A 1 131 ? -2.830  12.908  16.329  1.00 43.52 ? 130 GLU A OE2 1 
ATOM   1000 N N   . ASP A 1 132 ? -0.900  8.118   14.042  1.00 15.43 ? 131 ASP A N   1 
ATOM   1001 C CA  . ASP A 1 132 ? -0.782  7.531   12.703  1.00 13.76 ? 131 ASP A CA  1 
ATOM   1002 C C   . ASP A 1 132 ? -0.833  6.021   12.842  1.00 13.50 ? 131 ASP A C   1 
ATOM   1003 O O   . ASP A 1 132 ? -1.478  5.366   12.023  1.00 11.62 ? 131 ASP A O   1 
ATOM   1004 C CB  . ASP A 1 132 ? 0.569   7.930   12.033  1.00 13.67 ? 131 ASP A CB  1 
ATOM   1005 C CG  . ASP A 1 132 ? 0.742   9.423   11.929  1.00 13.82 ? 131 ASP A CG  1 
ATOM   1006 O OD1 . ASP A 1 132 ? -0.044  10.002  11.224  1.00 13.68 ? 131 ASP A OD1 1 
ATOM   1007 O OD2 . ASP A 1 132 ? 1.629   9.999   12.614  1.00 13.93 ? 131 ASP A OD2 1 
ATOM   1008 N N   . ILE A 1 133 ? -0.136  5.441   13.839  1.00 13.73 ? 132 ILE A N   1 
ATOM   1009 C CA  . ILE A 1 133 ? -0.206  3.997   14.089  1.00 13.92 ? 132 ILE A CA  1 
ATOM   1010 C C   . ILE A 1 133 ? -1.672  3.506   14.272  1.00 14.40 ? 132 ILE A C   1 
ATOM   1011 O O   . ILE A 1 133 ? -2.134  2.482   13.714  1.00 14.62 ? 132 ILE A O   1 
ATOM   1012 C CB  . ILE A 1 133 ? 0.711   3.620   15.331  1.00 16.19 ? 132 ILE A CB  1 
ATOM   1013 C CG1 . ILE A 1 133 ? 2.192   3.744   14.906  1.00 16.09 ? 132 ILE A CG1 1 
ATOM   1014 C CG2 . ILE A 1 133 ? 0.419   2.195   15.800  1.00 16.59 ? 132 ILE A CG2 1 
ATOM   1015 C CD1 . ILE A 1 133 ? 3.117   3.954   16.094  1.00 17.40 ? 132 ILE A CD1 1 
ATOM   1016 N N   . GLU A 1 134 ? -2.414  4.236   15.061  1.00 14.38 ? 133 GLU A N   1 
ATOM   1017 C CA  . GLU A 1 134 ? -3.864  3.946   15.249  1.00 16.40 ? 133 GLU A CA  1 
ATOM   1018 C C   . GLU A 1 134 ? -4.633  3.949   13.905  1.00 14.87 ? 133 GLU A C   1 
ATOM   1019 O O   . GLU A 1 134 ? -5.419  3.061   13.648  1.00 13.49 ? 133 GLU A O   1 
ATOM   1020 C CB  . GLU A 1 134 ? -4.503  4.934   16.237  1.00 18.55 ? 133 GLU A CB  1 
ATOM   1021 C CG  . GLU A 1 134 ? -6.008  4.889   16.450  1.00 18.64 ? 133 GLU A CG  1 
ATOM   1022 C CD  . GLU A 1 134 ? -6.545  3.549   16.956  1.00 18.89 ? 133 GLU A CD  1 
ATOM   1023 O OE1 . GLU A 1 134 ? -7.742  3.275   16.761  1.00 19.86 ? 133 GLU A OE1 1 
ATOM   1024 O OE2 . GLU A 1 134 ? -5.817  2.754   17.528  1.00 20.51 ? 133 GLU A OE2 1 
ATOM   1025 N N   . ARG A 1 135 ? -4.403  4.944   13.066  1.00 13.85 ? 134 ARG A N   1 
ATOM   1026 C CA  . ARG A 1 135 ? -5.099  5.041   11.791  1.00 15.13 ? 134 ARG A CA  1 
ATOM   1027 C C   . ARG A 1 135 ? -4.733  3.825   10.912  1.00 12.78 ? 134 ARG A C   1 
ATOM   1028 O O   . ARG A 1 135 ? -5.575  3.221   10.216  1.00 12.69 ? 134 ARG A O   1 
ATOM   1029 C CB  . ARG A 1 135 ? -4.819  6.356   11.061  1.00 17.47 ? 134 ARG A CB  1 
ATOM   1030 C CG  . ARG A 1 135 ? -5.673  7.535   11.553  1.00 23.50 ? 134 ARG A CG  1 
ATOM   1031 C CD  . ARG A 1 135 ? -5.379  8.868   10.826  1.00 30.69 ? 134 ARG A CD  1 
ATOM   1032 N NE  . ARG A 1 135 ? -6.464  9.807   11.171  1.00 44.75 ? 134 ARG A NE  1 
ATOM   1033 C CZ  . ARG A 1 135 ? -6.542  10.546  12.298  1.00 55.95 ? 134 ARG A CZ  1 
ATOM   1034 N NH1 . ARG A 1 135 ? -5.541  10.552  13.197  1.00 55.48 ? 134 ARG A NH1 1 
ATOM   1035 N NH2 . ARG A 1 135 ? -7.631  11.301  12.536  1.00 51.02 ? 134 ARG A NH2 1 
ATOM   1036 N N   . LEU A 1 136 ? -3.443  3.506   10.879  1.00 11.31 ? 135 LEU A N   1 
ATOM   1037 C CA  . LEU A 1 136 ? -2.995  2.340   10.135  1.00 10.71 ? 135 LEU A CA  1 
ATOM   1038 C C   . LEU A 1 136 ? -3.596  1.060   10.650  1.00 10.88 ? 135 LEU A C   1 
ATOM   1039 O O   . LEU A 1 136 ? -3.894  0.079   9.891   1.00 10.43 ? 135 LEU A O   1 
ATOM   1040 C CB  . LEU A 1 136 ? -1.471  2.246   10.188  1.00 9.47  ? 135 LEU A CB  1 
ATOM   1041 C CG  . LEU A 1 136 ? -0.710  3.312   9.420   1.00 10.97 ? 135 LEU A CG  1 
ATOM   1042 C CD1 . LEU A 1 136 ? 0.746   3.452   9.867   1.00 11.58 ? 135 LEU A CD1 1 
ATOM   1043 C CD2 . LEU A 1 136 ? -0.819  3.157   7.899   1.00 11.23 ? 135 LEU A CD2 1 
ATOM   1044 N N   . GLU A 1 137 ? -3.664  0.952   11.968  1.00 11.12 ? 136 GLU A N   1 
ATOM   1045 C CA  . GLU A 1 137 ? -4.314  -0.238  12.581  1.00 11.78 ? 136 GLU A CA  1 
ATOM   1046 C C   . GLU A 1 137 ? -5.809  -0.340  12.240  1.00 10.46 ? 136 GLU A C   1 
ATOM   1047 O O   . GLU A 1 137 ? -6.285  -1.440  11.864  1.00 10.13 ? 136 GLU A O   1 
ATOM   1048 C CB  . GLU A 1 137 ? -4.049  -0.303  14.089  1.00 13.81 ? 136 GLU A CB  1 
ATOM   1049 C CG  . GLU A 1 137 ? -2.571  -0.688  14.415  1.00 17.25 ? 136 GLU A CG  1 
ATOM   1050 C CD  . GLU A 1 137 ? -2.303  -0.655  15.909  1.00 21.35 ? 136 GLU A CD  1 
ATOM   1051 O OE1 . GLU A 1 137 ? -3.179  -0.220  16.672  1.00 24.82 ? 136 GLU A OE1 1 
ATOM   1052 O OE2 . GLU A 1 137 ? -1.229  -1.146  16.285  1.00 24.60 ? 136 GLU A OE2 1 
ATOM   1053 N N   . GLN A 1 138 ? -6.530  0.776   12.214  1.00 10.45 ? 137 GLN A N   1 
ATOM   1054 C CA  . GLN A 1 138 ? -7.933  0.757   11.836  1.00 10.52 ? 137 GLN A CA  1 
ATOM   1055 C C   . GLN A 1 138 ? -8.121  0.362   10.372  1.00 10.63 ? 137 GLN A C   1 
ATOM   1056 O O   . GLN A 1 138 ? -9.036  -0.421  10.042  1.00 9.11  ? 137 GLN A O   1 
ATOM   1057 C CB  . GLN A 1 138 ? -8.619  2.058   12.126  1.00 13.15 ? 137 GLN A CB  1 
ATOM   1058 C CG  . GLN A 1 138 ? -8.683  2.403   13.618  1.00 14.64 ? 137 GLN A CG  1 
ATOM   1059 C CD  . GLN A 1 138 ? -9.041  3.852   13.789  1.00 19.27 ? 137 GLN A CD  1 
ATOM   1060 O OE1 . GLN A 1 138 ? -8.447  4.750   13.206  1.00 23.23 ? 137 GLN A OE1 1 
ATOM   1061 N NE2 . GLN A 1 138 ? -10.032 4.088   14.610  1.00 21.75 ? 137 GLN A NE2 1 
ATOM   1062 N N   . PHE A 1 139 ? -7.226  0.879   9.512   1.00 10.45 ? 138 PHE A N   1 
ATOM   1063 C CA  . PHE A 1 139 ? -7.157  0.437   8.075   1.00 10.35 ? 138 PHE A CA  1 
ATOM   1064 C C   . PHE A 1 139 ? -6.994  -1.074  7.953   1.00 9.86  ? 138 PHE A C   1 
ATOM   1065 O O   . PHE A 1 139 ? -7.744  -1.722  7.248   1.00 9.78  ? 138 PHE A O   1 
ATOM   1066 C CB  . PHE A 1 139 ? -5.986  1.237   7.462   1.00 10.44 ? 138 PHE A CB  1 
ATOM   1067 C CG  . PHE A 1 139 ? -5.524  0.810   6.114   1.00 10.51 ? 138 PHE A CG  1 
ATOM   1068 C CD1 . PHE A 1 139 ? -6.010  1.388   4.948   1.00 10.86 ? 138 PHE A CD1 1 
ATOM   1069 C CD2 . PHE A 1 139 ? -4.530  -0.145  6.004   1.00 10.26 ? 138 PHE A CD2 1 
ATOM   1070 C CE1 . PHE A 1 139 ? -5.480  1.021   3.714   1.00 10.42 ? 138 PHE A CE1 1 
ATOM   1071 C CE2 . PHE A 1 139 ? -4.041  -0.517  4.776   1.00 11.96 ? 138 PHE A CE2 1 
ATOM   1072 C CZ  . PHE A 1 139 ? -4.514  0.078   3.619   1.00 10.57 ? 138 PHE A CZ  1 
ATOM   1073 N N   . ALA A 1 140 ? -5.995  -1.673  8.628   1.00 9.60  ? 139 ALA A N   1 
ATOM   1074 C CA  . ALA A 1 140 ? -5.789  -3.114  8.578   1.00 9.57  ? 139 ALA A CA  1 
ATOM   1075 C C   . ALA A 1 140 ? -6.986  -3.876  9.107   1.00 9.35  ? 139 ALA A C   1 
ATOM   1076 O O   . ALA A 1 140 ? -7.428  -4.869  8.526   1.00 10.49 ? 139 ALA A O   1 
ATOM   1077 C CB  . ALA A 1 140 ? -4.518  -3.451  9.382   1.00 10.15 ? 139 ALA A CB  1 
ATOM   1078 N N   . GLU A 1 141 ? -7.571  -3.379  10.205  1.00 9.55  ? 140 GLU A N   1 
ATOM   1079 C CA  . GLU A 1 141 ? -8.725  -4.094  10.843  1.00 10.18 ? 140 GLU A CA  1 
ATOM   1080 C C   . GLU A 1 141 ? -9.972  -4.069  9.903   1.00 10.42 ? 140 GLU A C   1 
ATOM   1081 O O   . GLU A 1 141 ? -10.729 -5.063  9.819   1.00 11.17 ? 140 GLU A O   1 
ATOM   1082 C CB  . GLU A 1 141 ? -9.055  -3.448  12.196  1.00 11.30 ? 140 GLU A CB  1 
ATOM   1083 C CG  . GLU A 1 141 ? -7.993  -3.693  13.251  1.00 11.09 ? 140 GLU A CG  1 
ATOM   1084 C CD  . GLU A 1 141 ? -7.845  -2.650  14.322  1.00 11.46 ? 140 GLU A CD  1 
ATOM   1085 O OE1 . GLU A 1 141 ? -8.755  -1.833  14.515  1.00 11.35 ? 140 GLU A OE1 1 
ATOM   1086 O OE2 . GLU A 1 141 ? -6.838  -2.724  15.098  1.00 10.91 ? 140 GLU A OE2 1 
ATOM   1087 N N   . GLU A 1 142 ? -10.179 -2.962  9.162   1.00 10.14 ? 141 GLU A N   1 
ATOM   1088 C CA  . GLU A 1 142 ? -11.279 -2.874  8.203   1.00 10.76 ? 141 GLU A CA  1 
ATOM   1089 C C   . GLU A 1 142 ? -11.042 -3.828  7.019   1.00 10.59 ? 141 GLU A C   1 
ATOM   1090 O O   . GLU A 1 142 ? -11.946 -4.517  6.606   1.00 11.53 ? 141 GLU A O   1 
ATOM   1091 C CB  . GLU A 1 142 ? -11.525 -1.420  7.766   1.00 10.95 ? 141 GLU A CB  1 
ATOM   1092 C CG  . GLU A 1 142 ? -12.659 -1.314  6.753   1.00 12.58 ? 141 GLU A CG  1 
ATOM   1093 C CD  . GLU A 1 142 ? -13.099 0.074   6.429   1.00 13.60 ? 141 GLU A CD  1 
ATOM   1094 O OE1 . GLU A 1 142 ? -12.332 0.993   6.740   1.00 12.82 ? 141 GLU A OE1 1 
ATOM   1095 O OE2 . GLU A 1 142 ? -14.272 0.221   5.955   1.00 15.44 ? 141 GLU A OE2 1 
ATOM   1096 N N   . LEU A 1 143 ? -9.813  -3.895  6.489   1.00 10.37 ? 142 LEU A N   1 
ATOM   1097 C CA  . LEU A 1 143 ? -9.530  -4.896  5.453   1.00 10.39 ? 142 LEU A CA  1 
ATOM   1098 C C   . LEU A 1 143 ? -9.747  -6.336  5.881   1.00 10.71 ? 142 LEU A C   1 
ATOM   1099 O O   . LEU A 1 143 ? -10.307 -7.164  5.130   1.00 10.56 ? 142 LEU A O   1 
ATOM   1100 C CB  . LEU A 1 143 ? -8.070  -4.710  4.976   1.00 11.37 ? 142 LEU A CB  1 
ATOM   1101 C CG  . LEU A 1 143 ? -7.709  -3.389  4.273   1.00 12.56 ? 142 LEU A CG  1 
ATOM   1102 C CD1 . LEU A 1 143 ? -6.244  -3.461  3.836   1.00 13.66 ? 142 LEU A CD1 1 
ATOM   1103 C CD2 . LEU A 1 143 ? -8.623  -3.072  3.099   1.00 12.77 ? 142 LEU A CD2 1 
ATOM   1104 N N   . ALA A 1 144 ? -9.247  -6.652  7.076   1.00 10.11 ? 143 ALA A N   1 
ATOM   1105 C CA  . ALA A 1 144 ? -9.492  -7.956  7.692   1.00 11.74 ? 143 ALA A CA  1 
ATOM   1106 C C   . ALA A 1 144 ? -11.015 -8.226  7.794   1.00 11.90 ? 143 ALA A C   1 
ATOM   1107 O O   . ALA A 1 144 ? -11.480 -9.335  7.511   1.00 15.22 ? 143 ALA A O   1 
ATOM   1108 C CB  . ALA A 1 144 ? -8.807  -8.083  9.045   1.00 11.59 ? 143 ALA A CB  1 
ATOM   1109 N N   . ALA A 1 145 ? -11.791 -7.261  8.246   1.00 11.52 ? 144 ALA A N   1 
ATOM   1110 C CA  . ALA A 1 145 ? -13.233 -7.458  8.376   1.00 12.40 ? 144 ALA A CA  1 
ATOM   1111 C C   . ALA A 1 145 ? -13.910 -7.909  7.029   1.00 14.14 ? 144 ALA A C   1 
ATOM   1112 O O   . ALA A 1 145 ? -14.907 -8.636  7.033   1.00 14.77 ? 144 ALA A O   1 
ATOM   1113 C CB  . ALA A 1 145 ? -13.892 -6.196  8.903   1.00 11.80 ? 144 ALA A CB  1 
ATOM   1114 N N   . LYS A 1 146 ? -13.410 -7.386  5.924   1.00 15.32 ? 145 LYS A N   1 
ATOM   1115 C CA  . LYS A 1 146 ? -14.012 -7.532  4.589   1.00 18.41 ? 145 LYS A CA  1 
ATOM   1116 C C   . LYS A 1 146 ? -13.564 -8.797  3.884   1.00 21.10 ? 145 LYS A C   1 
ATOM   1117 O O   . LYS A 1 146 ? -14.242 -9.316  2.984   1.00 20.99 ? 145 LYS A O   1 
ATOM   1118 C CB  . LYS A 1 146 ? -13.787 -6.276  3.775   1.00 18.16 ? 145 LYS A CB  1 
ATOM   1119 C CG  . LYS A 1 146 ? -14.601 -5.122  4.320   1.00 17.58 ? 145 LYS A CG  1 
ATOM   1120 C CD  . LYS A 1 146 ? -14.400 -3.786  3.632   1.00 18.41 ? 145 LYS A CD  1 
ATOM   1121 C CE  . LYS A 1 146 ? -15.306 -2.755  4.273   1.00 21.85 ? 145 LYS A CE  1 
ATOM   1122 N NZ  . LYS A 1 146 ? -15.119 -1.361  3.813   1.00 22.61 ? 145 LYS A NZ  1 
ATOM   1123 N N   . VAL A 1 147 ? -12.387 -9.266  4.279   1.00 23.75 ? 146 VAL A N   1 
ATOM   1124 C CA  . VAL A 1 147 ? -11.887 -10.590 4.037   1.00 29.39 ? 146 VAL A CA  1 
ATOM   1125 C C   . VAL A 1 147 ? -11.120 -10.691 2.717   1.00 37.60 ? 146 VAL A C   1 
ATOM   1126 O O   . VAL A 1 147 ? -9.910  -10.970 2.738   1.00 37.27 ? 146 VAL A O   1 
ATOM   1127 C CB  . VAL A 1 147 ? -12.947 -11.665 4.332   1.00 29.55 ? 146 VAL A CB  1 
ATOM   1128 C CG1 . VAL A 1 147 ? -12.636 -12.982 3.661   1.00 30.25 ? 146 VAL A CG1 1 
ATOM   1129 C CG2 . VAL A 1 147 ? -13.099 -11.776 5.840   1.00 30.15 ? 146 VAL A CG2 1 
HETATM 1130 P P   . PO4 B 2 .   ? 10.250  7.331   3.098   1.00 12.35 ? 201 PO4 A P   1 
HETATM 1131 O O1  . PO4 B 2 .   ? 9.923   5.889   3.090   1.00 13.12 ? 201 PO4 A O1  1 
HETATM 1132 O O2  . PO4 B 2 .   ? 11.014  7.719   4.347   1.00 12.42 ? 201 PO4 A O2  1 
HETATM 1133 O O3  . PO4 B 2 .   ? 9.010   8.140   3.011   1.00 13.94 ? 201 PO4 A O3  1 
HETATM 1134 O O4  . PO4 B 2 .   ? 11.084  7.647   1.955   1.00 12.17 ? 201 PO4 A O4  1 
HETATM 1135 O O   . HOH C 3 .   ? 9.482   -1.278  -10.552 1.00 31.04 ? 301 HOH A O   1 
HETATM 1136 O O   . HOH C 3 .   ? -6.117  -20.511 8.890   1.00 32.44 ? 302 HOH A O   1 
HETATM 1137 O O   . HOH C 3 .   ? 16.208  -2.628  -2.993  1.00 40.79 ? 303 HOH A O   1 
HETATM 1138 O O   . HOH C 3 .   ? -12.316 -0.759  -9.479  1.00 25.22 ? 304 HOH A O   1 
HETATM 1139 O O   . HOH C 3 .   ? 8.681   10.278  4.366   1.00 14.78 ? 305 HOH A O   1 
HETATM 1140 O O   . HOH C 3 .   ? -16.029 -10.794 6.190   1.00 25.85 ? 306 HOH A O   1 
HETATM 1141 O O   . HOH C 3 .   ? 7.729   -12.536 -6.824  1.00 23.40 ? 307 HOH A O   1 
HETATM 1142 O O   . HOH C 3 .   ? -5.096  0.696   -16.009 1.00 14.11 ? 308 HOH A O   1 
HETATM 1143 O O   . HOH C 3 .   ? -6.514  -0.799  16.856  1.00 15.57 ? 309 HOH A O   1 
HETATM 1144 O O   . HOH C 3 .   ? -3.008  6.338   -11.439 1.00 20.99 ? 310 HOH A O   1 
HETATM 1145 O O   . HOH C 3 .   ? 2.651   19.289  7.379   1.00 31.61 ? 311 HOH A O   1 
HETATM 1146 O O   . HOH C 3 .   ? -2.596  14.317  -0.478  1.00 25.66 ? 312 HOH A O   1 
HETATM 1147 O O   . HOH C 3 .   ? 3.271   -13.532 -10.603 1.00 23.96 ? 313 HOH A O   1 
HETATM 1148 O O   . HOH C 3 .   ? -6.702  13.818  12.716  1.00 24.18 ? 314 HOH A O   1 
HETATM 1149 O O   . HOH C 3 .   ? 8.705   -12.105 1.120   1.00 28.64 ? 315 HOH A O   1 
HETATM 1150 O O   . HOH C 3 .   ? 14.620  -5.859  -9.386  1.00 20.29 ? 316 HOH A O   1 
HETATM 1151 O O   . HOH C 3 .   ? 5.391   17.479  -1.195  1.00 13.83 ? 317 HOH A O   1 
HETATM 1152 O O   . HOH C 3 .   ? 10.395  -1.004  9.752   1.00 33.67 ? 318 HOH A O   1 
HETATM 1153 O O   . HOH C 3 .   ? -10.305 -10.811 -2.043  1.00 20.92 ? 319 HOH A O   1 
HETATM 1154 O O   . HOH C 3 .   ? 1.073   -7.073  18.692  1.00 20.13 ? 320 HOH A O   1 
HETATM 1155 O O   . HOH C 3 .   ? 6.663   -13.821 -9.285  1.00 26.42 ? 321 HOH A O   1 
HETATM 1156 O O   . HOH C 3 .   ? 10.897  10.058  0.714   1.00 23.35 ? 322 HOH A O   1 
HETATM 1157 O O   . HOH C 3 .   ? 0.710   -3.084  14.119  1.00 15.73 ? 323 HOH A O   1 
HETATM 1158 O O   . HOH C 3 .   ? -11.221 -0.850  13.909  1.00 16.73 ? 324 HOH A O   1 
HETATM 1159 O O   . HOH C 3 .   ? -2.751  -6.817  17.738  1.00 15.72 ? 325 HOH A O   1 
HETATM 1160 O O   . HOH C 3 .   ? 4.453   -8.543  -1.174  1.00 15.39 ? 326 HOH A O   1 
HETATM 1161 O O   . HOH C 3 .   ? -13.438 -6.431  -7.610  1.00 21.92 ? 327 HOH A O   1 
HETATM 1162 O O   . HOH C 3 .   ? 6.419   -12.217 -1.941  1.00 19.32 ? 328 HOH A O   1 
HETATM 1163 O O   . HOH C 3 .   ? -8.574  3.674   6.606   1.00 12.73 ? 329 HOH A O   1 
HETATM 1164 O O   . HOH C 3 .   ? 5.989   -5.560  -11.501 1.00 17.80 ? 330 HOH A O   1 
HETATM 1165 O O   . HOH C 3 .   ? 1.122   -6.647  -16.255 1.00 19.44 ? 331 HOH A O   1 
HETATM 1166 O O   . HOH C 3 .   ? 12.150  1.583   -2.295  1.00 18.74 ? 332 HOH A O   1 
HETATM 1167 O O   . HOH C 3 .   ? 10.533  -11.292 -3.066  1.00 22.27 ? 333 HOH A O   1 
HETATM 1168 O O   . HOH C 3 .   ? 3.552   9.151   -0.445  1.00 11.74 ? 334 HOH A O   1 
HETATM 1169 O O   . HOH C 3 .   ? -1.298  12.984  7.441   1.00 23.16 ? 335 HOH A O   1 
HETATM 1170 O O   . HOH C 3 .   ? -7.810  4.497   9.168   1.00 15.77 ? 336 HOH A O   1 
HETATM 1171 O O   . HOH C 3 .   ? 1.045   12.284  10.055  1.00 22.52 ? 337 HOH A O   1 
HETATM 1172 O O   . HOH C 3 .   ? 9.756   -4.966  5.852   1.00 26.36 ? 338 HOH A O   1 
HETATM 1173 O O   . HOH C 3 .   ? -4.709  9.705   6.026   1.00 21.73 ? 339 HOH A O   1 
HETATM 1174 O O   . HOH C 3 .   ? -5.936  -3.334  -16.647 1.00 21.09 ? 340 HOH A O   1 
HETATM 1175 O O   . HOH C 3 .   ? -13.207 -7.318  -4.699  1.00 23.69 ? 341 HOH A O   1 
HETATM 1176 O O   . HOH C 3 .   ? -5.584  8.254   15.367  1.00 26.64 ? 342 HOH A O   1 
HETATM 1177 O O   . HOH C 3 .   ? 9.965   8.783   -11.100 1.00 22.37 ? 343 HOH A O   1 
HETATM 1178 O O   . HOH C 3 .   ? 7.131   5.774   9.932   1.00 20.00 ? 344 HOH A O   1 
HETATM 1179 O O   . HOH C 3 .   ? 0.020   -14.421 -10.632 1.00 31.67 ? 345 HOH A O   1 
HETATM 1180 O O   . HOH C 3 .   ? -0.224  -5.266  15.636  1.00 21.23 ? 346 HOH A O   1 
HETATM 1181 O O   . HOH C 3 .   ? 2.887   -7.769  -6.056  1.00 12.81 ? 347 HOH A O   1 
HETATM 1182 O O   . HOH C 3 .   ? 6.887   11.258  0.126   1.00 22.30 ? 348 HOH A O   1 
HETATM 1183 O O   . HOH C 3 .   ? -11.607 -0.352  11.255  1.00 15.73 ? 349 HOH A O   1 
HETATM 1184 O O   . HOH C 3 .   ? 7.048   -7.031  8.423   1.00 30.86 ? 350 HOH A O   1 
HETATM 1185 O O   . HOH C 3 .   ? 4.682   -11.379 -3.906  1.00 20.45 ? 351 HOH A O   1 
HETATM 1186 O O   . HOH C 3 .   ? -6.839  2.639   0.422   1.00 11.35 ? 352 HOH A O   1 
HETATM 1187 O O   . HOH C 3 .   ? 10.817  1.223   -12.306 1.00 25.50 ? 353 HOH A O   1 
HETATM 1188 O O   . HOH C 3 .   ? -8.036  7.335   14.356  1.00 37.81 ? 354 HOH A O   1 
HETATM 1189 O O   . HOH C 3 .   ? 3.426   12.128  11.968  1.00 24.15 ? 355 HOH A O   1 
HETATM 1190 O O   . HOH C 3 .   ? -2.215  9.298   9.500   1.00 28.63 ? 356 HOH A O   1 
HETATM 1191 O O   . HOH C 3 .   ? -6.699  9.821   2.936   1.00 35.94 ? 357 HOH A O   1 
HETATM 1192 O O   . HOH C 3 .   ? -12.450 3.599   5.527   1.00 17.77 ? 358 HOH A O   1 
HETATM 1193 O O   . HOH C 3 .   ? 7.430   -1.831  -16.777 1.00 42.93 ? 359 HOH A O   1 
HETATM 1194 O O   . HOH C 3 .   ? 12.563  7.647   -6.441  1.00 21.68 ? 360 HOH A O   1 
HETATM 1195 O O   . HOH C 3 .   ? -4.630  -9.828  -15.381 1.00 22.05 ? 361 HOH A O   1 
HETATM 1196 O O   . HOH C 3 .   ? -12.375 2.105   9.469   1.00 25.75 ? 362 HOH A O   1 
HETATM 1197 O O   . HOH C 3 .   ? -1.289  3.774   18.573  1.00 29.77 ? 363 HOH A O   1 
HETATM 1198 O O   . HOH C 3 .   ? 12.038  -6.593  0.485   1.00 23.44 ? 364 HOH A O   1 
HETATM 1199 O O   . HOH C 3 .   ? -5.029  -5.528  -19.949 1.00 28.98 ? 365 HOH A O   1 
HETATM 1200 O O   . HOH C 3 .   ? 8.700   12.093  2.310   1.00 30.10 ? 366 HOH A O   1 
HETATM 1201 O O   . HOH C 3 .   ? 12.139  1.285   8.351   1.00 29.65 ? 367 HOH A O   1 
HETATM 1202 O O   . HOH C 3 .   ? 6.507   12.973  11.777  1.00 26.00 ? 368 HOH A O   1 
HETATM 1203 O O   . HOH C 3 .   ? 3.887   -8.188  -13.118 1.00 19.44 ? 369 HOH A O   1 
HETATM 1204 O O   . HOH C 3 .   ? 5.018   13.656  -0.271  1.00 13.10 ? 370 HOH A O   1 
HETATM 1205 O O   . HOH C 3 .   ? -2.271  -18.216 -3.653  1.00 35.68 ? 371 HOH A O   1 
HETATM 1206 O O   . HOH C 3 .   ? -12.179 1.085   -5.522  1.00 22.97 ? 372 HOH A O   1 
HETATM 1207 O O   . HOH C 3 .   ? 8.462   -4.639  -9.949  1.00 24.98 ? 373 HOH A O   1 
HETATM 1208 O O   . HOH C 3 .   ? 6.599   15.166  -2.308  1.00 23.64 ? 374 HOH A O   1 
HETATM 1209 O O   . HOH C 3 .   ? 11.659  3.841   10.630  1.00 33.73 ? 375 HOH A O   1 
HETATM 1210 O O   . HOH C 3 .   ? -12.048 1.658   14.816  1.00 28.90 ? 376 HOH A O   1 
HETATM 1211 O O   . HOH C 3 .   ? 8.026   -9.353  7.129   1.00 37.04 ? 377 HOH A O   1 
HETATM 1212 O O   . HOH C 3 .   ? 2.848   -14.220 7.837   1.00 28.00 ? 378 HOH A O   1 
HETATM 1213 O O   . HOH C 3 .   ? -18.141 -0.290  3.665   1.00 35.48 ? 379 HOH A O   1 
HETATM 1214 O O   . HOH C 3 .   ? 11.535  11.694  8.795   1.00 38.34 ? 380 HOH A O   1 
HETATM 1215 O O   . HOH C 3 .   ? -0.651  -8.238  -17.782 1.00 32.94 ? 381 HOH A O   1 
HETATM 1216 O O   . HOH C 3 .   ? -13.297 2.776   2.055   1.00 31.96 ? 382 HOH A O   1 
HETATM 1217 O O   . HOH C 3 .   ? -12.673 2.762   12.436  1.00 42.52 ? 383 HOH A O   1 
HETATM 1218 O O   . HOH C 3 .   ? -1.298  14.776  19.328  1.00 41.18 ? 384 HOH A O   1 
HETATM 1219 O O   . HOH C 3 .   ? 10.731  13.251  11.059  1.00 31.29 ? 385 HOH A O   1 
HETATM 1220 O O   . HOH C 3 .   ? -1.782  -21.932 3.777   1.00 43.70 ? 386 HOH A O   1 
HETATM 1221 O O   . HOH C 3 .   ? 8.462   -12.854 -3.706  1.00 21.87 ? 387 HOH A O   1 
HETATM 1222 O O   . HOH C 3 .   ? -8.791  7.249   17.050  1.00 44.20 ? 388 HOH A O   1 
HETATM 1223 O O   . HOH C 3 .   ? 3.598   -9.129  -3.761  1.00 15.08 ? 389 HOH A O   1 
# 
